data_7MGE
#
_entry.id   7MGE
#
_cell.length_a   1.00
_cell.length_b   1.00
_cell.length_c   1.00
_cell.angle_alpha   90.00
_cell.angle_beta   90.00
_cell.angle_gamma   90.00
#
_symmetry.space_group_name_H-M   'P 1'
#
loop_
_entity.id
_entity.type
_entity.pdbx_description
1 polymer 'WD repeat-containing protein 41'
2 polymer 'Guanine nucleotide exchange protein SMCR8'
3 polymer 'Guanine nucleotide exchange C9orf72'
4 polymer 'ADP-ribosylation factor 1'
5 non-polymer "GUANOSINE-5'-DIPHOSPHATE"
6 non-polymer 'BERYLLIUM TRIFLUORIDE ION'
7 non-polymer 'MAGNESIUM ION'
#
loop_
_entity_poly.entity_id
_entity_poly.type
_entity_poly.pdbx_seq_one_letter_code
_entity_poly.pdbx_strand_id
1 'polypeptide(L)'
;MLRWLIGGGREPQGLAEKSPLQTIGEEQTQNPYTELLVLKAHHDIVRFLVQLDDYRFASAGDDGIVVVWNAQTGEKLLEL
NGHTQKITAIITFPSLESCEEKNQLILTASADRTVIVWDGDTTRQVQRISCFQSTVKCLTVLQRLDVWLSGGNDLCVWNR
KLDLLCKTSHLSDTGISALVEIPKNCVVAAVGKELIIFRLVAPTEGSLEWDILEVKRLLDHQDNILSLINVNDLSFVTGS
HVGELIIWDALDWTMQAYERNFWDPSPQLDTQQEIKLCQKSNDISIHHFTCDEENVFAAVGRGLYVYSLQMKRVIACQKT
AHDSNVLHVARLPNRQLISCSEDGSVRIWELREKQQLAAEPVPTGFFNMWGFGRVSKQASQPVKKQQENATSCSLELIGD
LIGHSSSVEMFLYFEDHGLVTCSADHLIILWKNGERESGLRSLRLFQKLEENGDLYLAV
;
A
2 'polypeptide(L)'
;MISAPDVVAFTKEEEYEEEPYNEPALPEEYSVPLFPFASQGANPWSKLSGAKFSRDFILISEFSEQVGPQPLLTIPNDTK
VFGTFDLNYFSLRIMSVDYQASFVGHPPGSAYPKLNFVEDSKVVLGDSKEGAFAYVHHLTLYDLEARGFVRPFCMAYISA
DQHKIMQQFQELSAEFSRASECLKTGNRKAFAGELEKKLKDLDYTRTVLHTETEIQKKANDKGFYSSQAIEKANELASVE
KSIIEHQDLLKQIRSYPHRKLKGHDLCPGEMEHIQDQASQASTTSNPDESADTDLYTCRPAYTPKLIKAKSTKCFDKKLK
TLEELCDTEYFTQTLAQLSHIEHMFRGDLCYLLTSQIDRALLKQQHITNFLFEDFVEVDDRMVEKQESIPSKPSQDRPPS
SSLEECPIPKVLISVGSYKSSVESVLIKMEQELGDEEYKEVEVTELSSFDPQENLDYLDMDMKGSISSGESIEVLGTEKS
TSVLSKSDSQASLTVPLSPQVVRSKAVSHRTISEDSIEVLSTCPSEALIPDDFKASYPSAINEEESYPDGNEGAIRFQAS
ISPPELGETEEGSIENTPSQIDSSCCIGKESDGQLVLPSTPAHTHSDEDGVVSSPPQRHRQKDQGFRVDFSVENANPSSR
DNSCEGFPAYELDPSHLLASRDISKTSLDNYSDTTSYVSSVASTSSDRIPSAYPAGLSSDRHKKRAGQNALKFIRQYPFA
HPAIYSLLSGRTLVVLGEDEAIVRKLVTALAIFVPSYGCYAKPVKHWASSPLHIMDFQKWKLIGLQRVASPAGAGTLHAL
SRYSRYTSILDLDNKTLRCPLYRGTLVPRLADHRTQIKRGSTYYLHVQSMLTQLCSKAFLYTFCHHLHLPTHDKETEELV
ASRQMSFLKLTLGLVNEDVRVVQYLAELLKLHYMQESPGTSHPMLRFDYVPSFLYKI
;
B
3 'polypeptide(L)'
;MSTLCPPPSPAVAKTEIALSGKSPLLAATFAYWDNILGPRVRHIWAPKTEQVLLSDGEITFLANHTLNGEILRNAESGAI
DVKFFVLSEKGVIIVSLIFDGNWNGDRSTYGLSIILPQTELSFYLPLHRVCVDRLTHIIRKGRIWMHKERQENVQKIILE
GTERMEDQGQSIIPMLTGEVIPVMELLSSMKSHSVPEEIDIADTVLNDDDIGDSCHEGFLLNAISSHLQTCGCSVVVGSS
AEKVNKIVRTLCLFLTPAERKCSRLCEAESSFKYESGLFVQGLLKDSTGSFVLPFRQVMYAPYPTTHIDVDVNTVKQMPP
CHEHIYNQRRYMRSELTAFWRATSEEDMAQDTIIYTDESFTPDLNIFQDVLHRDTLVKAFLDQVFQLKPGLSLRSTFLAQ
FLLVLHRKALTLIKYIEDDTQKGKKPFKSLRNLKIDLDLTAEGDLNIIMALAEKIKPGLHSFIFGRPFYTSVQERDVLMT
F
;
C
4 'polypeptide(L)'
;ATEMRILMVGLDAAGKTTILYKLKLGEIVTTIPTIGFNVETVEYKNISFTVWDVGGQDKIRPLWRHYFQNTQGLIFVVDS
NDRERVNEAREELMRMLAEDELRDAVLLVFANKQDLPNAMNAAEITDKLGLHSLRHRNWYIQATCATSGDGLYEGLDWLS
NQLRNQ
;
E
#
loop_
_chem_comp.id
_chem_comp.type
_chem_comp.name
_chem_comp.formula
BEF non-polymer 'BERYLLIUM TRIFLUORIDE ION' 'Be F3 -1'
GDP RNA linking GUANOSINE-5'-DIPHOSPHATE 'C10 H15 N5 O11 P2'
MG non-polymer 'MAGNESIUM ION' 'Mg 2'
#
# COMPACT_ATOMS: atom_id res chain seq x y z
N THR A 29 14.03 -0.58 -41.39
CA THR A 29 14.58 -0.13 -42.67
C THR A 29 15.93 0.52 -42.43
N GLN A 30 16.81 -0.20 -41.73
CA GLN A 30 18.12 0.31 -41.34
C GLN A 30 17.99 1.66 -40.66
N ASN A 31 18.92 2.57 -40.95
CA ASN A 31 18.89 3.98 -40.55
C ASN A 31 19.11 4.16 -39.05
N PRO A 32 19.82 5.21 -38.68
CA PRO A 32 20.07 5.49 -37.27
C PRO A 32 18.95 6.27 -36.61
N TYR A 33 19.23 6.79 -35.41
CA TYR A 33 18.43 7.83 -34.79
C TYR A 33 17.03 7.35 -34.37
N THR A 34 16.99 6.43 -33.40
CA THR A 34 15.76 5.85 -32.91
C THR A 34 15.09 6.65 -31.78
N GLU A 35 15.79 7.61 -31.16
CA GLU A 35 15.23 8.41 -30.08
C GLU A 35 15.07 9.86 -30.52
N LEU A 36 14.08 10.55 -29.94
CA LEU A 36 13.72 11.90 -30.36
C LEU A 36 13.37 12.75 -29.14
N LEU A 37 14.35 13.51 -28.65
CA LEU A 37 14.10 14.47 -27.59
C LEU A 37 13.58 15.78 -28.17
N VAL A 38 12.69 16.44 -27.45
CA VAL A 38 12.03 17.66 -27.90
C VAL A 38 12.24 18.75 -26.87
N LEU A 39 12.61 19.94 -27.33
CA LEU A 39 12.80 21.10 -26.48
C LEU A 39 11.86 22.22 -26.96
N LYS A 40 11.34 23.00 -26.01
CA LYS A 40 10.42 24.08 -26.32
C LYS A 40 10.68 25.23 -25.34
N ALA A 41 11.42 26.23 -25.80
CA ALA A 41 11.66 27.41 -24.99
C ALA A 41 11.68 28.72 -25.78
N HIS A 42 11.36 28.70 -27.07
CA HIS A 42 11.49 29.88 -27.91
C HIS A 42 10.12 30.36 -28.39
N HIS A 43 10.01 31.67 -28.59
CA HIS A 43 8.78 32.30 -29.05
C HIS A 43 8.76 32.56 -30.55
N ASP A 44 9.92 32.54 -31.20
CA ASP A 44 10.02 32.80 -32.63
C ASP A 44 10.98 31.80 -33.25
N ILE A 45 10.87 31.64 -34.56
CA ILE A 45 11.73 30.71 -35.30
C ILE A 45 13.14 31.28 -35.33
N VAL A 46 14.09 30.54 -34.77
CA VAL A 46 15.48 30.96 -34.71
C VAL A 46 16.27 30.15 -35.74
N ARG A 47 16.89 30.83 -36.68
CA ARG A 47 17.52 30.20 -37.84
C ARG A 47 19.00 29.93 -37.64
N PHE A 48 19.57 30.27 -36.50
CA PHE A 48 21.02 30.19 -36.29
C PHE A 48 21.33 29.18 -35.19
N LEU A 49 22.26 28.27 -35.47
CA LEU A 49 22.76 27.32 -34.49
C LEU A 49 24.28 27.26 -34.63
N VAL A 50 24.99 27.66 -33.58
CA VAL A 50 26.43 27.84 -33.64
C VAL A 50 27.07 27.04 -32.52
N GLN A 51 28.16 26.34 -32.85
CA GLN A 51 28.92 25.60 -31.85
C GLN A 51 29.58 26.56 -30.86
N LEU A 52 29.61 26.16 -29.58
CA LEU A 52 30.24 26.96 -28.54
C LEU A 52 31.45 26.27 -27.94
N ASP A 53 31.31 25.06 -27.43
CA ASP A 53 32.43 24.32 -26.84
C ASP A 53 32.09 22.82 -26.89
N ASP A 54 32.81 22.02 -26.10
CA ASP A 54 32.69 20.58 -26.21
C ASP A 54 31.27 20.10 -25.89
N TYR A 55 30.65 20.66 -24.85
CA TYR A 55 29.36 20.16 -24.38
C TYR A 55 28.22 21.14 -24.60
N ARG A 56 28.50 22.39 -24.98
CA ARG A 56 27.47 23.40 -25.14
C ARG A 56 27.64 24.09 -26.48
N PHE A 57 26.52 24.55 -27.04
CA PHE A 57 26.53 25.17 -28.36
C PHE A 57 25.89 26.56 -28.35
N ASP A 62 13.42 34.59 -34.28
CA ASP A 62 13.71 35.95 -34.68
C ASP A 62 13.22 36.94 -33.63
N ASP A 63 13.05 36.48 -32.40
CA ASP A 63 12.55 37.31 -31.31
C ASP A 63 13.66 37.92 -30.47
N GLY A 64 14.92 37.72 -30.83
CA GLY A 64 16.02 38.25 -30.04
C GLY A 64 16.19 37.63 -28.67
N ILE A 65 15.99 36.32 -28.57
CA ILE A 65 16.23 35.56 -27.34
C ILE A 65 17.29 34.51 -27.63
N VAL A 66 18.37 34.52 -26.86
CA VAL A 66 19.50 33.63 -27.07
C VAL A 66 19.50 32.60 -25.95
N VAL A 67 19.40 31.32 -26.31
CA VAL A 67 19.36 30.24 -25.35
C VAL A 67 20.33 29.15 -25.78
N VAL A 68 21.06 28.59 -24.81
CA VAL A 68 21.99 27.50 -25.06
C VAL A 68 21.54 26.31 -24.22
N TRP A 69 21.94 25.12 -24.66
CA TRP A 69 21.46 23.89 -24.08
C TRP A 69 22.61 22.92 -23.87
N ASN A 70 22.32 21.83 -23.17
CA ASN A 70 23.26 20.73 -22.97
C ASN A 70 22.91 19.59 -23.92
N ALA A 71 23.90 19.15 -24.71
CA ALA A 71 23.65 18.18 -25.75
C ALA A 71 23.16 16.85 -25.18
N GLN A 72 23.75 16.41 -24.07
CA GLN A 72 23.41 15.11 -23.51
C GLN A 72 22.08 15.18 -22.75
N THR A 73 22.03 16.00 -21.70
CA THR A 73 20.83 16.05 -20.87
C THR A 73 19.66 16.70 -21.61
N GLY A 74 19.91 17.86 -22.22
CA GLY A 74 18.84 18.66 -22.77
C GLY A 74 18.38 19.80 -21.89
N GLU A 75 19.13 20.13 -20.85
CA GLU A 75 18.75 21.19 -19.92
C GLU A 75 19.13 22.55 -20.51
N LYS A 76 18.20 23.50 -20.43
CA LYS A 76 18.43 24.83 -20.97
C LYS A 76 19.32 25.64 -20.03
N LEU A 77 20.61 25.32 -20.01
CA LEU A 77 21.54 25.99 -19.11
C LEU A 77 21.68 27.46 -19.48
N LEU A 78 21.42 28.34 -18.51
CA LEU A 78 21.59 29.78 -18.65
C LEU A 78 20.62 30.33 -19.71
N GLU A 79 20.62 31.64 -19.90
CA GLU A 79 19.77 32.28 -20.90
C GLU A 79 20.29 33.68 -21.17
N LEU A 80 20.19 34.11 -22.43
CA LEU A 80 20.64 35.42 -22.85
C LEU A 80 19.49 36.12 -23.56
N ASN A 81 19.15 37.33 -23.10
CA ASN A 81 18.05 38.07 -23.71
C ASN A 81 18.34 39.56 -23.51
N GLY A 82 18.84 40.21 -24.56
CA GLY A 82 19.09 41.64 -24.52
C GLY A 82 18.69 42.34 -25.79
N HIS A 83 18.28 41.57 -26.79
CA HIS A 83 17.94 42.12 -28.10
C HIS A 83 16.49 42.58 -28.13
N THR A 84 16.19 43.42 -29.13
CA THR A 84 14.85 43.94 -29.33
C THR A 84 14.24 43.44 -30.64
N GLN A 85 14.92 43.66 -31.76
CA GLN A 85 14.44 43.21 -33.06
C GLN A 85 15.01 41.82 -33.36
N LYS A 86 14.85 41.35 -34.59
CA LYS A 86 15.38 40.05 -34.96
C LYS A 86 16.89 40.08 -35.05
N ILE A 87 17.53 38.98 -34.64
CA ILE A 87 18.98 38.87 -34.67
C ILE A 87 19.44 38.52 -36.07
N THR A 88 20.66 38.94 -36.41
CA THR A 88 21.17 38.77 -37.77
C THR A 88 22.34 37.80 -37.88
N ALA A 89 23.07 37.53 -36.79
CA ALA A 89 24.22 36.65 -36.88
C ALA A 89 24.58 36.14 -35.48
N ILE A 90 25.40 35.09 -35.46
CA ILE A 90 25.92 34.53 -34.22
C ILE A 90 27.26 33.88 -34.53
N ILE A 91 28.28 34.19 -33.74
CA ILE A 91 29.62 33.66 -33.96
C ILE A 91 30.34 33.46 -32.63
N THR A 92 31.55 32.91 -32.69
CA THR A 92 32.36 32.67 -31.50
C THR A 92 33.78 33.14 -31.74
N PHE A 93 34.41 33.70 -30.71
CA PHE A 93 35.76 34.25 -30.78
C PHE A 93 36.62 33.62 -29.70
N PRO A 94 37.23 32.47 -29.98
CA PRO A 94 38.21 31.86 -29.06
C PRO A 94 39.54 32.60 -29.07
N ASN A 103 36.38 33.49 -22.78
CA ASN A 103 36.78 33.40 -24.18
C ASN A 103 35.85 32.46 -24.94
N GLN A 104 35.67 32.74 -26.24
CA GLN A 104 34.81 31.95 -27.11
C GLN A 104 33.38 31.88 -26.54
N LEU A 105 32.92 32.99 -25.99
CA LEU A 105 31.64 32.98 -25.27
C LEU A 105 30.46 33.15 -26.23
N ILE A 106 30.34 34.32 -26.86
CA ILE A 106 29.20 34.63 -27.71
C ILE A 106 29.50 35.90 -28.48
N LEU A 107 28.87 36.06 -29.63
CA LEU A 107 28.95 37.31 -30.40
C LEU A 107 27.72 37.38 -31.28
N THR A 108 26.79 38.27 -30.94
CA THR A 108 25.51 38.33 -31.63
C THR A 108 25.19 39.76 -32.03
N ALA A 109 24.51 39.89 -33.16
CA ALA A 109 24.07 41.19 -33.66
C ALA A 109 22.62 41.07 -34.12
N SER A 110 21.91 42.20 -34.08
CA SER A 110 20.48 42.21 -34.41
C SER A 110 20.17 43.34 -35.39
N ALA A 111 18.88 43.59 -35.62
CA ALA A 111 18.44 44.60 -36.58
C ALA A 111 18.42 46.01 -36.00
N ASP A 112 18.80 46.17 -34.73
CA ASP A 112 18.76 47.47 -34.07
C ASP A 112 19.94 48.37 -34.41
N ARG A 113 20.69 48.06 -35.46
CA ARG A 113 21.85 48.85 -35.88
C ARG A 113 22.86 48.99 -34.74
N THR A 114 23.06 47.91 -33.99
CA THR A 114 24.02 47.89 -32.90
C THR A 114 24.45 46.45 -32.65
N VAL A 115 25.75 46.26 -32.43
CA VAL A 115 26.32 44.93 -32.19
C VAL A 115 26.72 44.85 -30.73
N ILE A 116 26.27 43.79 -30.06
CA ILE A 116 26.52 43.60 -28.64
C ILE A 116 27.46 42.43 -28.45
N VAL A 117 28.13 42.40 -27.31
CA VAL A 117 29.11 41.35 -26.99
C VAL A 117 28.69 40.73 -25.67
N TRP A 118 28.00 39.60 -25.74
CA TRP A 118 27.57 38.87 -24.56
C TRP A 118 28.55 37.74 -24.25
N ASP A 119 28.58 37.35 -22.97
CA ASP A 119 29.50 36.34 -22.50
C ASP A 119 28.83 35.51 -21.41
N GLY A 120 29.39 34.32 -21.17
CA GLY A 120 28.88 33.42 -20.16
C GLY A 120 29.54 32.06 -20.18
N ARG A 124 25.98 35.41 -17.68
CA ARG A 124 26.90 36.18 -16.84
C ARG A 124 26.73 37.67 -17.08
N GLN A 125 27.84 38.37 -17.32
CA GLN A 125 27.84 39.80 -17.56
C GLN A 125 28.23 40.10 -18.99
N VAL A 126 27.49 41.02 -19.62
CA VAL A 126 27.77 41.38 -21.01
C VAL A 126 29.09 42.14 -21.08
N GLN A 127 29.83 41.91 -22.17
CA GLN A 127 31.14 42.53 -22.31
C GLN A 127 31.03 44.01 -22.70
N ARG A 128 30.45 44.28 -23.87
CA ARG A 128 30.31 45.64 -24.36
C ARG A 128 29.36 45.61 -25.55
N ILE A 129 29.11 46.77 -26.13
CA ILE A 129 28.22 46.92 -27.27
C ILE A 129 28.84 47.91 -28.26
N SER A 130 28.71 47.61 -29.54
CA SER A 130 29.25 48.46 -30.60
C SER A 130 28.13 48.88 -31.54
N CYS A 131 28.09 50.18 -31.85
CA CYS A 131 27.11 50.74 -32.78
C CYS A 131 27.81 51.83 -33.60
N PHE A 132 28.04 51.58 -34.89
CA PHE A 132 28.67 52.62 -35.70
C PHE A 132 27.64 53.46 -36.43
N GLN A 133 27.18 53.01 -37.60
CA GLN A 133 26.11 53.73 -38.27
C GLN A 133 24.90 52.88 -38.61
N SER A 134 25.10 51.81 -39.37
CA SER A 134 24.03 51.03 -39.96
C SER A 134 23.96 49.64 -39.35
N THR A 135 23.20 48.74 -39.97
CA THR A 135 23.11 47.35 -39.57
C THR A 135 23.85 46.47 -40.55
N VAL A 136 24.47 45.40 -40.04
CA VAL A 136 25.28 44.48 -40.83
C VAL A 136 24.63 43.10 -40.77
N LYS A 137 24.67 42.38 -41.89
CA LYS A 137 24.05 41.07 -41.99
C LYS A 137 25.07 39.94 -42.06
N CYS A 138 26.35 40.22 -41.83
CA CYS A 138 27.37 39.19 -41.89
C CYS A 138 28.48 39.50 -40.90
N LEU A 139 29.17 38.44 -40.46
CA LEU A 139 30.28 38.58 -39.54
C LEU A 139 31.13 37.32 -39.60
N THR A 140 32.45 37.50 -39.56
CA THR A 140 33.37 36.37 -39.63
C THR A 140 34.66 36.77 -38.90
N VAL A 141 35.34 35.76 -38.36
CA VAL A 141 36.57 35.96 -37.58
C VAL A 141 37.73 35.34 -38.35
N LEU A 142 38.83 36.08 -38.44
CA LEU A 142 40.04 35.63 -39.12
C LEU A 142 41.00 35.06 -38.08
N GLN A 143 41.32 33.77 -38.22
CA GLN A 143 42.13 33.09 -37.21
C GLN A 143 43.60 33.46 -37.32
N ARG A 144 44.21 33.19 -38.48
CA ARG A 144 45.65 33.40 -38.63
C ARG A 144 46.04 34.84 -38.40
N LEU A 145 45.26 35.78 -38.95
CA LEU A 145 45.51 37.19 -38.69
C LEU A 145 45.18 37.59 -37.26
N ASP A 146 44.45 36.76 -36.53
CA ASP A 146 44.05 37.05 -35.15
C ASP A 146 43.25 38.35 -35.07
N VAL A 147 42.39 38.57 -36.07
CA VAL A 147 41.52 39.74 -36.11
C VAL A 147 40.14 39.30 -36.56
N TRP A 148 39.14 40.15 -36.29
CA TRP A 148 37.77 39.87 -36.69
C TRP A 148 37.15 41.13 -37.27
N LEU A 149 36.15 40.95 -38.12
CA LEU A 149 35.54 42.06 -38.82
C LEU A 149 34.04 41.88 -38.86
N SER A 150 33.35 42.97 -39.19
CA SER A 150 31.90 42.96 -39.29
C SER A 150 31.44 42.25 -40.55
N ASN A 153 26.42 48.08 -45.21
CA ASN A 153 26.72 48.99 -46.30
C ASN A 153 28.21 49.32 -46.33
N ASP A 154 28.91 48.89 -45.28
CA ASP A 154 30.34 49.15 -45.15
C ASP A 154 30.97 48.03 -44.32
N LEU A 155 32.28 47.91 -44.43
CA LEU A 155 33.03 46.87 -43.73
C LEU A 155 33.93 47.52 -42.68
N CYS A 156 33.86 47.01 -41.46
CA CYS A 156 34.65 47.53 -40.34
C CYS A 156 35.24 46.36 -39.57
N VAL A 157 36.55 46.41 -39.36
CA VAL A 157 37.29 45.36 -38.67
C VAL A 157 37.73 45.90 -37.31
N TRP A 158 37.44 45.14 -36.26
CA TRP A 158 37.73 45.56 -34.89
C TRP A 158 38.59 44.51 -34.19
N ASN A 159 39.43 44.98 -33.28
CA ASN A 159 40.36 44.11 -32.57
C ASN A 159 39.65 43.40 -31.42
N ARG A 160 40.44 42.63 -30.65
CA ARG A 160 39.89 41.90 -29.52
C ARG A 160 39.38 42.82 -28.43
N LYS A 161 39.81 44.09 -28.43
CA LYS A 161 39.29 45.07 -27.49
C LYS A 161 37.96 45.67 -27.94
N LEU A 162 37.31 45.06 -28.93
CA LEU A 162 36.02 45.52 -29.46
C LEU A 162 36.12 46.95 -29.98
N ASP A 163 37.26 47.33 -30.53
CA ASP A 163 37.47 48.66 -31.10
C ASP A 163 37.80 48.52 -32.58
N LEU A 164 37.06 49.26 -33.41
CA LEU A 164 37.20 49.14 -34.86
C LEU A 164 38.57 49.61 -35.28
N LEU A 165 39.45 48.65 -35.62
CA LEU A 165 40.80 49.00 -36.05
C LEU A 165 40.78 49.71 -37.39
N CYS A 166 39.91 49.29 -38.31
CA CYS A 166 39.80 49.91 -39.61
C CYS A 166 38.39 49.75 -40.12
N LYS A 167 38.01 50.63 -41.06
CA LYS A 167 36.68 50.61 -41.64
C LYS A 167 36.73 51.30 -42.99
N THR A 168 36.12 50.68 -43.99
CA THR A 168 36.09 51.24 -45.33
C THR A 168 35.03 52.34 -45.42
N SER A 169 34.96 52.96 -46.60
CA SER A 169 33.98 53.99 -46.87
C SER A 169 32.64 53.34 -47.20
N HIS A 170 31.70 54.13 -47.71
CA HIS A 170 30.38 53.63 -48.08
C HIS A 170 30.54 52.69 -49.27
N LEU A 171 30.47 51.38 -48.99
CA LEU A 171 30.73 50.40 -50.04
C LEU A 171 29.62 50.39 -51.09
N SER A 172 28.37 50.32 -50.65
CA SER A 172 27.25 50.22 -51.58
C SER A 172 25.96 50.54 -50.85
N ASP A 173 24.90 50.75 -51.65
CA ASP A 173 23.60 51.02 -51.07
C ASP A 173 22.99 49.80 -50.40
N THR A 174 23.42 48.60 -50.78
CA THR A 174 22.94 47.38 -50.17
C THR A 174 24.01 46.81 -49.24
N GLY A 175 23.57 45.95 -48.33
CA GLY A 175 24.48 45.38 -47.35
C GLY A 175 25.34 44.26 -47.91
N ILE A 176 26.25 43.79 -47.08
CA ILE A 176 27.16 42.71 -47.46
C ILE A 176 26.42 41.40 -47.37
N SER A 177 26.26 40.73 -48.52
CA SER A 177 25.51 39.48 -48.54
C SER A 177 26.31 38.32 -47.94
N ALA A 178 27.64 38.41 -47.98
CA ALA A 178 28.48 37.33 -47.48
C ALA A 178 29.86 37.89 -47.15
N LEU A 179 30.64 37.08 -46.43
CA LEU A 179 32.01 37.44 -46.07
C LEU A 179 32.78 36.14 -45.88
N VAL A 180 33.70 35.85 -46.80
CA VAL A 180 34.41 34.57 -46.83
C VAL A 180 35.89 34.84 -46.70
N GLU A 181 36.54 34.11 -45.79
CA GLU A 181 37.98 34.25 -45.61
C GLU A 181 38.73 33.73 -46.83
N ILE A 182 39.83 34.39 -47.16
CA ILE A 182 40.60 34.06 -48.36
C ILE A 182 42.06 33.92 -47.96
N PRO A 183 42.83 33.15 -48.73
CA PRO A 183 44.26 33.01 -48.43
C PRO A 183 45.00 34.33 -48.59
N LYS A 184 46.13 34.43 -47.89
CA LYS A 184 46.97 35.62 -47.88
C LYS A 184 46.19 36.84 -47.37
N ASN A 185 45.70 36.71 -46.13
CA ASN A 185 45.00 37.75 -45.38
C ASN A 185 44.11 38.61 -46.28
N CYS A 186 43.24 37.93 -47.02
CA CYS A 186 42.31 38.59 -47.93
C CYS A 186 40.87 38.32 -47.49
N VAL A 187 40.00 39.29 -47.76
CA VAL A 187 38.58 39.19 -47.43
C VAL A 187 37.78 39.38 -48.71
N VAL A 188 36.87 38.45 -48.97
CA VAL A 188 36.07 38.46 -50.19
C VAL A 188 34.60 38.57 -49.80
N ALA A 189 33.90 39.51 -50.45
CA ALA A 189 32.48 39.72 -50.19
C ALA A 189 31.77 39.96 -51.51
N ALA A 190 30.46 39.66 -51.51
CA ALA A 190 29.62 39.85 -52.68
C ALA A 190 28.43 40.72 -52.31
N VAL A 191 28.17 41.74 -53.11
CA VAL A 191 27.10 42.69 -52.85
C VAL A 191 26.09 42.54 -53.99
N GLY A 192 25.10 41.68 -53.79
CA GLY A 192 24.06 41.47 -54.77
C GLY A 192 24.58 41.04 -56.12
N LYS A 193 24.48 41.93 -57.11
CA LYS A 193 24.93 41.66 -58.46
C LYS A 193 26.40 41.99 -58.68
N GLU A 194 27.08 42.56 -57.69
CA GLU A 194 28.48 42.93 -57.84
C GLU A 194 29.25 42.33 -56.67
N LEU A 195 30.37 41.66 -56.98
CA LEU A 195 31.24 41.06 -55.99
C LEU A 195 32.62 41.69 -56.10
N ILE A 196 33.11 42.23 -54.98
CA ILE A 196 34.42 42.88 -54.94
C ILE A 196 35.23 42.26 -53.82
N ILE A 197 36.45 41.85 -54.13
CA ILE A 197 37.33 41.20 -53.16
C ILE A 197 38.09 42.29 -52.42
N PHE A 198 37.48 42.81 -51.35
CA PHE A 198 38.09 43.88 -50.56
C PHE A 198 39.22 43.29 -49.75
N ARG A 199 40.39 43.20 -50.36
CA ARG A 199 41.55 42.65 -49.68
C ARG A 199 41.98 43.56 -48.54
N LEU A 200 42.52 42.96 -47.48
CA LEU A 200 43.00 43.69 -46.31
C LEU A 200 44.51 43.55 -46.22
N VAL A 201 45.20 44.69 -46.10
CA VAL A 201 46.66 44.71 -46.03
C VAL A 201 47.07 44.65 -44.56
N ALA A 202 47.94 43.70 -44.23
CA ALA A 202 48.41 43.57 -42.86
C ALA A 202 49.23 44.79 -42.46
N PRO A 203 49.18 45.18 -41.17
CA PRO A 203 49.95 46.32 -40.65
C PRO A 203 51.45 46.15 -40.83
N SER A 207 53.82 52.69 -38.43
CA SER A 207 53.89 51.89 -39.65
C SER A 207 53.12 50.58 -39.47
N LEU A 208 52.76 50.28 -38.23
CA LEU A 208 52.04 49.04 -37.90
C LEU A 208 50.54 49.33 -37.77
N GLU A 209 49.93 49.71 -38.88
CA GLU A 209 48.50 49.99 -38.93
C GLU A 209 47.89 49.21 -40.09
N TRP A 210 46.73 48.60 -39.82
CA TRP A 210 46.08 47.77 -40.82
C TRP A 210 45.56 48.63 -41.98
N ASP A 211 45.58 48.05 -43.18
CA ASP A 211 45.10 48.70 -44.38
C ASP A 211 44.22 47.74 -45.16
N ILE A 212 43.36 48.29 -46.01
CA ILE A 212 42.43 47.48 -46.79
C ILE A 212 42.19 48.14 -48.14
N LEU A 213 42.56 47.43 -49.22
CA LEU A 213 42.32 47.91 -50.58
C LEU A 213 41.65 46.80 -51.38
N GLU A 214 40.55 47.16 -52.04
CA GLU A 214 39.93 46.24 -52.99
C GLU A 214 40.83 46.13 -54.22
N VAL A 215 41.10 44.89 -54.65
CA VAL A 215 42.07 44.63 -55.70
C VAL A 215 41.44 44.02 -56.94
N LYS A 216 40.14 43.76 -56.93
CA LYS A 216 39.50 43.17 -58.10
C LYS A 216 38.00 43.43 -58.05
N ARG A 217 37.36 43.24 -59.20
CA ARG A 217 35.92 43.31 -59.32
C ARG A 217 35.49 42.41 -60.46
N LEU A 218 34.21 42.06 -60.48
CA LEU A 218 33.69 41.17 -61.50
C LEU A 218 32.26 41.56 -61.85
N LEU A 219 31.83 41.17 -63.04
CA LEU A 219 30.46 41.40 -63.48
C LEU A 219 29.90 40.21 -64.26
N ASP A 220 30.50 39.03 -64.12
CA ASP A 220 30.08 37.87 -64.91
C ASP A 220 28.65 37.48 -64.58
N HIS A 221 28.28 37.50 -63.31
CA HIS A 221 26.95 37.10 -62.90
C HIS A 221 25.91 38.10 -63.39
N GLN A 222 24.76 37.59 -63.83
CA GLN A 222 23.64 38.42 -64.27
C GLN A 222 22.54 38.51 -63.24
N ASP A 223 22.80 38.09 -62.00
CA ASP A 223 21.80 38.12 -60.94
C ASP A 223 22.51 38.31 -59.60
N ASN A 224 21.73 38.26 -58.53
CA ASN A 224 22.28 38.43 -57.20
C ASN A 224 23.02 37.18 -56.75
N ILE A 225 23.88 37.35 -55.75
CA ILE A 225 24.67 36.24 -55.22
C ILE A 225 23.91 35.56 -54.10
N LEU A 226 23.99 34.22 -54.05
CA LEU A 226 23.29 33.43 -53.05
C LEU A 226 24.21 32.99 -51.91
N SER A 227 25.29 32.27 -52.23
CA SER A 227 26.19 31.77 -51.21
C SER A 227 27.57 31.51 -51.82
N LEU A 228 28.57 31.42 -50.96
CA LEU A 228 29.94 31.22 -51.40
C LEU A 228 30.74 30.58 -50.27
N ILE A 229 31.51 29.53 -50.61
CA ILE A 229 32.32 28.84 -49.63
C ILE A 229 33.72 28.64 -50.22
N ASN A 230 34.69 28.44 -49.33
CA ASN A 230 36.08 28.22 -49.71
C ASN A 230 36.39 26.73 -49.60
N VAL A 231 36.46 26.05 -50.74
CA VAL A 231 36.72 24.62 -50.76
C VAL A 231 38.21 24.38 -50.57
N ASN A 232 38.62 24.22 -49.32
CA ASN A 232 40.03 24.09 -48.95
C ASN A 232 40.77 25.32 -49.48
N ASP A 233 42.01 25.14 -49.93
CA ASP A 233 42.80 26.22 -50.52
C ASP A 233 42.79 26.15 -52.04
N LEU A 234 41.66 25.74 -52.62
CA LEU A 234 41.57 25.51 -54.06
C LEU A 234 40.98 26.71 -54.80
N SER A 235 39.75 27.10 -54.47
CA SER A 235 39.06 28.13 -55.23
C SER A 235 37.87 28.64 -54.41
N PHE A 236 37.07 29.51 -55.01
CA PHE A 236 35.88 30.07 -54.38
C PHE A 236 34.69 29.87 -55.31
N VAL A 237 33.62 29.29 -54.78
CA VAL A 237 32.44 28.97 -55.55
C VAL A 237 31.50 30.15 -55.56
N THR A 238 30.89 30.42 -56.72
CA THR A 238 29.96 31.53 -56.87
C THR A 238 28.62 31.00 -57.38
N GLY A 239 27.53 31.56 -56.86
CA GLY A 239 26.20 31.17 -57.28
C GLY A 239 25.35 32.39 -57.56
N SER A 240 24.50 32.28 -58.57
CA SER A 240 23.64 33.37 -58.99
C SER A 240 22.21 33.16 -58.48
N HIS A 241 21.56 34.27 -58.15
CA HIS A 241 20.16 34.20 -57.70
C HIS A 241 19.26 33.63 -58.78
N VAL A 242 19.62 33.84 -60.05
CA VAL A 242 18.87 33.21 -61.15
C VAL A 242 19.25 31.75 -61.34
N GLY A 243 20.28 31.27 -60.64
CA GLY A 243 20.67 29.88 -60.71
C GLY A 243 21.93 29.57 -61.47
N GLU A 244 22.68 30.58 -61.90
CA GLU A 244 23.93 30.34 -62.63
C GLU A 244 25.04 30.03 -61.64
N LEU A 245 25.79 28.96 -61.91
CA LEU A 245 26.88 28.53 -61.04
C LEU A 245 28.22 28.91 -61.66
N ILE A 246 29.09 29.53 -60.86
CA ILE A 246 30.39 29.98 -61.31
C ILE A 246 31.43 29.65 -60.25
N ILE A 247 32.70 29.86 -60.59
CA ILE A 247 33.83 29.60 -59.71
C ILE A 247 34.73 30.83 -59.73
N TRP A 248 35.57 30.93 -58.69
CA TRP A 248 36.57 31.98 -58.61
C TRP A 248 37.91 31.34 -58.28
N ASP A 249 38.93 31.65 -59.07
CA ASP A 249 40.26 31.12 -58.83
C ASP A 249 40.87 31.75 -57.58
N ALA A 250 41.75 31.00 -56.92
CA ALA A 250 42.30 31.45 -55.64
C ALA A 250 43.23 32.65 -55.83
N LEU A 251 44.35 32.45 -56.51
CA LEU A 251 45.31 33.51 -56.76
C LEU A 251 45.17 34.16 -58.12
N ASP A 252 44.74 33.40 -59.13
CA ASP A 252 44.52 33.98 -60.44
C ASP A 252 43.27 34.86 -60.46
N TRP A 253 42.28 34.54 -59.63
CA TRP A 253 41.00 35.25 -59.61
C TRP A 253 40.36 35.24 -60.99
N THR A 254 40.44 34.10 -61.66
CA THR A 254 39.95 33.93 -63.01
C THR A 254 38.79 32.95 -63.02
N MET A 255 37.67 33.37 -63.61
CA MET A 255 36.52 32.47 -63.73
C MET A 255 36.90 31.24 -64.55
N GLN A 256 36.41 30.09 -64.11
CA GLN A 256 36.77 28.84 -64.76
C GLN A 256 35.59 27.87 -64.87
N ALA A 257 34.37 28.29 -64.56
CA ALA A 257 33.23 27.38 -64.63
C ALA A 257 31.95 28.17 -64.81
N TYR A 258 31.00 27.57 -65.52
CA TYR A 258 29.67 28.14 -65.69
C TYR A 258 28.72 27.00 -66.08
N GLU A 259 27.81 26.65 -65.17
CA GLU A 259 26.85 25.58 -65.40
C GLU A 259 25.44 26.15 -65.33
N ARG A 260 24.65 25.93 -66.37
CA ARG A 260 23.28 26.43 -66.42
C ARG A 260 22.28 25.45 -66.97
N ASN A 261 22.70 24.24 -67.36
CA ASN A 261 21.78 23.23 -67.89
C ASN A 261 21.21 22.42 -66.73
N PHE A 262 20.40 23.09 -65.93
CA PHE A 262 19.76 22.46 -64.76
C PHE A 262 18.28 22.22 -65.01
N ASP A 283 11.42 27.42 -59.91
CA ASP A 283 12.25 28.58 -59.61
C ASP A 283 13.69 28.17 -59.35
N ILE A 284 14.63 28.78 -60.08
CA ILE A 284 16.03 28.46 -59.95
C ILE A 284 16.68 29.46 -58.99
N SER A 285 16.70 29.12 -57.71
CA SER A 285 17.24 30.00 -56.67
C SER A 285 18.12 29.19 -55.73
N ILE A 286 19.09 28.46 -56.30
CA ILE A 286 19.96 27.59 -55.52
C ILE A 286 20.48 28.33 -54.29
N HIS A 287 20.29 27.72 -53.13
CA HIS A 287 20.51 28.40 -51.85
C HIS A 287 21.88 28.08 -51.26
N HIS A 288 22.17 26.81 -51.00
CA HIS A 288 23.39 26.41 -50.32
C HIS A 288 24.11 25.33 -51.12
N PHE A 289 25.44 25.38 -51.07
CA PHE A 289 26.28 24.40 -51.72
C PHE A 289 27.28 23.86 -50.71
N THR A 290 27.34 22.53 -50.60
CA THR A 290 28.26 21.87 -49.69
C THR A 290 29.29 21.09 -50.50
N CYS A 291 30.56 21.32 -50.21
CA CYS A 291 31.62 20.74 -51.00
C CYS A 291 32.84 20.48 -50.12
N ASP A 292 33.76 19.68 -50.64
CA ASP A 292 35.00 19.36 -49.98
C ASP A 292 36.06 19.19 -51.06
N GLU A 293 37.19 18.55 -50.72
CA GLU A 293 38.24 18.35 -51.69
C GLU A 293 37.84 17.39 -52.82
N GLU A 294 36.71 16.68 -52.68
CA GLU A 294 36.32 15.66 -53.63
C GLU A 294 35.40 16.18 -54.73
N ASN A 295 34.24 16.72 -54.36
CA ASN A 295 33.24 17.09 -55.34
C ASN A 295 32.34 18.16 -54.73
N VAL A 296 31.62 18.87 -55.59
CA VAL A 296 30.79 20.00 -55.21
C VAL A 296 29.33 19.59 -55.27
N PHE A 297 28.61 19.76 -54.16
CA PHE A 297 27.20 19.42 -54.05
C PHE A 297 26.41 20.66 -53.72
N ALA A 298 25.27 20.83 -54.39
CA ALA A 298 24.43 22.00 -54.20
C ALA A 298 22.97 21.61 -54.40
N ALA A 299 22.07 22.46 -53.90
CA ALA A 299 20.65 22.22 -53.97
C ALA A 299 19.94 23.43 -54.56
N VAL A 300 18.98 23.20 -55.43
CA VAL A 300 18.20 24.25 -56.06
C VAL A 300 16.76 23.79 -56.15
N GLY A 301 15.89 24.33 -55.30
CA GLY A 301 14.47 24.06 -55.36
C GLY A 301 14.07 22.64 -55.00
N ARG A 302 13.50 21.92 -55.97
CA ARG A 302 12.96 20.59 -55.75
C ARG A 302 13.85 19.48 -56.29
N GLY A 303 15.13 19.76 -56.49
CA GLY A 303 16.06 18.75 -56.96
C GLY A 303 17.44 18.98 -56.37
N LEU A 304 18.08 17.88 -55.99
CA LEU A 304 19.43 17.90 -55.45
C LEU A 304 20.40 17.48 -56.54
N TYR A 305 21.27 18.39 -56.94
CA TYR A 305 22.14 18.21 -58.09
C TYR A 305 23.59 18.34 -57.64
N VAL A 306 24.42 17.34 -57.99
CA VAL A 306 25.83 17.34 -57.64
C VAL A 306 26.62 17.66 -58.90
N TYR A 307 27.42 18.72 -58.84
CA TYR A 307 28.26 19.14 -59.96
C TYR A 307 29.70 18.72 -59.67
N SER A 308 30.26 17.93 -60.58
CA SER A 308 31.61 17.39 -60.36
C SER A 308 32.63 18.52 -60.31
N LEU A 309 33.64 18.34 -59.47
CA LEU A 309 34.66 19.37 -59.28
C LEU A 309 35.86 19.14 -60.20
N GLN A 310 36.52 17.99 -60.08
CA GLN A 310 37.70 17.73 -60.91
C GLN A 310 37.33 17.59 -62.38
N MET A 311 36.34 16.76 -62.68
CA MET A 311 35.96 16.50 -64.08
C MET A 311 35.09 17.62 -64.63
N LYS A 312 34.54 18.47 -63.76
CA LYS A 312 33.86 19.71 -64.16
C LYS A 312 32.62 19.45 -65.02
N ARG A 313 31.67 18.73 -64.42
CA ARG A 313 30.34 18.57 -65.01
C ARG A 313 29.38 18.23 -63.87
N VAL A 314 28.18 17.77 -64.21
CA VAL A 314 27.20 17.35 -63.22
C VAL A 314 27.38 15.86 -62.95
N ILE A 315 27.78 15.53 -61.74
CA ILE A 315 28.09 14.14 -61.40
C ILE A 315 26.84 13.36 -61.01
N ALA A 316 26.02 13.91 -60.10
CA ALA A 316 24.84 13.20 -59.61
C ALA A 316 23.65 14.15 -59.55
N CYS A 317 22.48 13.63 -59.93
CA CYS A 317 21.25 14.40 -59.90
C CYS A 317 20.12 13.53 -59.36
N GLN A 318 19.11 14.19 -58.78
CA GLN A 318 17.95 13.48 -58.23
C GLN A 318 16.74 14.40 -58.41
N LYS A 319 16.01 14.19 -59.51
CA LYS A 319 14.87 15.05 -59.81
C LYS A 319 13.78 14.92 -58.76
N THR A 320 13.46 13.68 -58.37
CA THR A 320 12.39 13.43 -57.42
C THR A 320 12.86 13.64 -55.98
N ALA A 321 13.30 14.87 -55.72
CA ALA A 321 13.72 15.25 -54.38
C ALA A 321 12.50 15.67 -53.57
N HIS A 322 12.74 16.33 -52.44
CA HIS A 322 11.64 16.82 -51.62
C HIS A 322 10.74 17.76 -52.41
N ASP A 323 9.43 17.65 -52.19
CA ASP A 323 8.47 18.39 -52.99
C ASP A 323 8.58 19.90 -52.79
N SER A 324 9.11 20.35 -51.67
CA SER A 324 9.27 21.77 -51.40
C SER A 324 10.65 22.22 -51.88
N ASN A 325 11.04 23.44 -51.52
CA ASN A 325 12.34 23.97 -51.88
C ASN A 325 13.32 23.73 -50.75
N VAL A 326 14.49 23.17 -51.08
CA VAL A 326 15.50 22.89 -50.07
C VAL A 326 16.06 24.21 -49.52
N LEU A 327 16.55 24.15 -48.30
CA LEU A 327 17.08 25.33 -47.63
C LEU A 327 18.56 25.23 -47.29
N HIS A 328 18.99 24.09 -46.75
CA HIS A 328 20.38 23.91 -46.35
C HIS A 328 20.75 22.44 -46.45
N VAL A 329 21.94 22.17 -46.95
CA VAL A 329 22.45 20.81 -47.07
C VAL A 329 23.88 20.77 -46.53
N ALA A 330 24.31 19.57 -46.16
CA ALA A 330 25.65 19.37 -45.62
C ALA A 330 26.02 17.90 -45.75
N ARG A 331 27.30 17.62 -45.56
CA ARG A 331 27.83 16.27 -45.67
C ARG A 331 28.28 15.79 -44.30
N LEU A 332 27.76 14.64 -43.88
CA LEU A 332 28.19 14.05 -42.63
C LEU A 332 29.64 13.56 -42.75
N PRO A 333 30.39 13.59 -41.65
CA PRO A 333 31.81 13.21 -41.75
C PRO A 333 32.04 11.80 -42.26
N ASN A 334 31.17 10.85 -41.92
CA ASN A 334 31.37 9.48 -42.37
C ASN A 334 30.66 9.20 -43.71
N ARG A 335 30.84 10.14 -44.63
CA ARG A 335 30.45 10.00 -46.03
C ARG A 335 28.95 9.76 -46.21
N GLN A 336 28.15 10.74 -45.80
CA GLN A 336 26.79 10.84 -46.32
C GLN A 336 26.40 12.31 -46.32
N LEU A 337 25.38 12.64 -47.11
CA LEU A 337 24.89 14.00 -47.26
C LEU A 337 23.44 14.08 -46.85
N ILE A 338 23.13 14.99 -45.93
CA ILE A 338 21.77 15.18 -45.45
C ILE A 338 21.14 16.37 -46.15
N SER A 339 19.82 16.46 -46.07
CA SER A 339 19.09 17.51 -46.77
C SER A 339 18.04 18.10 -45.83
N CYS A 340 17.82 19.41 -45.99
CA CYS A 340 16.76 20.13 -45.29
C CYS A 340 15.90 20.84 -46.32
N SER A 341 14.58 20.72 -46.17
CA SER A 341 13.64 21.27 -47.14
C SER A 341 12.64 22.17 -46.45
N GLU A 342 11.86 22.89 -47.27
CA GLU A 342 10.84 23.78 -46.72
C GLU A 342 9.63 22.99 -46.23
N ASP A 343 9.42 21.78 -46.73
CA ASP A 343 8.27 20.98 -46.32
C ASP A 343 8.40 20.47 -44.90
N GLY A 344 9.55 20.62 -44.26
CA GLY A 344 9.77 20.14 -42.92
C GLY A 344 10.34 18.74 -42.83
N SER A 345 10.50 18.05 -43.95
CA SER A 345 11.06 16.71 -43.96
C SER A 345 12.56 16.77 -44.23
N VAL A 346 13.34 16.10 -43.39
CA VAL A 346 14.79 16.01 -43.54
C VAL A 346 15.13 14.56 -43.84
N ARG A 347 15.80 14.34 -44.97
CA ARG A 347 16.18 13.00 -45.39
C ARG A 347 17.68 12.92 -45.60
N ILE A 348 18.28 11.81 -45.17
CA ILE A 348 19.70 11.59 -45.32
C ILE A 348 19.96 10.91 -46.66
N TRP A 349 21.14 11.14 -47.22
CA TRP A 349 21.50 10.60 -48.53
C TRP A 349 22.95 10.13 -48.48
N GLU A 350 23.23 9.02 -49.15
CA GLU A 350 24.56 8.44 -49.19
C GLU A 350 25.11 8.43 -50.61
N LEU A 351 26.38 8.81 -50.76
CA LEU A 351 27.00 8.87 -52.08
C LEU A 351 27.38 7.47 -52.55
N ARG A 352 26.96 7.13 -53.76
CA ARG A 352 27.22 5.83 -54.35
C ARG A 352 28.18 5.99 -55.54
N GLU A 353 28.45 4.87 -56.21
CA GLU A 353 29.29 4.86 -57.40
C GLU A 353 28.44 5.26 -58.60
N LYS A 354 28.14 6.55 -58.66
CA LYS A 354 27.28 7.14 -59.69
C LYS A 354 25.90 6.47 -59.69
N LEU A 395 23.65 7.51 -55.85
CA LEU A 395 23.09 7.77 -54.52
C LEU A 395 21.72 7.14 -54.38
N GLU A 396 21.24 7.03 -53.15
CA GLU A 396 19.95 6.42 -52.88
C GLU A 396 19.45 6.91 -51.53
N LEU A 397 18.16 6.67 -51.28
CA LEU A 397 17.53 7.09 -50.03
C LEU A 397 18.16 6.37 -48.85
N ILE A 398 18.47 7.11 -47.79
CA ILE A 398 19.08 6.55 -46.59
C ILE A 398 18.07 6.44 -45.47
N GLY A 399 17.30 7.49 -45.21
CA GLY A 399 16.31 7.45 -44.16
C GLY A 399 15.38 8.64 -44.25
N ASP A 400 14.40 8.66 -43.36
CA ASP A 400 13.42 9.72 -43.28
C ASP A 400 13.34 10.24 -41.85
N LEU A 401 13.08 11.53 -41.72
CA LEU A 401 12.95 12.18 -40.40
C LEU A 401 11.82 13.19 -40.48
N ILE A 402 10.62 12.75 -40.09
CA ILE A 402 9.44 13.61 -40.11
C ILE A 402 9.36 14.31 -38.75
N GLY A 403 9.60 15.62 -38.73
CA GLY A 403 9.77 16.29 -37.47
C GLY A 403 8.92 17.52 -37.18
N HIS A 404 8.37 18.17 -38.21
CA HIS A 404 7.67 19.42 -37.97
C HIS A 404 6.58 19.64 -39.01
N SER A 405 5.65 20.54 -38.65
CA SER A 405 4.61 20.95 -39.59
C SER A 405 5.13 21.91 -40.64
N SER A 406 6.17 22.68 -40.32
CA SER A 406 6.74 23.63 -41.28
C SER A 406 8.23 23.43 -41.43
N SER A 407 8.90 24.40 -42.07
CA SER A 407 10.24 24.23 -42.59
C SER A 407 11.26 24.01 -41.48
N VAL A 408 12.51 23.79 -41.88
CA VAL A 408 13.65 23.71 -40.96
C VAL A 408 14.80 24.45 -41.60
N GLU A 409 15.49 25.29 -40.82
CA GLU A 409 16.50 26.16 -41.41
C GLU A 409 17.82 25.42 -41.65
N MET A 410 18.47 24.96 -40.58
CA MET A 410 19.79 24.40 -40.71
C MET A 410 20.02 23.34 -39.63
N PHE A 411 20.99 22.46 -39.89
CA PHE A 411 21.29 21.34 -39.04
C PHE A 411 22.74 21.41 -38.58
N LEU A 412 22.96 21.20 -37.29
CA LEU A 412 24.30 21.14 -36.72
C LEU A 412 24.53 19.72 -36.22
N TYR A 413 25.74 19.21 -36.46
CA TYR A 413 26.06 17.82 -36.18
C TYR A 413 27.03 17.71 -35.01
N PHE A 414 26.81 16.69 -34.18
CA PHE A 414 27.66 16.40 -33.04
C PHE A 414 28.34 15.05 -33.25
N GLU A 415 29.60 14.95 -32.81
CA GLU A 415 30.40 13.76 -33.10
C GLU A 415 29.75 12.51 -32.51
N ASP A 416 29.41 12.55 -31.23
CA ASP A 416 28.89 11.36 -30.55
C ASP A 416 27.52 11.58 -29.92
N HIS A 417 26.80 12.65 -30.29
CA HIS A 417 25.52 12.95 -29.68
C HIS A 417 24.37 12.88 -30.68
N GLY A 418 24.42 13.62 -31.76
CA GLY A 418 23.35 13.56 -32.75
C GLY A 418 23.22 14.87 -33.51
N LEU A 419 21.99 15.18 -33.90
CA LEU A 419 21.69 16.32 -34.76
C LEU A 419 20.74 17.28 -34.07
N VAL A 420 20.81 18.55 -34.48
CA VAL A 420 19.91 19.58 -34.02
C VAL A 420 19.19 20.13 -35.25
N THR A 421 17.87 19.94 -35.31
CA THR A 421 17.10 20.26 -36.53
C THR A 421 15.75 20.85 -36.16
N CYS A 422 15.68 22.18 -36.09
CA CYS A 422 14.39 22.88 -36.07
C CYS A 422 14.53 24.39 -36.26
N SER A 423 13.76 24.96 -37.19
CA SER A 423 13.51 26.40 -37.18
C SER A 423 12.23 26.67 -37.98
N ALA A 424 11.12 26.83 -37.27
CA ALA A 424 9.81 27.20 -37.83
C ALA A 424 8.72 27.07 -36.77
N ASP A 425 8.40 25.84 -36.37
CA ASP A 425 7.34 25.61 -35.40
C ASP A 425 7.86 25.74 -33.97
N HIS A 426 8.59 26.81 -33.71
CA HIS A 426 9.03 27.22 -32.37
C HIS A 426 9.42 26.03 -31.49
N LEU A 427 10.40 25.26 -31.97
CA LEU A 427 10.80 24.04 -31.28
C LEU A 427 12.28 23.77 -31.55
N ILE A 428 12.79 22.71 -30.91
CA ILE A 428 14.14 22.20 -31.13
C ILE A 428 14.09 20.69 -30.91
N ILE A 429 14.68 19.93 -31.83
CA ILE A 429 14.74 18.47 -31.68
C ILE A 429 16.20 18.04 -31.74
N LEU A 430 16.58 17.15 -30.82
CA LEU A 430 17.94 16.61 -30.72
C LEU A 430 17.86 15.13 -31.03
N TRP A 431 17.97 14.77 -32.31
CA TRP A 431 17.86 13.36 -32.68
C TRP A 431 19.09 12.60 -32.19
N LYS A 432 18.83 11.38 -31.72
CA LYS A 432 19.89 10.51 -31.15
C LYS A 432 19.87 9.13 -31.81
N ASN A 433 20.87 8.32 -31.44
CA ASN A 433 21.16 6.98 -32.02
C ASN A 433 20.39 5.88 -31.33
N GLY A 434 19.90 6.16 -30.11
CA GLY A 434 19.09 5.22 -29.30
C GLY A 434 19.92 4.11 -28.66
N GLU A 435 19.90 2.95 -29.33
CA GLU A 435 20.64 1.73 -28.97
C GLU A 435 21.98 2.13 -28.37
N ARG A 436 22.83 2.83 -29.09
CA ARG A 436 24.07 3.31 -28.45
C ARG A 436 23.74 4.21 -27.27
N GLU A 437 22.58 4.85 -27.24
CA GLU A 437 22.30 5.67 -26.06
C GLU A 437 21.90 4.81 -24.87
N SER A 438 21.25 3.67 -25.10
CA SER A 438 20.85 2.80 -24.01
C SER A 438 22.06 2.23 -23.28
N GLY A 439 23.10 1.85 -24.01
CA GLY A 439 24.27 1.30 -23.37
C GLY A 439 24.92 2.26 -22.39
N LEU A 440 25.05 3.53 -22.78
CA LEU A 440 25.59 4.52 -21.86
C LEU A 440 24.67 4.71 -20.67
N ARG A 441 23.37 4.50 -20.85
CA ARG A 441 22.45 4.54 -19.71
C ARG A 441 22.65 3.34 -18.80
N SER A 442 22.98 2.18 -19.37
CA SER A 442 23.18 0.98 -18.56
C SER A 442 24.43 1.10 -17.70
N LEU A 443 25.52 1.58 -18.28
CA LEU A 443 26.80 1.61 -17.58
C LEU A 443 26.89 2.72 -16.56
N ARG A 444 25.80 3.44 -16.27
CA ARG A 444 25.81 4.45 -15.23
C ARG A 444 24.92 4.08 -14.06
N LEU A 445 24.16 3.00 -14.15
CA LEU A 445 23.36 2.51 -13.03
C LEU A 445 24.08 1.40 -12.27
N PHE A 446 24.67 0.46 -13.00
CA PHE A 446 25.46 -0.60 -12.36
C PHE A 446 26.65 -0.02 -11.63
N GLN A 447 27.33 0.96 -12.24
CA GLN A 447 28.47 1.60 -11.61
C GLN A 447 28.07 2.54 -10.48
N LYS A 448 26.78 2.82 -10.32
CA LYS A 448 26.29 3.63 -9.21
C LYS A 448 25.79 2.79 -8.05
N LEU A 449 25.14 1.66 -8.33
CA LEU A 449 24.60 0.83 -7.27
C LEU A 449 25.69 0.22 -6.41
N GLU A 450 26.84 -0.12 -7.00
CA GLU A 450 27.94 -0.64 -6.20
C GLU A 450 28.43 0.38 -5.19
N GLU A 451 28.57 1.64 -5.60
CA GLU A 451 28.99 2.67 -4.66
C GLU A 451 27.88 2.97 -3.64
N ASN A 452 26.63 2.86 -4.05
CA ASN A 452 25.53 3.18 -3.15
C ASN A 452 25.38 2.13 -2.06
N GLY A 453 25.40 0.85 -2.41
CA GLY A 453 25.14 -0.21 -1.45
C GLY A 453 24.09 -1.17 -1.95
N ASP A 454 22.95 -1.22 -1.27
CA ASP A 454 21.81 -2.01 -1.73
C ASP A 454 20.95 -1.17 -2.67
N LEU A 455 19.79 -1.69 -3.07
CA LEU A 455 18.95 -0.98 -4.03
C LEU A 455 18.34 0.27 -3.43
N TYR A 456 17.82 0.18 -2.21
CA TYR A 456 17.03 1.24 -1.62
C TYR A 456 17.86 2.23 -0.81
N LEU A 457 18.85 1.75 -0.09
CA LEU A 457 19.68 2.61 0.75
C LEU A 457 20.43 3.64 -0.07
N ALA B 51 -31.95 -14.68 11.47
CA ALA B 51 -30.77 -15.44 11.87
C ALA B 51 -29.51 -14.59 11.72
N LYS B 52 -29.64 -13.29 11.98
CA LYS B 52 -28.55 -12.34 11.82
C LYS B 52 -28.21 -11.73 13.17
N PHE B 53 -27.30 -10.75 13.15
CA PHE B 53 -26.88 -10.08 14.36
C PHE B 53 -26.45 -8.66 14.01
N SER B 54 -26.44 -7.80 15.03
CA SER B 54 -26.08 -6.41 14.84
C SER B 54 -24.58 -6.29 14.61
N ARG B 55 -24.09 -5.05 14.55
CA ARG B 55 -22.66 -4.82 14.43
C ARG B 55 -22.14 -3.79 15.43
N ASP B 56 -23.00 -3.24 16.29
CA ASP B 56 -22.57 -2.40 17.40
C ASP B 56 -23.65 -2.42 18.48
N PHE B 57 -23.25 -2.01 19.67
CA PHE B 57 -24.18 -1.86 20.78
C PHE B 57 -23.50 -1.03 21.87
N ILE B 58 -24.31 -0.52 22.79
CA ILE B 58 -23.82 0.17 23.96
C ILE B 58 -24.92 0.19 25.01
N LEU B 59 -24.61 -0.18 26.25
CA LEU B 59 -25.66 -0.29 27.25
C LEU B 59 -25.11 0.06 28.63
N ILE B 60 -26.02 0.45 29.51
CA ILE B 60 -25.71 0.66 30.92
C ILE B 60 -26.89 0.14 31.74
N SER B 61 -26.73 -1.04 32.33
CA SER B 61 -27.84 -1.68 33.04
C SER B 61 -27.89 -1.17 34.47
N GLU B 62 -29.05 -0.63 34.86
CA GLU B 62 -29.29 -0.15 36.21
C GLU B 62 -30.79 -0.19 36.42
N PHE B 63 -31.23 0.20 37.62
CA PHE B 63 -32.62 0.06 38.04
C PHE B 63 -33.05 -1.40 37.97
N LYS B 80 -29.71 -0.16 23.38
CA LYS B 80 -29.38 1.26 23.37
C LYS B 80 -28.28 1.59 22.37
N VAL B 81 -28.53 2.58 21.52
CA VAL B 81 -27.56 3.12 20.55
C VAL B 81 -27.22 2.09 19.49
N PHE B 82 -26.90 2.58 18.29
CA PHE B 82 -26.67 1.80 17.09
C PHE B 82 -25.45 2.38 16.39
N GLY B 83 -25.33 2.13 15.09
CA GLY B 83 -24.14 2.49 14.36
C GLY B 83 -23.88 1.55 13.22
N THR B 84 -24.70 0.51 13.10
CA THR B 84 -24.59 -0.39 11.96
C THR B 84 -24.76 0.36 10.65
N PHE B 85 -25.85 1.11 10.51
CA PHE B 85 -26.07 1.99 9.38
C PHE B 85 -26.72 3.28 9.83
N ASP B 86 -26.22 3.87 10.92
CA ASP B 86 -26.82 5.02 11.57
C ASP B 86 -28.27 4.72 11.98
N LEU B 87 -28.36 3.84 12.98
CA LEU B 87 -29.64 3.32 13.47
C LEU B 87 -30.38 2.56 12.37
N ASN B 88 -29.73 1.53 11.86
CA ASN B 88 -30.34 0.68 10.85
C ASN B 88 -31.55 -0.05 11.42
N TYR B 89 -32.60 -0.17 10.59
CA TYR B 89 -33.83 -0.80 11.04
C TYR B 89 -33.76 -2.33 10.95
N PHE B 90 -32.79 -2.86 10.22
CA PHE B 90 -32.71 -4.30 9.99
C PHE B 90 -31.83 -4.95 11.05
N SER B 91 -32.47 -5.51 12.06
CA SER B 91 -31.88 -6.28 13.16
C SER B 91 -32.68 -7.54 13.38
N LEU B 92 -32.88 -8.29 12.29
CA LEU B 92 -33.94 -9.30 12.12
C LEU B 92 -34.20 -10.15 13.35
N ARG B 93 -35.46 -10.56 13.52
CA ARG B 93 -35.95 -11.09 14.79
C ARG B 93 -35.36 -12.47 15.08
N ILE B 94 -34.05 -12.51 15.31
CA ILE B 94 -33.39 -13.64 15.95
C ILE B 94 -32.44 -13.20 17.05
N MET B 95 -32.30 -11.90 17.28
CA MET B 95 -31.36 -11.36 18.25
C MET B 95 -32.07 -10.24 19.00
N SER B 96 -32.41 -10.49 20.26
CA SER B 96 -33.14 -9.50 21.05
C SER B 96 -32.30 -8.26 21.31
N VAL B 97 -33.00 -7.13 21.44
CA VAL B 97 -32.31 -5.86 21.61
C VAL B 97 -31.56 -5.81 22.93
N ASP B 98 -32.13 -6.42 23.98
CA ASP B 98 -31.51 -6.35 25.29
C ASP B 98 -31.32 -7.70 25.98
N TYR B 99 -31.67 -8.82 25.33
CA TYR B 99 -31.31 -10.11 25.93
C TYR B 99 -29.80 -10.27 26.02
N GLN B 100 -29.08 -9.90 24.97
CA GLN B 100 -27.63 -9.98 25.02
C GLN B 100 -27.07 -8.93 25.98
N ALA B 101 -27.75 -7.78 26.09
CA ALA B 101 -27.33 -6.78 27.08
C ALA B 101 -27.43 -7.35 28.49
N SER B 102 -28.48 -8.13 28.76
CA SER B 102 -28.56 -8.86 30.01
C SER B 102 -27.44 -9.89 30.11
N PHE B 103 -27.16 -10.58 29.01
CA PHE B 103 -26.15 -11.64 29.02
C PHE B 103 -24.75 -11.07 29.24
N VAL B 104 -24.45 -9.93 28.63
CA VAL B 104 -23.13 -9.33 28.79
C VAL B 104 -22.97 -8.68 30.16
N GLY B 105 -24.06 -8.46 30.89
CA GLY B 105 -23.96 -7.99 32.26
C GLY B 105 -23.23 -8.99 33.12
N HIS B 106 -22.00 -8.65 33.51
CA HIS B 106 -21.09 -9.60 34.12
C HIS B 106 -20.29 -8.91 35.21
N PRO B 107 -19.72 -9.67 36.14
CA PRO B 107 -18.93 -9.07 37.23
C PRO B 107 -17.77 -8.22 36.74
N PRO B 108 -17.00 -8.62 35.66
CA PRO B 108 -15.74 -7.93 35.34
C PRO B 108 -15.74 -6.42 35.54
N GLY B 109 -14.72 -5.93 36.23
CA GLY B 109 -14.67 -4.55 36.67
C GLY B 109 -15.01 -4.46 38.14
N SER B 110 -13.98 -4.36 38.98
CA SER B 110 -14.16 -4.36 40.43
C SER B 110 -12.86 -4.01 41.14
N LEU B 115 -9.15 4.58 40.34
CA LEU B 115 -9.48 5.15 39.04
C LEU B 115 -9.72 4.05 38.01
N ASN B 116 -9.55 2.79 38.43
CA ASN B 116 -9.77 1.62 37.61
C ASN B 116 -8.96 1.66 36.32
N PHE B 117 -9.25 0.78 35.38
CA PHE B 117 -8.50 0.71 34.13
C PHE B 117 -9.31 -0.09 33.12
N VAL B 118 -8.73 -0.27 31.93
CA VAL B 118 -9.41 -0.98 30.86
C VAL B 118 -9.62 -2.44 31.24
N GLU B 119 -10.55 -3.08 30.54
CA GLU B 119 -10.80 -4.51 30.74
C GLU B 119 -11.44 -5.05 29.46
N ASP B 120 -10.64 -5.72 28.65
CA ASP B 120 -11.17 -6.39 27.47
C ASP B 120 -11.77 -7.73 27.86
N SER B 121 -12.49 -8.34 26.93
CA SER B 121 -13.12 -9.64 27.17
C SER B 121 -13.56 -10.22 25.84
N LYS B 122 -14.13 -11.43 25.91
CA LYS B 122 -14.80 -12.05 24.79
C LYS B 122 -15.99 -12.84 25.32
N VAL B 123 -16.94 -13.11 24.44
CA VAL B 123 -18.17 -13.78 24.84
C VAL B 123 -18.23 -15.14 24.19
N VAL B 124 -19.29 -15.89 24.47
CA VAL B 124 -19.42 -17.25 23.97
C VAL B 124 -20.54 -17.32 22.95
N LEU B 125 -20.79 -18.52 22.42
CA LEU B 125 -21.79 -18.72 21.39
C LEU B 125 -23.19 -18.72 22.02
N GLY B 126 -24.16 -19.20 21.26
CA GLY B 126 -25.54 -19.23 21.73
C GLY B 126 -26.47 -19.71 20.63
N ASP B 127 -27.57 -19.00 20.43
CA ASP B 127 -28.51 -19.27 19.33
C ASP B 127 -28.82 -17.92 18.68
N SER B 128 -28.08 -17.57 17.63
CA SER B 128 -27.00 -18.41 17.12
C SER B 128 -25.78 -17.59 16.69
N LYS B 129 -25.53 -16.48 17.37
CA LYS B 129 -24.49 -15.53 16.98
C LYS B 129 -23.39 -15.49 18.04
N GLU B 130 -22.15 -15.60 17.59
CA GLU B 130 -21.00 -15.52 18.48
C GLU B 130 -20.77 -14.06 18.91
N GLY B 131 -20.33 -13.91 20.15
CA GLY B 131 -20.03 -12.60 20.67
C GLY B 131 -18.73 -12.07 20.11
N ALA B 132 -18.33 -10.91 20.62
CA ALA B 132 -17.12 -10.27 20.13
C ALA B 132 -16.62 -9.30 21.20
N PHE B 133 -15.68 -8.45 20.82
CA PHE B 133 -14.98 -7.57 21.74
C PHE B 133 -15.96 -6.74 22.56
N ALA B 134 -15.89 -6.88 23.87
CA ALA B 134 -16.87 -6.31 24.77
C ALA B 134 -16.24 -5.33 25.74
N TYR B 135 -15.44 -4.41 25.22
CA TYR B 135 -14.72 -3.46 26.05
C TYR B 135 -15.64 -2.77 27.06
N VAL B 136 -15.36 -2.99 28.33
CA VAL B 136 -16.12 -2.41 29.43
C VAL B 136 -15.28 -1.32 30.06
N HIS B 137 -15.87 -0.13 30.26
CA HIS B 137 -15.15 0.97 30.88
C HIS B 137 -16.13 1.89 31.58
N HIS B 138 -15.75 2.33 32.78
CA HIS B 138 -16.58 3.27 33.51
C HIS B 138 -16.64 4.60 32.78
N LEU B 139 -17.81 5.25 32.83
CA LEU B 139 -17.99 6.47 32.05
C LEU B 139 -17.38 7.69 32.76
N THR B 140 -17.92 8.05 33.91
CA THR B 140 -17.52 9.27 34.61
C THR B 140 -18.10 9.23 36.01
N LEU B 141 -18.02 10.37 36.71
CA LEU B 141 -18.58 10.52 38.06
C LEU B 141 -19.93 11.19 37.95
N TYR B 142 -20.99 10.40 38.08
CA TYR B 142 -22.36 10.90 38.00
C TYR B 142 -22.79 11.46 39.36
N ASP B 143 -24.09 11.67 39.51
CA ASP B 143 -24.69 12.16 40.76
C ASP B 143 -24.02 13.43 41.26
N ARG B 147 -22.90 4.22 43.82
CA ARG B 147 -23.47 5.39 43.16
C ARG B 147 -22.46 6.52 43.08
N GLY B 148 -21.36 6.38 43.84
CA GLY B 148 -20.36 7.43 43.87
C GLY B 148 -19.71 7.66 42.53
N PHE B 149 -19.33 6.59 41.84
CA PHE B 149 -18.73 6.71 40.52
C PHE B 149 -19.16 5.60 39.56
N VAL B 150 -20.19 4.82 39.90
CA VAL B 150 -20.57 3.68 39.08
C VAL B 150 -21.07 4.17 37.73
N ARG B 151 -20.59 3.55 36.66
CA ARG B 151 -21.03 3.87 35.31
C ARG B 151 -20.68 2.74 34.36
N PRO B 152 -21.43 1.65 34.38
CA PRO B 152 -21.08 0.45 33.57
C PRO B 152 -21.38 0.63 32.08
N PHE B 153 -20.43 1.25 31.38
CA PHE B 153 -20.57 1.51 29.96
C PHE B 153 -19.79 0.47 29.17
N CYS B 154 -20.50 -0.31 28.37
CA CYS B 154 -19.90 -1.35 27.54
C CYS B 154 -20.03 -0.98 26.08
N MET B 155 -18.90 -0.92 25.37
CA MET B 155 -18.90 -0.62 23.93
C MET B 155 -18.82 -1.93 23.18
N ALA B 156 -19.86 -2.74 23.33
CA ALA B 156 -19.87 -4.09 22.80
C ALA B 156 -19.89 -4.08 21.27
N TYR B 157 -19.17 -5.02 20.68
CA TYR B 157 -19.19 -5.27 19.25
C TYR B 157 -19.59 -6.73 19.03
N ILE B 158 -20.12 -7.04 17.86
CA ILE B 158 -20.59 -8.38 17.60
C ILE B 158 -20.53 -8.66 16.11
N SER B 159 -20.33 -9.94 15.77
CA SER B 159 -20.31 -10.39 14.38
C SER B 159 -20.80 -11.83 14.33
N ALA B 160 -21.29 -12.24 13.17
CA ALA B 160 -21.81 -13.57 12.96
C ALA B 160 -20.75 -14.55 12.48
N ASP B 161 -19.53 -14.09 12.24
CA ASP B 161 -18.41 -14.95 11.87
C ASP B 161 -17.52 -15.13 13.10
N GLN B 162 -17.45 -16.36 13.60
CA GLN B 162 -16.76 -16.61 14.87
C GLN B 162 -15.28 -16.27 14.76
N HIS B 163 -14.56 -16.98 13.89
CA HIS B 163 -13.11 -16.92 13.87
C HIS B 163 -12.58 -15.52 13.57
N LYS B 164 -13.40 -14.66 12.95
CA LYS B 164 -12.91 -13.37 12.50
C LYS B 164 -12.43 -12.51 13.65
N ILE B 165 -13.21 -12.45 14.73
CA ILE B 165 -12.83 -11.61 15.86
C ILE B 165 -11.53 -12.10 16.48
N MET B 166 -11.41 -13.42 16.66
CA MET B 166 -10.20 -13.97 17.26
C MET B 166 -8.99 -13.65 16.39
N GLN B 167 -9.10 -13.84 15.08
CA GLN B 167 -7.95 -13.61 14.21
C GLN B 167 -7.55 -12.14 14.17
N GLN B 168 -8.54 -11.24 14.11
CA GLN B 168 -8.25 -9.83 13.94
C GLN B 168 -8.20 -9.06 15.25
N PHE B 169 -8.21 -9.77 16.39
CA PHE B 169 -8.28 -9.12 17.69
C PHE B 169 -7.24 -8.03 17.85
N GLN B 170 -6.01 -8.27 17.38
CA GLN B 170 -4.95 -7.30 17.59
C GLN B 170 -5.28 -5.96 16.93
N GLU B 171 -5.78 -5.99 15.69
CA GLU B 171 -6.14 -4.76 15.02
C GLU B 171 -7.45 -4.19 15.55
N LEU B 172 -8.39 -5.06 15.94
CA LEU B 172 -9.69 -4.59 16.40
C LEU B 172 -9.59 -3.88 17.73
N SER B 173 -8.61 -4.25 18.56
CA SER B 173 -8.53 -3.69 19.90
C SER B 173 -8.18 -2.21 19.88
N ALA B 174 -7.24 -1.82 19.02
CA ALA B 174 -6.68 -0.47 19.10
C ALA B 174 -7.73 0.60 18.79
N GLU B 175 -8.59 0.35 17.80
CA GLU B 175 -9.57 1.35 17.42
C GLU B 175 -10.56 1.61 18.55
N PHE B 176 -11.11 0.54 19.14
CA PHE B 176 -11.99 0.70 20.29
C PHE B 176 -11.25 1.33 21.45
N SER B 177 -9.96 1.02 21.62
CA SER B 177 -9.20 1.62 22.70
C SER B 177 -9.11 3.13 22.54
N ARG B 178 -8.82 3.58 21.32
CA ARG B 178 -8.78 5.01 21.05
C ARG B 178 -10.15 5.65 21.26
N ALA B 179 -11.21 4.96 20.81
CA ALA B 179 -12.56 5.48 20.97
C ALA B 179 -12.89 5.67 22.44
N SER B 180 -12.61 4.67 23.26
CA SER B 180 -12.91 4.77 24.69
C SER B 180 -12.02 5.80 25.37
N GLU B 181 -10.75 5.89 24.97
CA GLU B 181 -9.88 6.91 25.50
C GLU B 181 -10.40 8.30 25.20
N CYS B 182 -11.08 8.47 24.06
CA CYS B 182 -11.73 9.75 23.79
C CYS B 182 -12.78 10.07 24.85
N LEU B 183 -13.66 9.11 25.15
CA LEU B 183 -14.68 9.34 26.18
C LEU B 183 -14.03 9.63 27.52
N LYS B 184 -12.93 8.93 27.83
CA LYS B 184 -12.27 9.11 29.11
C LYS B 184 -11.65 10.49 29.22
N THR B 185 -10.92 10.93 28.20
CA THR B 185 -10.36 12.27 28.19
C THR B 185 -11.42 13.34 28.02
N GLY B 186 -12.65 12.95 27.70
CA GLY B 186 -13.76 13.87 27.56
C GLY B 186 -14.62 13.88 28.80
N ASN B 187 -15.67 13.06 28.79
CA ASN B 187 -16.74 13.11 29.79
C ASN B 187 -16.21 13.17 31.21
N ARG B 188 -14.97 12.75 31.46
CA ARG B 188 -14.37 13.02 32.76
C ARG B 188 -14.27 14.52 33.01
N LYS B 189 -13.91 15.28 31.98
CA LYS B 189 -13.87 16.73 32.12
C LYS B 189 -15.27 17.30 32.38
N ALA B 190 -16.28 16.75 31.72
CA ALA B 190 -17.65 17.21 31.95
C ALA B 190 -18.10 16.92 33.38
N PHE B 191 -17.87 15.71 33.85
CA PHE B 191 -18.27 15.54 35.27
C PHE B 191 -17.67 16.75 35.97
N ALA B 192 -16.40 16.99 35.61
CA ALA B 192 -15.52 18.07 36.09
C ALA B 192 -16.34 19.32 36.41
N GLY B 193 -16.97 19.86 35.39
CA GLY B 193 -17.79 21.06 35.57
C GLY B 193 -18.87 20.85 36.59
N GLU B 194 -19.56 19.70 36.58
CA GLU B 194 -20.70 19.51 37.53
C GLU B 194 -20.14 19.65 38.94
N LEU B 195 -19.06 18.92 39.19
CA LEU B 195 -18.40 18.97 40.50
C LEU B 195 -18.11 20.43 40.84
N GLU B 196 -17.42 21.11 39.93
CA GLU B 196 -17.02 22.52 40.10
C GLU B 196 -18.21 23.37 40.57
N LYS B 197 -19.27 23.42 39.76
CA LYS B 197 -20.46 24.25 40.08
C LYS B 197 -20.95 23.88 41.46
N LYS B 198 -21.27 22.60 41.64
CA LYS B 198 -21.80 22.00 42.89
C LYS B 198 -21.03 22.56 44.08
N LEU B 199 -19.72 22.37 44.03
CA LEU B 199 -18.91 22.97 45.11
C LEU B 199 -19.16 24.46 44.98
N LYS B 200 -19.13 24.96 43.75
CA LYS B 200 -19.32 26.41 43.79
C LYS B 200 -20.63 26.76 44.47
N ASP B 201 -21.69 26.04 44.16
CA ASP B 201 -22.97 26.28 44.81
C ASP B 201 -22.90 25.97 46.31
N LEU B 202 -22.24 24.86 46.66
CA LEU B 202 -22.08 24.53 48.06
C LEU B 202 -21.24 25.57 48.79
N ASP B 203 -20.21 26.10 48.13
CA ASP B 203 -19.38 27.12 48.74
C ASP B 203 -20.15 28.42 48.90
N TYR B 204 -21.02 28.74 47.94
CA TYR B 204 -21.88 29.91 48.09
C TYR B 204 -22.82 29.74 49.27
N THR B 205 -23.37 28.53 49.42
CA THR B 205 -24.21 28.25 50.58
C THR B 205 -23.42 28.38 51.87
N ARG B 206 -22.17 27.91 51.87
CA ARG B 206 -21.33 28.01 53.05
C ARG B 206 -21.00 29.46 53.36
N THR B 207 -20.78 30.28 52.32
CA THR B 207 -20.54 31.70 52.55
C THR B 207 -21.78 32.38 53.10
N VAL B 208 -22.94 32.04 52.57
CA VAL B 208 -24.19 32.59 53.09
C VAL B 208 -24.35 32.21 54.56
N LEU B 209 -24.04 30.95 54.89
CA LEU B 209 -24.07 30.53 56.28
C LEU B 209 -23.10 31.36 57.12
N HIS B 210 -21.81 31.31 56.76
CA HIS B 210 -20.77 31.97 57.55
C HIS B 210 -20.94 33.47 57.62
N THR B 211 -21.79 34.05 56.77
CA THR B 211 -22.11 35.46 56.96
C THR B 211 -23.39 35.64 57.77
N GLU B 212 -24.54 35.20 57.24
CA GLU B 212 -25.81 35.51 57.86
C GLU B 212 -26.01 34.71 59.13
N THR B 213 -25.80 33.39 59.07
CA THR B 213 -25.99 32.56 60.26
C THR B 213 -24.97 32.91 61.33
N GLU B 214 -23.75 33.27 60.91
CA GLU B 214 -22.75 33.69 61.88
C GLU B 214 -23.15 34.99 62.55
N ILE B 215 -23.72 35.93 61.78
CA ILE B 215 -24.21 37.17 62.38
C ILE B 215 -25.36 36.87 63.34
N GLN B 216 -26.23 35.93 62.95
CA GLN B 216 -27.35 35.55 63.81
C GLN B 216 -26.85 34.95 65.12
N LYS B 217 -25.82 34.12 65.04
CA LYS B 217 -25.18 33.62 66.26
C LYS B 217 -24.60 34.78 67.06
N LYS B 218 -23.97 35.74 66.38
CA LYS B 218 -23.55 36.97 67.04
C LYS B 218 -24.75 37.78 67.52
N ALA B 219 -25.90 37.59 66.88
CA ALA B 219 -27.13 38.23 67.32
C ALA B 219 -27.79 37.40 68.42
N TYR B 225 -31.71 24.93 67.88
CA TYR B 225 -31.51 26.35 67.67
C TYR B 225 -30.25 26.61 66.85
N SER B 226 -29.48 27.63 67.26
CA SER B 226 -28.26 27.96 66.54
C SER B 226 -27.25 26.82 66.60
N SER B 227 -27.35 25.97 67.63
CA SER B 227 -26.49 24.80 67.69
C SER B 227 -26.75 23.85 66.54
N GLN B 228 -28.02 23.66 66.17
CA GLN B 228 -28.35 22.86 65.00
C GLN B 228 -27.79 23.49 63.75
N ALA B 229 -27.83 24.82 63.66
CA ALA B 229 -27.24 25.52 62.52
C ALA B 229 -25.74 25.26 62.47
N ILE B 230 -25.07 25.27 63.61
CA ILE B 230 -23.63 25.02 63.64
C ILE B 230 -23.33 23.59 63.21
N GLU B 231 -24.16 22.65 63.66
CA GLU B 231 -23.97 21.26 63.25
C GLU B 231 -24.15 21.10 61.75
N LYS B 232 -25.17 21.75 61.19
CA LYS B 232 -25.38 21.72 59.75
C LYS B 232 -24.19 22.33 59.02
N ALA B 233 -23.64 23.43 59.56
CA ALA B 233 -22.49 24.06 58.94
C ALA B 233 -21.27 23.14 58.98
N ASN B 234 -21.08 22.43 60.09
CA ASN B 234 -19.98 21.47 60.17
C ASN B 234 -20.15 20.36 59.15
N GLU B 235 -21.38 19.84 59.02
CA GLU B 235 -21.64 18.80 58.02
C GLU B 235 -21.36 19.32 56.61
N LEU B 236 -21.78 20.56 56.33
CA LEU B 236 -21.52 21.15 55.03
C LEU B 236 -20.04 21.33 54.78
N ALA B 237 -19.29 21.74 55.81
CA ALA B 237 -17.85 21.91 55.66
C ALA B 237 -17.18 20.57 55.37
N SER B 238 -17.62 19.51 56.05
CA SER B 238 -17.08 18.18 55.78
C SER B 238 -17.38 17.75 54.35
N VAL B 239 -18.62 17.96 53.91
CA VAL B 239 -18.98 17.60 52.53
C VAL B 239 -18.16 18.43 51.54
N GLU B 240 -17.91 19.69 51.87
CA GLU B 240 -17.12 20.56 51.00
C GLU B 240 -15.68 20.07 50.91
N LYS B 241 -15.12 19.65 52.03
CA LYS B 241 -13.77 19.07 52.01
C LYS B 241 -13.74 17.80 51.17
N SER B 242 -14.76 16.96 51.30
CA SER B 242 -14.84 15.75 50.49
C SER B 242 -14.90 16.09 49.01
N ILE B 243 -15.71 17.08 48.65
CA ILE B 243 -15.81 17.49 47.25
C ILE B 243 -14.49 18.05 46.77
N ILE B 244 -13.80 18.82 47.62
CA ILE B 244 -12.52 19.41 47.22
C ILE B 244 -11.50 18.31 46.94
N GLU B 245 -11.45 17.31 47.82
CA GLU B 245 -10.52 16.20 47.62
C GLU B 245 -10.86 15.42 46.35
N HIS B 246 -12.15 15.15 46.12
CA HIS B 246 -12.54 14.43 44.91
C HIS B 246 -12.18 15.21 43.67
N GLN B 247 -12.38 16.53 43.68
CA GLN B 247 -12.04 17.36 42.53
C GLN B 247 -10.54 17.37 42.30
N ASP B 248 -9.75 17.48 43.37
CA ASP B 248 -8.30 17.45 43.22
C ASP B 248 -7.83 16.13 42.64
N LEU B 249 -8.42 15.02 43.09
CA LEU B 249 -8.06 13.72 42.56
C LEU B 249 -8.43 13.60 41.09
N LEU B 250 -9.63 14.07 40.72
CA LEU B 250 -10.08 13.95 39.35
C LEU B 250 -9.28 14.83 38.40
N LYS B 251 -8.61 15.84 38.93
CA LYS B 251 -7.76 16.52 37.91
C LYS B 251 -6.95 15.39 37.26
N GLN B 252 -5.96 14.90 38.03
CA GLN B 252 -4.94 13.83 37.82
C GLN B 252 -4.96 13.05 36.49
N ILE B 253 -3.81 13.07 35.81
CA ILE B 253 -3.48 12.42 34.49
C ILE B 253 -4.47 11.34 34.07
N ARG B 254 -4.58 10.27 34.87
CA ARG B 254 -5.48 9.09 34.72
C ARG B 254 -5.77 8.80 33.25
N THR B 328 -21.64 17.94 24.33
CA THR B 328 -21.60 17.47 22.95
C THR B 328 -20.27 17.83 22.29
N GLU B 329 -19.38 18.44 23.08
CA GLU B 329 -18.09 18.83 22.54
C GLU B 329 -17.22 17.63 22.20
N TYR B 330 -17.46 16.49 22.83
CA TYR B 330 -16.67 15.29 22.60
C TYR B 330 -17.46 14.10 22.07
N PHE B 331 -18.78 14.07 22.27
CA PHE B 331 -19.57 12.93 21.83
C PHE B 331 -19.64 12.81 20.31
N THR B 332 -19.59 13.94 19.61
CA THR B 332 -19.74 13.93 18.16
C THR B 332 -18.61 13.17 17.48
N GLN B 333 -17.36 13.52 17.80
CA GLN B 333 -16.27 12.81 17.15
C GLN B 333 -16.14 11.39 17.65
N THR B 334 -16.64 11.08 18.85
CA THR B 334 -16.61 9.70 19.31
C THR B 334 -17.57 8.84 18.51
N LEU B 335 -18.78 9.35 18.27
CA LEU B 335 -19.68 8.60 17.39
C LEU B 335 -19.12 8.53 15.97
N ALA B 336 -18.42 9.58 15.54
CA ALA B 336 -17.77 9.52 14.22
C ALA B 336 -16.72 8.43 14.17
N GLN B 337 -15.92 8.31 15.21
CA GLN B 337 -14.88 7.28 15.23
C GLN B 337 -15.48 5.88 15.34
N LEU B 338 -16.59 5.76 16.06
CA LEU B 338 -17.29 4.47 16.08
C LEU B 338 -17.80 4.10 14.70
N SER B 339 -18.35 5.07 13.97
CA SER B 339 -18.76 4.82 12.60
C SER B 339 -17.57 4.42 11.75
N HIS B 340 -16.43 5.08 11.94
CA HIS B 340 -15.23 4.71 11.20
C HIS B 340 -14.81 3.29 11.51
N ILE B 341 -14.87 2.90 12.78
CA ILE B 341 -14.55 1.52 13.15
C ILE B 341 -15.48 0.55 12.43
N GLU B 342 -16.77 0.89 12.36
CA GLU B 342 -17.71 0.07 11.61
C GLU B 342 -17.36 0.05 10.12
N HIS B 343 -16.71 1.09 9.61
CA HIS B 343 -16.55 1.28 8.18
C HIS B 343 -15.83 0.14 7.46
N MET B 344 -14.55 -0.09 7.73
CA MET B 344 -13.80 -0.97 6.85
C MET B 344 -13.93 -2.45 7.20
N PHE B 345 -14.66 -2.81 8.25
CA PHE B 345 -14.82 -4.22 8.59
C PHE B 345 -16.09 -4.84 8.05
N ARG B 346 -16.87 -4.12 7.23
CA ARG B 346 -18.11 -4.70 6.71
C ARG B 346 -17.85 -6.01 5.97
N GLY B 347 -16.75 -6.11 5.25
CA GLY B 347 -16.49 -7.29 4.46
C GLY B 347 -16.18 -8.49 5.31
N ASP B 348 -16.16 -9.65 4.65
CA ASP B 348 -15.80 -10.90 5.31
C ASP B 348 -14.32 -10.92 5.64
N LEU B 349 -13.96 -11.84 6.55
CA LEU B 349 -12.56 -12.01 6.94
C LEU B 349 -11.72 -12.46 5.77
N CYS B 350 -12.32 -13.20 4.82
CA CYS B 350 -11.58 -13.72 3.69
C CYS B 350 -10.90 -12.60 2.91
N TYR B 351 -11.63 -11.51 2.67
CA TYR B 351 -11.04 -10.37 1.97
C TYR B 351 -10.15 -9.55 2.90
N LEU B 352 -10.47 -9.52 4.20
CA LEU B 352 -9.68 -8.73 5.13
C LEU B 352 -8.26 -9.26 5.27
N LEU B 353 -8.10 -10.59 5.27
CA LEU B 353 -6.76 -11.15 5.37
C LEU B 353 -5.89 -10.74 4.18
N THR B 354 -6.43 -10.83 2.97
CA THR B 354 -5.68 -10.41 1.79
C THR B 354 -5.41 -8.91 1.81
N SER B 355 -6.36 -8.12 2.29
CA SER B 355 -6.17 -6.67 2.33
C SER B 355 -5.03 -6.26 3.23
N GLN B 356 -4.58 -7.15 4.13
CA GLN B 356 -3.40 -6.89 4.92
C GLN B 356 -2.15 -7.57 4.38
N ILE B 357 -2.28 -8.78 3.84
CA ILE B 357 -1.13 -9.47 3.28
C ILE B 357 -0.55 -8.68 2.10
N ASP B 358 -1.42 -8.21 1.21
CA ASP B 358 -0.94 -7.45 0.06
C ASP B 358 -0.30 -6.14 0.48
N ARG B 359 -0.90 -5.44 1.44
CA ARG B 359 -0.31 -4.20 1.91
C ARG B 359 1.03 -4.45 2.58
N ALA B 360 1.19 -5.61 3.23
CA ALA B 360 2.49 -5.99 3.77
C ALA B 360 3.50 -6.20 2.66
N LEU B 361 3.12 -6.92 1.60
CA LEU B 361 4.07 -7.20 0.53
C LEU B 361 4.49 -5.96 -0.22
N LEU B 362 3.55 -5.08 -0.57
CA LEU B 362 3.87 -3.98 -1.48
C LEU B 362 4.84 -2.96 -0.89
N LYS B 363 5.09 -2.96 0.41
CA LYS B 363 6.08 -2.01 0.91
C LYS B 363 7.51 -2.47 0.67
N GLN B 364 7.71 -3.65 0.09
CA GLN B 364 9.04 -4.12 -0.26
C GLN B 364 9.39 -3.88 -1.72
N GLN B 365 8.41 -3.89 -2.61
CA GLN B 365 8.66 -3.68 -4.04
C GLN B 365 8.50 -2.20 -4.40
N HIS B 366 9.30 -1.37 -3.76
CA HIS B 366 9.20 0.07 -3.97
C HIS B 366 9.61 0.49 -5.37
N ILE B 367 10.52 -0.24 -6.02
CA ILE B 367 11.04 0.15 -7.32
C ILE B 367 10.10 -0.23 -8.44
N THR B 368 9.60 -1.45 -8.44
CA THR B 368 8.86 -1.99 -9.58
C THR B 368 7.36 -1.66 -9.51
N ASN B 369 6.89 -1.05 -8.41
CA ASN B 369 5.46 -0.85 -8.19
C ASN B 369 4.89 0.34 -8.95
N PHE B 370 5.72 1.22 -9.51
CA PHE B 370 5.22 2.47 -10.05
C PHE B 370 4.43 2.29 -11.35
N LEU B 371 4.41 1.08 -11.92
CA LEU B 371 3.68 0.89 -13.17
C LEU B 371 2.17 0.93 -12.95
N PHE B 372 1.65 0.00 -12.14
CA PHE B 372 0.21 -0.15 -11.97
C PHE B 372 -0.19 -0.12 -10.50
N GLU B 373 0.40 0.80 -9.72
CA GLU B 373 0.06 0.91 -8.32
C GLU B 373 -1.28 1.59 -8.09
N ASP B 374 -1.80 2.28 -9.10
CA ASP B 374 -3.16 2.84 -9.09
C ASP B 374 -3.34 3.85 -7.96
N PHE B 375 -2.54 4.92 -8.03
CA PHE B 375 -2.70 6.06 -7.13
C PHE B 375 -1.93 7.27 -7.66
N ALA B 706 -16.41 -0.09 -14.87
CA ALA B 706 -15.00 -0.08 -15.17
C ALA B 706 -14.61 -1.32 -15.97
N GLY B 707 -15.26 -2.44 -15.68
CA GLY B 707 -14.95 -3.68 -16.35
C GLY B 707 -15.96 -4.10 -17.39
N GLN B 708 -17.25 -3.91 -17.08
CA GLN B 708 -18.31 -4.38 -17.97
C GLN B 708 -18.18 -3.76 -19.36
N ASN B 709 -18.00 -2.44 -19.42
CA ASN B 709 -17.70 -1.81 -20.70
C ASN B 709 -16.37 -2.32 -21.25
N ALA B 710 -15.36 -2.44 -20.39
CA ALA B 710 -14.08 -2.97 -20.83
C ALA B 710 -14.22 -4.40 -21.33
N LEU B 711 -15.01 -5.20 -20.63
CA LEU B 711 -15.23 -6.59 -21.05
C LEU B 711 -15.87 -6.63 -22.43
N LYS B 712 -16.83 -5.73 -22.69
CA LYS B 712 -17.46 -5.69 -24.00
C LYS B 712 -16.45 -5.38 -25.09
N PHE B 713 -15.46 -4.53 -24.78
CA PHE B 713 -14.40 -4.26 -25.74
C PHE B 713 -13.61 -5.52 -26.07
N ILE B 714 -13.63 -6.52 -25.20
CA ILE B 714 -13.03 -7.80 -25.51
C ILE B 714 -14.12 -8.85 -25.68
N GLN B 716 -16.94 -7.94 -27.34
CA GLN B 716 -17.93 -7.83 -28.40
C GLN B 716 -17.36 -7.08 -29.60
N TYR B 717 -16.20 -6.47 -29.41
CA TYR B 717 -15.53 -5.73 -30.48
C TYR B 717 -14.44 -6.59 -31.08
N PRO B 718 -14.60 -7.11 -32.30
CA PRO B 718 -13.58 -7.95 -32.90
C PRO B 718 -12.31 -7.16 -33.21
N PHE B 719 -11.28 -7.90 -33.59
CA PHE B 719 -9.96 -7.38 -33.96
C PHE B 719 -9.49 -6.27 -33.04
N ALA B 720 -9.76 -6.39 -31.75
CA ALA B 720 -9.32 -5.41 -30.77
C ALA B 720 -8.00 -5.75 -30.12
N HIS B 721 -7.49 -6.97 -30.33
CA HIS B 721 -6.26 -7.40 -29.67
C HIS B 721 -5.08 -6.46 -29.92
N PRO B 722 -4.75 -6.07 -31.16
CA PRO B 722 -3.57 -5.22 -31.36
C PRO B 722 -3.65 -3.88 -30.66
N ALA B 723 -4.84 -3.42 -30.30
CA ALA B 723 -4.94 -2.21 -29.51
C ALA B 723 -4.23 -2.36 -28.18
N ILE B 724 -4.38 -3.52 -27.54
CA ILE B 724 -3.72 -3.75 -26.27
C ILE B 724 -2.21 -3.69 -26.43
N TYR B 725 -1.68 -4.32 -27.49
CA TYR B 725 -0.25 -4.30 -27.72
C TYR B 725 0.24 -2.88 -27.99
N SER B 726 -0.52 -2.11 -28.78
CA SER B 726 -0.13 -0.73 -29.02
C SER B 726 -0.11 0.07 -27.73
N LEU B 727 -1.11 -0.14 -26.88
CA LEU B 727 -1.15 0.57 -25.60
C LEU B 727 0.04 0.19 -24.72
N LEU B 728 0.40 -1.09 -24.71
CA LEU B 728 1.48 -1.55 -23.85
C LEU B 728 2.84 -1.12 -24.36
N SER B 729 3.03 -1.09 -25.68
CA SER B 729 4.36 -0.89 -26.26
C SER B 729 4.85 0.55 -26.16
N GLY B 730 3.99 1.50 -25.84
CA GLY B 730 4.39 2.89 -25.77
C GLY B 730 3.95 3.75 -26.93
N ARG B 731 3.38 3.16 -27.98
CA ARG B 731 2.82 3.93 -29.06
C ARG B 731 1.53 4.60 -28.60
N THR B 732 1.36 5.87 -28.92
CA THR B 732 0.13 6.58 -28.60
C THR B 732 -1.03 6.01 -29.43
N LEU B 733 -2.15 5.79 -28.78
CA LEU B 733 -3.35 5.25 -29.42
C LEU B 733 -4.39 6.36 -29.44
N VAL B 734 -4.42 7.12 -30.54
CA VAL B 734 -5.38 8.20 -30.68
C VAL B 734 -6.74 7.61 -30.99
N VAL B 735 -7.76 8.02 -30.24
CA VAL B 735 -9.14 7.62 -30.51
C VAL B 735 -9.87 8.84 -31.05
N LEU B 736 -10.37 8.77 -32.28
CA LEU B 736 -10.86 9.95 -32.97
C LEU B 736 -12.28 9.68 -33.44
N GLY B 737 -13.19 10.59 -33.06
CA GLY B 737 -14.59 10.47 -33.45
C GLY B 737 -15.52 11.35 -32.65
N GLU B 738 -16.77 11.46 -33.12
CA GLU B 738 -17.81 12.25 -32.46
C GLU B 738 -18.41 11.38 -31.36
N ASP B 739 -19.59 11.76 -30.84
CA ASP B 739 -20.29 10.99 -29.80
C ASP B 739 -19.47 10.92 -28.51
N GLU B 740 -19.36 12.07 -27.87
CA GLU B 740 -18.69 12.28 -26.58
C GLU B 740 -18.87 11.13 -25.60
N ALA B 741 -20.07 10.56 -25.54
CA ALA B 741 -20.38 9.56 -24.53
C ALA B 741 -19.52 8.31 -24.70
N ILE B 742 -19.49 7.75 -25.91
CA ILE B 742 -18.73 6.53 -26.14
C ILE B 742 -17.23 6.79 -25.95
N VAL B 743 -16.76 7.96 -26.36
CA VAL B 743 -15.36 8.31 -26.19
C VAL B 743 -15.00 8.31 -24.72
N ARG B 744 -15.83 8.94 -23.88
CA ARG B 744 -15.58 8.90 -22.45
C ARG B 744 -15.77 7.52 -21.86
N LYS B 745 -16.60 6.68 -22.47
CA LYS B 745 -16.75 5.32 -21.99
C LYS B 745 -15.47 4.52 -22.18
N LEU B 746 -14.81 4.69 -23.33
CA LEU B 746 -13.62 3.90 -23.63
C LEU B 746 -12.32 4.50 -23.09
N VAL B 747 -12.20 5.83 -23.05
CA VAL B 747 -10.94 6.45 -22.66
C VAL B 747 -10.54 6.10 -21.23
N THR B 748 -11.52 5.86 -20.36
CA THR B 748 -11.23 5.45 -18.99
C THR B 748 -11.26 3.94 -18.82
N ALA B 749 -12.07 3.24 -19.61
CA ALA B 749 -12.10 1.78 -19.54
C ALA B 749 -10.76 1.18 -19.96
N LEU B 750 -10.11 1.75 -20.96
CA LEU B 750 -8.82 1.25 -21.42
C LEU B 750 -7.63 1.88 -20.69
N ALA B 751 -7.88 2.71 -19.68
CA ALA B 751 -6.79 3.35 -18.97
C ALA B 751 -6.10 2.43 -17.98
N ILE B 752 -6.64 1.24 -17.72
CA ILE B 752 -5.99 0.30 -16.82
C ILE B 752 -4.69 -0.20 -17.42
N PHE B 753 -4.65 -0.38 -18.74
CA PHE B 753 -3.53 -1.01 -19.40
C PHE B 753 -2.34 -0.08 -19.60
N VAL B 754 -2.48 1.20 -19.28
CA VAL B 754 -1.44 2.19 -19.60
C VAL B 754 -0.33 2.15 -18.58
N PRO B 755 0.90 1.81 -18.97
CA PRO B 755 2.03 1.91 -18.04
C PRO B 755 2.26 3.36 -17.63
N SER B 756 2.63 3.55 -16.38
CA SER B 756 2.78 4.88 -15.83
C SER B 756 4.15 5.45 -16.17
N TYR B 757 4.41 6.66 -15.70
CA TYR B 757 5.66 7.35 -15.92
C TYR B 757 6.41 7.69 -14.65
N GLY B 758 5.70 8.16 -13.62
CA GLY B 758 6.34 8.56 -12.39
C GLY B 758 5.37 9.03 -11.32
N CYS B 759 5.68 10.16 -10.69
CA CYS B 759 4.78 10.72 -9.69
C CYS B 759 3.42 11.07 -10.30
N TYR B 760 3.41 11.53 -11.55
CA TYR B 760 2.15 11.79 -12.24
C TYR B 760 1.30 10.54 -12.27
N ALA B 761 0.00 10.70 -12.01
CA ALA B 761 -0.88 9.55 -11.87
C ALA B 761 -0.91 8.73 -13.14
N LYS B 762 -1.41 9.30 -14.24
CA LYS B 762 -1.49 8.64 -15.52
C LYS B 762 -1.34 9.69 -16.60
N PRO B 763 -0.56 9.42 -17.64
CA PRO B 763 -0.39 10.37 -18.74
C PRO B 763 -1.48 10.26 -19.80
N VAL B 764 -2.74 10.31 -19.36
CA VAL B 764 -3.89 10.14 -20.24
C VAL B 764 -4.55 11.49 -20.46
N LYS B 765 -4.81 11.81 -21.72
CA LYS B 765 -5.45 13.07 -22.10
C LYS B 765 -6.91 12.81 -22.45
N HIS B 766 -7.80 13.64 -21.91
CA HIS B 766 -9.24 13.49 -22.12
C HIS B 766 -9.72 14.54 -23.10
N TRP B 767 -10.28 14.09 -24.23
CA TRP B 767 -11.00 14.94 -25.17
C TRP B 767 -10.12 16.10 -25.66
N ALA B 768 -9.05 15.73 -26.36
CA ALA B 768 -8.17 16.72 -26.97
C ALA B 768 -8.84 17.35 -28.18
N SER B 769 -8.59 18.63 -28.39
CA SER B 769 -9.20 19.38 -29.50
C SER B 769 -8.17 20.40 -30.00
N SER B 770 -7.54 20.09 -31.14
CA SER B 770 -6.48 20.90 -31.70
C SER B 770 -6.07 20.35 -33.06
N PRO B 771 -5.28 21.09 -33.85
CA PRO B 771 -4.60 20.47 -35.00
C PRO B 771 -3.37 19.66 -34.63
N LEU B 772 -3.01 19.60 -33.34
CA LEU B 772 -1.97 18.73 -32.80
C LEU B 772 -0.56 19.14 -33.19
N HIS B 773 0.40 18.85 -32.32
CA HIS B 773 1.81 19.07 -32.56
C HIS B 773 2.58 17.85 -32.05
N ILE B 774 3.89 17.83 -32.32
CA ILE B 774 4.70 16.70 -31.88
C ILE B 774 4.85 16.70 -30.36
N MET B 775 5.04 17.88 -29.75
CA MET B 775 5.13 17.96 -28.29
C MET B 775 3.88 17.41 -27.63
N ASP B 776 2.73 17.55 -28.27
CA ASP B 776 1.50 16.99 -27.73
C ASP B 776 1.55 15.48 -27.65
N PHE B 777 2.34 14.83 -28.50
CA PHE B 777 2.46 13.38 -28.43
C PHE B 777 3.51 12.94 -27.41
N GLN B 778 4.16 13.86 -26.71
CA GLN B 778 5.29 13.48 -25.88
C GLN B 778 4.85 12.90 -24.55
N LYS B 779 4.15 13.69 -23.75
CA LYS B 779 3.77 13.26 -22.40
C LYS B 779 2.27 13.10 -22.24
N TRP B 780 1.50 13.15 -23.32
CA TRP B 780 0.12 12.68 -23.33
C TRP B 780 0.12 11.34 -24.06
N LYS B 781 -0.03 10.26 -23.30
CA LYS B 781 0.23 8.93 -23.84
C LYS B 781 -0.85 8.51 -24.83
N LEU B 782 -2.08 8.96 -24.64
CA LEU B 782 -3.14 8.74 -25.61
C LEU B 782 -4.16 9.86 -25.48
N ILE B 783 -4.80 10.20 -26.61
CA ILE B 783 -5.70 11.34 -26.68
C ILE B 783 -6.96 10.93 -27.44
N GLY B 784 -7.96 11.81 -27.37
CA GLY B 784 -9.19 11.66 -28.12
C GLY B 784 -9.55 12.90 -28.90
N LEU B 785 -9.81 12.71 -30.19
CA LEU B 785 -10.21 13.77 -31.10
C LEU B 785 -11.63 13.52 -31.59
N GLN B 786 -12.20 14.51 -32.25
CA GLN B 786 -13.59 14.45 -32.71
C GLN B 786 -13.68 14.85 -34.18
N ARG B 787 -14.56 14.16 -34.91
CA ARG B 787 -14.83 14.47 -36.30
C ARG B 787 -15.87 15.58 -36.38
N VAL B 788 -15.40 16.81 -36.63
CA VAL B 788 -16.30 17.93 -36.83
C VAL B 788 -16.81 17.85 -38.27
N ALA B 789 -17.97 17.24 -38.45
CA ALA B 789 -18.54 17.05 -39.78
C ALA B 789 -19.00 18.38 -40.38
N GLY B 795 -11.35 13.70 -44.83
CA GLY B 795 -11.45 14.46 -43.60
C GLY B 795 -10.10 14.77 -42.98
N THR B 796 -9.88 14.29 -41.76
CA THR B 796 -8.62 14.48 -41.07
C THR B 796 -7.70 13.27 -41.15
N LEU B 797 -8.10 12.22 -41.86
CA LEU B 797 -7.26 11.03 -41.97
C LEU B 797 -5.95 11.37 -42.67
N HIS B 798 -6.00 12.18 -43.73
CA HIS B 798 -4.76 12.59 -44.38
C HIS B 798 -3.97 13.56 -43.52
N ALA B 799 -4.66 14.41 -42.75
CA ALA B 799 -3.97 15.37 -41.90
C ALA B 799 -3.17 14.67 -40.82
N LEU B 800 -3.74 13.63 -40.20
CA LEU B 800 -3.05 12.91 -39.14
C LEU B 800 -2.19 11.76 -39.64
N SER B 801 -2.40 11.31 -40.88
CA SER B 801 -1.64 10.19 -41.41
C SER B 801 -0.18 10.53 -41.68
N ARG B 802 0.18 11.82 -41.63
CA ARG B 802 1.59 12.16 -41.76
C ARG B 802 2.39 11.67 -40.56
N TYR B 803 1.80 11.70 -39.38
CA TYR B 803 2.45 11.19 -38.18
C TYR B 803 2.11 9.72 -37.95
N SER B 804 2.19 8.92 -39.01
CA SER B 804 1.75 7.53 -38.91
C SER B 804 2.84 6.61 -38.36
N ARG B 805 4.07 7.09 -38.24
CA ARG B 805 5.14 6.28 -37.69
C ARG B 805 5.24 6.39 -36.18
N TYR B 806 4.49 7.29 -35.56
CA TYR B 806 4.57 7.49 -34.12
C TYR B 806 3.32 7.06 -33.38
N THR B 807 2.17 6.96 -34.03
CA THR B 807 0.91 6.66 -33.37
C THR B 807 0.09 5.71 -34.23
N SER B 808 -0.84 5.01 -33.59
CA SER B 808 -1.83 4.20 -34.28
C SER B 808 -3.19 4.85 -34.12
N ILE B 809 -3.96 4.90 -35.21
CA ILE B 809 -5.19 5.68 -35.27
C ILE B 809 -6.38 4.74 -35.11
N LEU B 810 -7.31 5.13 -34.24
CA LEU B 810 -8.56 4.40 -34.04
C LEU B 810 -9.71 5.30 -34.44
N ASP B 811 -10.56 4.81 -35.35
CA ASP B 811 -11.76 5.50 -35.79
C ASP B 811 -12.96 4.62 -35.50
N LEU B 812 -13.96 5.19 -34.83
CA LEU B 812 -15.01 4.38 -34.22
C LEU B 812 -16.07 3.97 -35.23
N ASP B 813 -16.74 4.95 -35.86
CA ASP B 813 -17.93 4.64 -36.64
C ASP B 813 -17.61 3.73 -37.82
N ASN B 814 -16.50 4.00 -38.52
CA ASN B 814 -16.12 3.18 -39.66
C ASN B 814 -15.47 1.86 -39.26
N LYS B 815 -15.22 1.65 -37.97
CA LYS B 815 -14.56 0.45 -37.47
C LYS B 815 -13.21 0.25 -38.15
N THR B 816 -12.44 1.32 -38.26
CA THR B 816 -11.11 1.26 -38.86
C THR B 816 -10.06 1.55 -37.80
N LEU B 817 -8.98 0.78 -37.82
CA LEU B 817 -7.87 0.95 -36.90
C LEU B 817 -6.59 0.41 -37.49
N CYS B 819 -1.76 -0.02 -36.21
CA CYS B 819 -1.10 -1.04 -35.40
C CYS B 819 -0.35 -2.04 -36.28
N PRO B 820 0.84 -2.44 -35.85
CA PRO B 820 1.62 -3.39 -36.63
C PRO B 820 0.97 -4.75 -36.65
N LEU B 821 1.22 -5.51 -37.71
CA LEU B 821 0.76 -6.89 -37.75
C LEU B 821 1.42 -7.66 -36.61
N TYR B 822 0.59 -8.26 -35.76
CA TYR B 822 1.07 -8.79 -34.49
C TYR B 822 0.56 -10.21 -34.32
N ARG B 823 1.49 -11.16 -34.18
CA ARG B 823 1.18 -12.56 -33.91
C ARG B 823 1.94 -12.94 -32.64
N GLY B 824 1.32 -12.68 -31.48
CA GLY B 824 1.98 -12.88 -30.22
C GLY B 824 1.36 -13.95 -29.34
N THR B 825 1.81 -14.03 -28.09
CA THR B 825 1.31 -15.02 -27.16
C THR B 825 0.96 -14.35 -25.84
N LEU B 826 1.55 -13.18 -25.57
CA LEU B 826 1.36 -12.54 -24.28
C LEU B 826 -0.06 -12.00 -24.13
N VAL B 827 -0.46 -11.07 -24.98
CA VAL B 827 -1.74 -10.39 -24.84
C VAL B 827 -2.96 -11.26 -25.16
N PRO B 828 -2.90 -12.27 -26.03
CA PRO B 828 -4.11 -13.10 -26.23
C PRO B 828 -4.61 -13.73 -24.95
N ARG B 829 -3.72 -14.19 -24.08
CA ARG B 829 -4.15 -14.69 -22.78
C ARG B 829 -4.67 -13.56 -21.90
N LEU B 830 -4.08 -12.36 -22.03
CA LEU B 830 -4.56 -11.22 -21.28
C LEU B 830 -5.97 -10.82 -21.67
N ALA B 831 -6.41 -11.18 -22.88
CA ALA B 831 -7.79 -10.90 -23.27
C ALA B 831 -8.16 -11.88 -24.39
N ASP B 832 -9.03 -12.85 -24.07
CA ASP B 832 -9.48 -13.81 -25.07
C ASP B 832 -10.63 -13.27 -25.88
N ARG B 834 -12.44 -16.08 -26.36
CA ARG B 834 -13.83 -16.36 -26.06
C ARG B 834 -13.96 -16.86 -24.62
N THR B 835 -13.87 -15.94 -23.67
CA THR B 835 -13.85 -16.30 -22.26
C THR B 835 -15.28 -16.41 -21.73
N GLN B 836 -15.48 -17.33 -20.79
CA GLN B 836 -16.76 -17.50 -20.13
C GLN B 836 -16.84 -16.75 -18.81
N ILE B 837 -15.90 -15.85 -18.54
CA ILE B 837 -15.91 -15.08 -17.30
C ILE B 837 -17.14 -14.17 -17.28
N LYS B 838 -17.79 -14.06 -16.14
CA LYS B 838 -18.86 -13.11 -15.91
C LYS B 838 -18.37 -12.02 -14.95
N ARG B 839 -19.25 -11.06 -14.70
CA ARG B 839 -19.03 -10.00 -13.74
C ARG B 839 -17.91 -9.06 -14.15
N GLY B 840 -17.92 -7.84 -13.63
CA GLY B 840 -16.97 -6.83 -14.03
C GLY B 840 -15.65 -6.91 -13.29
N SER B 841 -15.69 -6.79 -11.97
CA SER B 841 -14.47 -6.73 -11.19
C SER B 841 -13.69 -8.04 -11.20
N THR B 842 -14.29 -9.13 -11.65
CA THR B 842 -13.57 -10.39 -11.74
C THR B 842 -12.44 -10.30 -12.76
N TYR B 843 -12.69 -9.67 -13.90
CA TYR B 843 -11.68 -9.50 -14.92
C TYR B 843 -10.61 -8.48 -14.51
N TYR B 844 -10.99 -7.49 -13.70
CA TYR B 844 -10.03 -6.50 -13.26
C TYR B 844 -8.92 -7.12 -12.43
N LEU B 845 -9.29 -8.03 -11.52
CA LEU B 845 -8.28 -8.70 -10.72
C LEU B 845 -7.45 -9.65 -11.56
N HIS B 846 -8.06 -10.29 -12.56
CA HIS B 846 -7.30 -11.11 -13.49
C HIS B 846 -6.20 -10.30 -14.16
N VAL B 847 -6.56 -9.12 -14.68
CA VAL B 847 -5.57 -8.27 -15.32
C VAL B 847 -4.54 -7.79 -14.33
N GLN B 848 -4.97 -7.40 -13.14
CA GLN B 848 -4.05 -6.87 -12.14
C GLN B 848 -3.05 -7.93 -11.69
N SER B 849 -3.48 -9.19 -11.64
CA SER B 849 -2.57 -10.27 -11.29
C SER B 849 -1.59 -10.56 -12.42
N MET B 850 -2.11 -10.66 -13.66
CA MET B 850 -1.22 -11.06 -14.75
C MET B 850 -0.31 -9.93 -15.21
N LEU B 851 -0.58 -8.69 -14.78
CA LEU B 851 0.29 -7.59 -15.18
C LEU B 851 1.60 -7.59 -14.39
N THR B 852 1.53 -7.90 -13.09
CA THR B 852 2.72 -7.86 -12.25
C THR B 852 3.77 -8.90 -12.66
N GLN B 853 3.35 -9.97 -13.34
CA GLN B 853 4.31 -10.93 -13.86
C GLN B 853 5.27 -10.26 -14.84
N LEU B 854 4.74 -9.41 -15.72
CA LEU B 854 5.60 -8.67 -16.63
C LEU B 854 6.48 -7.68 -15.90
N CYS B 855 5.98 -7.10 -14.80
CA CYS B 855 6.81 -6.22 -13.99
C CYS B 855 8.02 -6.97 -13.45
N SER B 856 7.80 -8.18 -12.94
CA SER B 856 8.90 -9.01 -12.45
C SER B 856 9.87 -9.37 -13.57
N LYS B 857 9.34 -9.72 -14.74
CA LYS B 857 10.21 -10.05 -15.86
C LYS B 857 11.07 -8.85 -16.25
N ALA B 858 10.48 -7.66 -16.26
CA ALA B 858 11.24 -6.45 -16.54
C ALA B 858 12.32 -6.20 -15.48
N PHE B 859 12.00 -6.44 -14.21
CA PHE B 859 13.02 -6.30 -13.18
C PHE B 859 14.19 -7.23 -13.42
N LEU B 860 13.91 -8.49 -13.75
CA LEU B 860 14.98 -9.43 -14.03
C LEU B 860 15.84 -8.96 -15.19
N TYR B 861 15.21 -8.64 -16.31
CA TYR B 861 15.96 -8.24 -17.51
C TYR B 861 16.80 -6.99 -17.22
N THR B 862 16.25 -6.05 -16.46
CA THR B 862 16.99 -4.83 -16.17
C THR B 862 18.13 -5.06 -15.19
N PHE B 863 18.02 -6.05 -14.29
CA PHE B 863 19.01 -6.19 -13.24
C PHE B 863 19.62 -7.58 -13.20
N CYS B 864 19.90 -8.16 -14.37
CA CYS B 864 20.87 -9.25 -14.47
C CYS B 864 22.20 -8.71 -14.95
N HIS B 865 23.29 -9.10 -14.29
CA HIS B 865 24.62 -8.56 -14.60
C HIS B 865 25.34 -9.30 -15.72
N HIS B 866 24.93 -10.51 -16.08
CA HIS B 866 25.65 -11.23 -17.12
C HIS B 866 25.17 -10.88 -18.52
N LEU B 867 24.29 -9.88 -18.64
CA LEU B 867 23.79 -9.44 -19.94
C LEU B 867 24.25 -8.03 -20.29
N HIS B 868 23.96 -7.05 -19.44
CA HIS B 868 24.35 -5.68 -19.75
C HIS B 868 25.86 -5.50 -19.72
N LEU B 869 26.53 -6.14 -18.77
CA LEU B 869 27.98 -6.07 -18.72
C LEU B 869 28.57 -6.84 -19.91
N PRO B 870 29.72 -6.39 -20.42
CA PRO B 870 30.36 -7.06 -21.56
C PRO B 870 30.87 -8.45 -21.20
N THR B 876 31.57 -6.72 -28.31
CA THR B 876 31.19 -6.25 -29.64
C THR B 876 29.67 -6.07 -29.70
N GLU B 877 29.24 -5.06 -30.46
CA GLU B 877 27.81 -4.79 -30.61
C GLU B 877 27.07 -6.00 -31.14
N GLU B 878 27.65 -6.70 -32.12
CA GLU B 878 26.98 -7.87 -32.68
C GLU B 878 26.76 -8.93 -31.62
N LEU B 879 27.79 -9.24 -30.84
CA LEU B 879 27.66 -10.32 -29.86
C LEU B 879 26.71 -9.92 -28.73
N VAL B 880 26.78 -8.67 -28.27
CA VAL B 880 25.90 -8.26 -27.18
C VAL B 880 24.45 -8.24 -27.66
N ALA B 881 24.20 -7.78 -28.88
CA ALA B 881 22.84 -7.82 -29.42
C ALA B 881 22.35 -9.25 -29.56
N SER B 882 23.22 -10.14 -30.04
CA SER B 882 22.80 -11.53 -30.21
C SER B 882 22.45 -12.16 -28.87
N ARG B 883 23.28 -11.93 -27.84
CA ARG B 883 22.98 -12.55 -26.55
C ARG B 883 21.74 -11.93 -25.91
N GLN B 884 21.54 -10.61 -26.05
CA GLN B 884 20.33 -10.01 -25.51
C GLN B 884 19.09 -10.55 -26.20
N MET B 885 19.16 -10.72 -27.53
CA MET B 885 17.98 -11.19 -28.25
C MET B 885 17.74 -12.67 -28.00
N SER B 886 18.79 -13.43 -27.70
CA SER B 886 18.65 -14.87 -27.44
C SER B 886 18.32 -15.19 -26.00
N PHE B 887 18.58 -14.27 -25.07
CA PHE B 887 18.22 -14.50 -23.67
C PHE B 887 16.72 -14.67 -23.51
N LEU B 888 15.94 -13.83 -24.19
CA LEU B 888 14.49 -13.87 -24.09
C LEU B 888 13.89 -15.05 -24.84
N LYS B 889 14.63 -15.64 -25.77
CA LYS B 889 14.14 -16.82 -26.46
C LYS B 889 14.16 -18.07 -25.59
N LEU B 890 15.02 -18.11 -24.57
CA LEU B 890 15.17 -19.30 -23.74
C LEU B 890 14.73 -19.07 -22.30
N THR B 891 15.26 -18.06 -21.64
CA THR B 891 14.99 -17.92 -20.20
C THR B 891 13.57 -17.45 -19.95
N LEU B 892 13.20 -16.29 -20.49
CA LEU B 892 11.89 -15.72 -20.20
C LEU B 892 10.78 -16.34 -21.04
N GLY B 893 11.11 -17.14 -22.04
CA GLY B 893 10.09 -17.86 -22.79
C GLY B 893 9.12 -16.98 -23.55
N LEU B 894 9.62 -15.94 -24.20
CA LEU B 894 8.78 -15.06 -25.02
C LEU B 894 8.79 -15.54 -26.47
N VAL B 895 7.89 -14.96 -27.27
CA VAL B 895 7.73 -15.34 -28.66
C VAL B 895 7.84 -14.08 -29.51
N ASN B 896 8.55 -14.19 -30.63
CA ASN B 896 8.68 -13.19 -31.70
C ASN B 896 8.61 -11.75 -31.22
N GLU B 897 7.73 -10.95 -31.82
CA GLU B 897 7.69 -9.51 -31.57
C GLU B 897 7.21 -9.15 -30.18
N ASP B 898 6.73 -10.10 -29.39
CA ASP B 898 6.30 -9.80 -28.02
C ASP B 898 7.43 -9.18 -27.21
N VAL B 899 8.68 -9.44 -27.59
CA VAL B 899 9.81 -9.00 -26.78
C VAL B 899 9.82 -7.48 -26.61
N ARG B 900 9.34 -6.75 -27.62
CA ARG B 900 9.53 -5.31 -27.68
C ARG B 900 9.07 -4.61 -26.39
N VAL B 901 7.94 -5.04 -25.84
CA VAL B 901 7.41 -4.35 -24.66
C VAL B 901 8.35 -4.47 -23.48
N VAL B 902 9.13 -5.56 -23.42
CA VAL B 902 9.93 -5.83 -22.24
C VAL B 902 11.03 -4.78 -22.08
N GLN B 903 11.77 -4.50 -23.15
CA GLN B 903 12.83 -3.51 -23.01
C GLN B 903 12.28 -2.10 -22.89
N TYR B 904 11.07 -1.87 -23.41
CA TYR B 904 10.43 -0.57 -23.20
C TYR B 904 10.17 -0.36 -21.71
N LEU B 905 9.53 -1.34 -21.08
CA LEU B 905 9.32 -1.27 -19.63
C LEU B 905 10.65 -1.18 -18.90
N ALA B 906 11.66 -1.91 -19.38
CA ALA B 906 12.98 -1.86 -18.75
C ALA B 906 13.56 -0.45 -18.81
N GLU B 907 13.42 0.22 -19.95
CA GLU B 907 13.85 1.61 -20.06
C GLU B 907 13.14 2.47 -19.04
N LEU B 908 11.83 2.24 -18.86
CA LEU B 908 11.13 2.94 -17.79
C LEU B 908 11.82 2.75 -16.45
N LEU B 909 12.20 1.50 -16.12
CA LEU B 909 12.78 1.24 -14.80
C LEU B 909 14.11 1.96 -14.63
N LYS B 910 14.97 1.89 -15.63
CA LYS B 910 16.29 2.50 -15.49
C LYS B 910 16.20 4.02 -15.47
N LEU B 911 15.32 4.60 -16.28
CA LEU B 911 15.12 6.04 -16.20
C LEU B 911 14.55 6.43 -14.84
N HIS B 912 13.67 5.60 -14.29
CA HIS B 912 13.11 5.88 -12.97
C HIS B 912 14.21 5.90 -11.92
N TYR B 913 15.09 4.90 -11.94
CA TYR B 913 16.07 4.75 -10.87
C TYR B 913 16.84 6.04 -10.62
N MET B 914 17.22 6.74 -11.68
CA MET B 914 17.99 7.97 -11.54
C MET B 914 17.11 9.22 -11.58
N GLN B 915 16.38 9.42 -12.68
CA GLN B 915 15.67 10.69 -12.83
C GLN B 915 14.37 10.71 -12.04
N GLU B 916 13.66 9.59 -11.97
CA GLU B 916 12.30 9.49 -11.47
C GLU B 916 11.32 10.34 -12.27
N SER B 917 11.76 10.94 -13.38
CA SER B 917 10.91 11.77 -14.23
C SER B 917 11.22 11.48 -15.69
N PRO B 918 10.81 10.30 -16.19
CA PRO B 918 11.09 9.97 -17.59
C PRO B 918 10.10 10.63 -18.55
N GLY B 919 10.57 11.64 -19.27
CA GLY B 919 9.74 12.29 -20.27
C GLY B 919 8.85 13.41 -19.77
N THR B 920 8.97 13.81 -18.51
CA THR B 920 8.20 14.95 -18.01
C THR B 920 8.97 16.25 -18.19
N SER B 921 10.18 16.32 -17.62
CA SER B 921 11.08 17.44 -17.84
C SER B 921 12.20 17.11 -18.80
N HIS B 922 12.40 15.82 -19.12
CA HIS B 922 13.41 15.38 -20.08
C HIS B 922 12.74 14.47 -21.08
N PRO B 923 12.09 15.04 -22.10
CA PRO B 923 11.31 14.23 -23.04
C PRO B 923 12.17 13.18 -23.73
N MET B 924 11.66 11.94 -23.77
CA MET B 924 12.35 10.85 -24.43
C MET B 924 11.75 10.52 -25.79
N LEU B 925 10.46 10.18 -25.81
CA LEU B 925 9.71 9.92 -27.04
C LEU B 925 10.44 8.87 -27.88
N ARG B 926 10.51 7.66 -27.35
CA ARG B 926 11.06 6.55 -28.10
C ARG B 926 10.08 6.09 -29.17
N PHE B 927 10.62 5.53 -30.25
CA PHE B 927 9.81 5.14 -31.39
C PHE B 927 10.53 4.05 -32.17
N ASP B 928 9.96 3.69 -33.32
CA ASP B 928 10.48 2.59 -34.13
C ASP B 928 10.03 2.78 -35.57
N TYR B 929 10.58 1.96 -36.47
CA TYR B 929 10.31 2.06 -37.89
C TYR B 929 9.50 0.86 -38.40
N VAL B 930 8.71 0.25 -37.54
CA VAL B 930 7.90 -0.91 -37.94
C VAL B 930 6.83 -0.45 -38.92
N PRO B 931 6.52 -1.23 -39.95
CA PRO B 931 5.37 -0.90 -40.81
C PRO B 931 4.04 -1.10 -40.10
N SER B 932 2.93 -0.88 -40.82
CA SER B 932 1.61 -0.98 -40.22
C SER B 932 0.67 -1.67 -41.20
N PHE B 933 -0.62 -1.64 -40.88
CA PHE B 933 -1.66 -2.20 -41.71
C PHE B 933 -3.00 -1.74 -41.14
N LEU B 934 -4.04 -1.79 -41.97
CA LEU B 934 -5.36 -1.27 -41.61
C LEU B 934 -6.41 -2.37 -41.70
N TYR B 935 -7.24 -2.48 -40.67
CA TYR B 935 -8.27 -3.51 -40.58
C TYR B 935 -9.65 -2.87 -40.66
N LYS B 936 -10.52 -3.44 -41.48
CA LYS B 936 -11.87 -2.93 -41.64
C LYS B 936 -12.74 -3.32 -40.45
N ALA C 13 -2.71 -26.62 47.06
CA ALA C 13 -2.91 -27.77 46.19
C ALA C 13 -1.99 -27.71 44.98
N LYS C 14 -1.24 -26.61 44.87
CA LYS C 14 -0.34 -26.42 43.75
C LYS C 14 0.73 -27.49 43.73
N THR C 15 0.91 -28.12 42.57
CA THR C 15 1.94 -29.13 42.36
C THR C 15 3.02 -28.51 41.48
N GLU C 16 4.04 -27.94 42.12
CA GLU C 16 5.08 -27.22 41.38
C GLU C 16 5.89 -28.19 40.53
N ILE C 17 6.00 -27.88 39.24
CA ILE C 17 6.77 -28.68 38.29
C ILE C 17 7.60 -27.72 37.45
N ALA C 18 8.66 -28.25 36.85
CA ALA C 18 9.60 -27.44 36.09
C ALA C 18 9.81 -28.03 34.71
N LEU C 19 10.25 -27.17 33.79
CA LEU C 19 10.60 -27.58 32.44
C LEU C 19 11.75 -26.71 31.94
N SER C 20 12.46 -27.22 30.95
CA SER C 20 13.62 -26.51 30.42
C SER C 20 13.22 -25.19 29.77
N GLY C 21 14.03 -24.17 29.98
CA GLY C 21 13.79 -22.87 29.39
C GLY C 21 13.00 -21.94 30.30
N LYS C 22 12.92 -20.69 29.86
CA LYS C 22 12.16 -19.69 30.61
C LYS C 22 10.67 -20.02 30.59
N SER C 23 9.96 -19.53 31.60
CA SER C 23 8.56 -19.89 31.79
C SER C 23 7.66 -18.82 31.20
N PRO C 24 6.95 -19.07 30.11
CA PRO C 24 5.95 -18.10 29.64
C PRO C 24 4.66 -18.19 30.42
N LEU C 25 4.26 -19.42 30.77
CA LEU C 25 3.04 -19.61 31.55
C LEU C 25 3.22 -19.09 32.96
N LEU C 26 2.13 -18.57 33.53
CA LEU C 26 2.16 -18.08 34.90
C LEU C 26 1.35 -18.95 35.85
N ALA C 27 0.40 -19.73 35.34
CA ALA C 27 -0.38 -20.64 36.16
C ALA C 27 -1.13 -21.60 35.24
N ALA C 28 -2.05 -22.38 35.81
CA ALA C 28 -3.04 -23.25 35.11
C ALA C 28 -3.95 -24.03 36.11
N THR C 29 -5.31 -24.00 36.04
CA THR C 29 -6.12 -24.75 37.08
C THR C 29 -7.55 -25.20 36.67
N PHE C 30 -8.44 -25.56 37.65
CA PHE C 30 -9.82 -26.13 37.53
C PHE C 30 -11.03 -25.35 38.15
N ALA C 31 -12.25 -25.96 38.40
CA ALA C 31 -13.48 -25.24 38.94
C ALA C 31 -14.67 -26.07 39.57
N TYR C 32 -15.36 -25.52 40.59
CA TYR C 32 -16.38 -26.16 41.48
C TYR C 32 -17.73 -25.39 41.78
N TRP C 33 -18.55 -25.82 42.80
CA TRP C 33 -19.90 -25.16 43.15
C TRP C 33 -20.86 -25.81 44.23
N ASP C 34 -21.07 -25.31 45.48
CA ASP C 34 -21.97 -25.89 46.46
C ASP C 34 -23.42 -25.55 46.15
N HIS C 43 -6.15 -25.02 40.26
CA HIS C 43 -4.96 -24.24 40.59
C HIS C 43 -3.88 -25.15 41.14
N ILE C 44 -4.05 -26.45 40.93
CA ILE C 44 -3.14 -27.45 41.48
C ILE C 44 -1.87 -27.50 40.65
N TRP C 45 -1.80 -26.69 39.59
CA TRP C 45 -0.67 -26.68 38.68
C TRP C 45 -0.03 -25.29 38.68
N ALA C 46 1.30 -25.25 38.62
CA ALA C 46 2.01 -23.97 38.72
C ALA C 46 3.36 -24.11 38.05
N PRO C 47 3.85 -23.05 37.41
CA PRO C 47 5.19 -23.08 36.82
C PRO C 47 6.27 -22.76 37.84
N LYS C 48 6.75 -23.79 38.54
CA LYS C 48 7.78 -23.62 39.57
C LYS C 48 8.93 -22.77 39.04
N THR C 49 9.15 -21.63 39.69
CA THR C 49 10.19 -20.70 39.30
C THR C 49 10.64 -19.97 40.56
N GLU C 50 11.34 -18.85 40.39
CA GLU C 50 11.84 -18.05 41.50
C GLU C 50 11.06 -16.74 41.57
N GLN C 51 10.52 -16.44 42.75
CA GLN C 51 9.87 -15.17 43.06
C GLN C 51 8.71 -14.90 42.09
N VAL C 52 7.68 -15.74 42.21
CA VAL C 52 6.45 -15.50 41.46
C VAL C 52 5.91 -14.12 41.82
N LEU C 53 5.48 -13.38 40.79
CA LEU C 53 5.13 -11.99 40.99
C LEU C 53 3.83 -11.82 41.79
N LEU C 54 2.88 -12.74 41.64
CA LEU C 54 1.60 -12.65 42.33
C LEU C 54 1.38 -13.89 43.18
N SER C 55 0.83 -13.67 44.38
CA SER C 55 0.72 -14.71 45.38
C SER C 55 -0.28 -15.79 44.96
N ASP C 56 -0.30 -16.88 45.72
CA ASP C 56 -1.13 -18.03 45.38
C ASP C 56 -2.61 -17.67 45.42
N GLY C 57 -3.04 -16.93 46.43
CA GLY C 57 -4.45 -16.57 46.52
C GLY C 57 -4.92 -15.74 45.35
N GLU C 58 -4.00 -15.03 44.70
CA GLU C 58 -4.37 -14.25 43.52
C GLU C 58 -4.88 -15.14 42.40
N ILE C 59 -4.27 -16.31 42.21
CA ILE C 59 -4.75 -17.23 41.19
C ILE C 59 -6.19 -17.62 41.48
N THR C 60 -6.50 -17.94 42.74
CA THR C 60 -7.86 -18.30 43.11
C THR C 60 -8.82 -17.15 42.87
N PHE C 61 -8.42 -15.94 43.27
CA PHE C 61 -9.30 -14.78 43.11
C PHE C 61 -9.60 -14.54 41.63
N LEU C 62 -8.58 -14.64 40.78
CA LEU C 62 -8.80 -14.52 39.35
C LEU C 62 -9.68 -15.64 38.82
N ALA C 63 -9.49 -16.85 39.33
CA ALA C 63 -10.25 -17.99 38.83
C ALA C 63 -11.73 -17.89 39.16
N ASN C 64 -12.07 -17.31 40.31
CA ASN C 64 -13.49 -17.20 40.65
C ASN C 64 -14.25 -16.36 39.64
N HIS C 65 -13.69 -15.22 39.25
CA HIS C 65 -14.37 -14.35 38.30
C HIS C 65 -14.69 -15.09 37.00
N THR C 66 -13.67 -15.73 36.42
CA THR C 66 -13.89 -16.45 35.18
C THR C 66 -14.85 -17.63 35.37
N LEU C 67 -14.86 -18.22 36.57
CA LEU C 67 -15.70 -19.38 36.79
C LEU C 67 -17.12 -18.99 37.21
N ASN C 68 -17.24 -18.07 38.16
CA ASN C 68 -18.54 -17.69 38.71
C ASN C 68 -19.25 -16.68 37.79
N GLY C 69 -19.50 -17.12 36.56
CA GLY C 69 -20.20 -16.27 35.62
C GLY C 69 -21.11 -17.00 34.67
N GLU C 70 -21.31 -18.31 34.88
CA GLU C 70 -22.11 -19.05 33.92
C GLU C 70 -23.59 -18.87 34.19
N ILE C 71 -24.07 -19.36 35.34
CA ILE C 71 -25.45 -19.18 35.79
C ILE C 71 -26.44 -19.68 34.74
N LEU C 72 -26.51 -19.00 33.61
CA LEU C 72 -27.44 -19.37 32.55
C LEU C 72 -26.95 -20.60 31.81
N ARG C 73 -27.29 -21.78 32.32
CA ARG C 73 -26.84 -23.03 31.73
C ARG C 73 -27.59 -23.34 30.44
N ASN C 74 -27.32 -22.58 29.39
CA ASN C 74 -27.98 -22.78 28.09
C ASN C 74 -27.05 -23.59 27.19
N ALA C 75 -27.05 -24.90 27.41
CA ALA C 75 -26.27 -25.83 26.60
C ALA C 75 -27.16 -27.01 26.21
N GLU C 76 -27.08 -27.40 24.94
CA GLU C 76 -27.90 -28.49 24.44
C GLU C 76 -27.29 -29.85 24.77
N SER C 77 -26.08 -30.10 24.25
CA SER C 77 -25.43 -31.39 24.44
C SER C 77 -24.03 -31.27 25.03
N GLY C 78 -23.28 -30.22 24.67
CA GLY C 78 -21.95 -30.03 25.21
C GLY C 78 -20.91 -29.65 24.18
N ALA C 79 -20.23 -28.54 24.41
CA ALA C 79 -19.18 -28.08 23.51
C ALA C 79 -18.29 -27.11 24.28
N ILE C 80 -17.10 -26.89 23.74
CA ILE C 80 -16.12 -26.01 24.39
C ILE C 80 -16.47 -24.57 24.05
N ASP C 81 -16.90 -23.81 25.04
CA ASP C 81 -17.20 -22.40 24.89
C ASP C 81 -15.95 -21.63 25.33
N VAL C 82 -15.02 -21.45 24.39
CA VAL C 82 -13.76 -20.81 24.71
C VAL C 82 -13.98 -19.34 25.01
N LYS C 83 -13.53 -18.90 26.18
CA LYS C 83 -13.54 -17.50 26.56
C LYS C 83 -12.14 -16.93 26.45
N PHE C 84 -11.99 -15.65 26.76
CA PHE C 84 -10.70 -14.99 26.66
C PHE C 84 -10.73 -13.66 27.42
N PHE C 85 -9.85 -13.52 28.41
CA PHE C 85 -9.82 -12.33 29.25
C PHE C 85 -8.46 -11.66 29.14
N VAL C 86 -8.48 -10.34 29.00
CA VAL C 86 -7.29 -9.53 28.82
C VAL C 86 -7.19 -8.59 30.02
N LEU C 87 -7.54 -9.10 31.19
CA LEU C 87 -8.00 -8.24 32.28
C LEU C 87 -6.82 -7.41 32.79
N SER C 88 -6.70 -6.20 32.26
CA SER C 88 -5.62 -5.27 32.58
C SER C 88 -5.73 -4.69 33.97
N GLU C 89 -6.66 -5.12 34.82
CA GLU C 89 -6.66 -4.62 36.19
C GLU C 89 -5.38 -5.01 36.92
N LYS C 90 -4.94 -6.25 36.74
CA LYS C 90 -3.66 -6.71 37.25
C LYS C 90 -2.66 -7.04 36.16
N GLY C 91 -3.09 -7.16 34.91
CA GLY C 91 -2.20 -7.47 33.82
C GLY C 91 -2.09 -8.95 33.55
N VAL C 92 -3.23 -9.61 33.32
CA VAL C 92 -3.26 -11.05 33.17
C VAL C 92 -4.18 -11.45 32.03
N ILE C 93 -3.73 -12.42 31.23
CA ILE C 93 -4.53 -13.01 30.17
C ILE C 93 -4.98 -14.39 30.62
N ILE C 94 -6.27 -14.66 30.47
CA ILE C 94 -6.87 -15.91 30.90
C ILE C 94 -7.56 -16.55 29.71
N VAL C 95 -7.39 -17.86 29.57
CA VAL C 95 -8.04 -18.65 28.52
C VAL C 95 -8.73 -19.82 29.20
N SER C 96 -9.97 -20.10 28.80
CA SER C 96 -10.70 -21.21 29.39
C SER C 96 -11.69 -21.79 28.39
N LEU C 97 -12.07 -23.03 28.64
CA LEU C 97 -13.07 -23.74 27.83
C LEU C 97 -13.95 -24.51 28.81
N ILE C 98 -15.12 -23.95 29.12
CA ILE C 98 -16.02 -24.52 30.11
C ILE C 98 -16.98 -25.50 29.46
N PHE C 99 -17.19 -26.64 30.12
CA PHE C 99 -18.14 -27.63 29.64
C PHE C 99 -18.92 -28.18 30.83
N ASP C 100 -20.13 -28.65 30.56
CA ASP C 100 -20.97 -29.22 31.59
C ASP C 100 -20.71 -30.73 31.71
N GLY C 101 -21.05 -31.26 32.88
CA GLY C 101 -20.85 -32.68 33.13
C GLY C 101 -21.10 -33.07 34.57
N ASN C 104 -18.39 -37.90 39.14
CA ASN C 104 -18.94 -36.55 39.13
C ASN C 104 -19.87 -36.32 40.32
N GLY C 105 -21.03 -36.96 40.29
CA GLY C 105 -22.00 -36.83 41.36
C GLY C 105 -23.17 -35.95 40.99
N ASP C 106 -22.89 -34.85 40.30
CA ASP C 106 -23.93 -33.93 39.85
C ASP C 106 -23.57 -33.45 38.44
N ARG C 107 -24.61 -33.08 37.69
CA ARG C 107 -24.42 -32.60 36.31
C ARG C 107 -24.12 -31.11 36.33
N SER C 108 -22.97 -30.79 36.92
CA SER C 108 -22.52 -29.40 37.01
C SER C 108 -21.65 -29.08 35.78
N THR C 109 -21.10 -27.86 35.75
CA THR C 109 -20.27 -27.40 34.65
C THR C 109 -18.91 -27.00 35.17
N TYR C 110 -17.87 -27.39 34.43
CA TYR C 110 -16.50 -27.14 34.87
C TYR C 110 -15.54 -27.31 33.70
N GLY C 111 -14.50 -26.48 33.68
CA GLY C 111 -13.51 -26.51 32.63
C GLY C 111 -12.18 -25.94 33.10
N LEU C 112 -11.13 -26.30 32.37
CA LEU C 112 -9.78 -25.93 32.76
C LEU C 112 -9.54 -24.44 32.50
N SER C 113 -8.33 -23.98 32.80
CA SER C 113 -7.97 -22.60 32.55
C SER C 113 -6.46 -22.48 32.44
N ILE C 114 -6.02 -21.42 31.76
CA ILE C 114 -4.62 -21.16 31.48
C ILE C 114 -4.36 -19.67 31.63
N ILE C 115 -3.21 -19.32 32.17
CA ILE C 115 -2.88 -17.95 32.55
C ILE C 115 -1.56 -17.55 31.91
N LEU C 116 -1.51 -16.35 31.35
CA LEU C 116 -0.32 -15.74 30.79
C LEU C 116 -0.16 -14.33 31.32
N PRO C 117 1.07 -13.82 31.37
CA PRO C 117 1.28 -12.44 31.84
C PRO C 117 1.02 -11.42 30.74
N GLN C 118 0.84 -10.16 31.17
CA GLN C 118 0.43 -9.10 30.25
C GLN C 118 1.48 -8.83 29.19
N THR C 119 2.76 -8.78 29.59
CA THR C 119 3.81 -8.40 28.65
C THR C 119 3.95 -9.42 27.52
N GLU C 120 3.51 -10.65 27.74
CA GLU C 120 3.56 -11.68 26.71
C GLU C 120 2.18 -11.72 26.03
N LEU C 121 1.85 -10.63 25.36
CA LEU C 121 0.55 -10.48 24.71
C LEU C 121 0.54 -11.06 23.30
N SER C 122 1.39 -10.55 22.42
CA SER C 122 1.34 -10.95 21.02
C SER C 122 1.69 -12.42 20.82
N PHE C 123 2.38 -13.03 21.79
CA PHE C 123 2.87 -14.39 21.60
C PHE C 123 1.73 -15.39 21.47
N TYR C 124 0.68 -15.24 22.27
CA TYR C 124 -0.37 -16.26 22.28
C TYR C 124 -1.24 -16.20 21.03
N LEU C 125 -1.51 -15.01 20.51
CA LEU C 125 -2.53 -14.84 19.47
C LEU C 125 -2.38 -15.80 18.30
N PRO C 126 -1.20 -16.01 17.72
CA PRO C 126 -1.11 -17.03 16.66
C PRO C 126 -1.34 -18.45 17.16
N LEU C 127 -1.11 -18.71 18.44
CA LEU C 127 -1.16 -20.06 18.98
C LEU C 127 -2.54 -20.45 19.52
N HIS C 128 -3.53 -19.57 19.40
CA HIS C 128 -4.85 -19.84 19.96
C HIS C 128 -5.49 -21.05 19.29
N ARG C 129 -5.36 -21.14 17.96
CA ARG C 129 -6.05 -22.19 17.21
C ARG C 129 -5.47 -23.57 17.49
N VAL C 130 -4.26 -23.65 18.04
CA VAL C 130 -3.67 -24.95 18.36
C VAL C 130 -3.91 -25.25 19.84
N CYS C 131 -3.85 -24.21 20.68
CA CYS C 131 -4.12 -24.42 22.11
C CYS C 131 -5.55 -24.90 22.33
N VAL C 132 -6.51 -24.31 21.62
CA VAL C 132 -7.90 -24.74 21.78
C VAL C 132 -8.09 -26.17 21.35
N ASP C 133 -7.47 -26.58 20.24
CA ASP C 133 -7.60 -27.96 19.79
C ASP C 133 -6.97 -28.93 20.78
N ARG C 134 -5.80 -28.58 21.31
CA ARG C 134 -5.15 -29.45 22.30
C ARG C 134 -6.01 -29.61 23.54
N LEU C 135 -6.52 -28.50 24.07
CA LEU C 135 -7.36 -28.58 25.27
C LEU C 135 -8.66 -29.32 24.98
N THR C 136 -9.23 -29.15 23.79
CA THR C 136 -10.45 -29.86 23.44
C THR C 136 -10.22 -31.35 23.40
N HIS C 137 -9.11 -31.78 22.81
CA HIS C 137 -8.78 -33.20 22.82
C HIS C 137 -8.53 -33.69 24.24
N ILE C 138 -7.92 -32.87 25.08
CA ILE C 138 -7.66 -33.27 26.46
C ILE C 138 -8.97 -33.48 27.22
N ILE C 139 -9.87 -32.52 27.12
CA ILE C 139 -11.15 -32.61 27.81
C ILE C 139 -11.95 -33.80 27.29
N ARG C 140 -11.96 -33.98 25.96
CA ARG C 140 -12.69 -35.11 25.39
C ARG C 140 -12.16 -36.44 25.93
N LYS C 141 -10.88 -36.49 26.29
CA LYS C 141 -10.35 -37.68 26.93
C LYS C 141 -10.81 -37.77 28.38
N GLY C 142 -10.81 -36.64 29.09
CA GLY C 142 -11.21 -36.67 30.49
C GLY C 142 -12.66 -37.05 30.69
N ARG C 143 -13.56 -36.52 29.86
CA ARG C 143 -14.96 -36.85 29.98
C ARG C 143 -15.20 -38.33 29.69
N ILE C 144 -14.33 -38.95 28.90
CA ILE C 144 -14.46 -40.38 28.65
C ILE C 144 -14.26 -41.17 29.93
N TRP C 145 -13.27 -40.80 30.74
CA TRP C 145 -13.00 -41.49 31.98
C TRP C 145 -13.91 -41.03 33.12
N MET C 146 -14.59 -39.90 32.96
CA MET C 146 -15.49 -39.44 34.02
C MET C 146 -16.66 -40.38 34.21
N HIS C 147 -17.25 -40.85 33.12
CA HIS C 147 -18.41 -41.74 33.22
C HIS C 147 -17.97 -43.17 33.56
N LYS C 148 -17.23 -43.80 32.66
CA LYS C 148 -16.79 -45.17 32.86
C LYS C 148 -15.34 -45.35 32.46
N ILE C 172 -9.63 -38.96 37.11
CA ILE C 172 -10.08 -37.82 37.89
C ILE C 172 -8.92 -36.86 38.15
N ILE C 173 -7.72 -37.41 38.26
CA ILE C 173 -6.51 -36.62 38.49
C ILE C 173 -5.26 -37.29 37.90
N PRO C 174 -5.24 -38.63 37.62
CA PRO C 174 -4.09 -39.14 36.87
C PRO C 174 -4.06 -38.59 35.45
N MET C 175 -5.21 -38.65 34.77
CA MET C 175 -5.28 -38.08 33.42
C MET C 175 -5.10 -36.57 33.47
N LEU C 176 -5.63 -35.92 34.49
CA LEU C 176 -5.54 -34.47 34.58
C LEU C 176 -4.09 -34.01 34.59
N THR C 177 -3.25 -34.67 35.38
CA THR C 177 -1.84 -34.32 35.40
C THR C 177 -1.05 -34.97 34.27
N GLY C 178 -1.58 -36.02 33.66
CA GLY C 178 -0.86 -36.67 32.58
C GLY C 178 -0.94 -35.89 31.28
N GLU C 179 -2.07 -35.22 31.05
CA GLU C 179 -2.23 -34.44 29.83
C GLU C 179 -2.29 -32.95 30.15
N VAL C 180 -1.44 -32.49 31.06
CA VAL C 180 -1.29 -31.07 31.33
C VAL C 180 0.13 -30.58 31.10
N ILE C 181 1.12 -31.46 31.15
CA ILE C 181 2.51 -31.09 30.86
C ILE C 181 2.74 -30.94 29.36
N PRO C 182 2.28 -31.85 28.50
CA PRO C 182 2.48 -31.63 27.06
C PRO C 182 1.91 -30.30 26.58
N VAL C 183 0.74 -29.92 27.08
CA VAL C 183 0.19 -28.60 26.74
C VAL C 183 1.09 -27.50 27.30
N MET C 184 1.62 -27.71 28.50
CA MET C 184 2.56 -26.77 29.07
C MET C 184 3.97 -26.93 28.53
N GLU C 185 4.22 -27.99 27.75
CA GLU C 185 5.53 -28.16 27.13
C GLU C 185 5.59 -27.48 25.75
N LEU C 186 4.55 -27.67 24.94
CA LEU C 186 4.54 -27.09 23.61
C LEU C 186 4.65 -25.57 23.68
N LEU C 187 3.87 -24.95 24.56
CA LEU C 187 3.88 -23.49 24.64
C LEU C 187 5.13 -22.97 25.32
N SER C 188 5.71 -23.75 26.23
CA SER C 188 6.93 -23.30 26.90
C SER C 188 8.13 -23.40 25.98
N SER C 189 8.14 -24.38 25.06
CA SER C 189 9.27 -24.54 24.16
C SER C 189 9.43 -23.35 23.23
N MET C 190 8.34 -22.85 22.68
CA MET C 190 8.41 -21.80 21.68
C MET C 190 8.69 -20.45 22.27
N LYS C 191 9.08 -20.34 23.54
CA LYS C 191 9.37 -19.04 24.12
C LYS C 191 10.62 -18.41 23.52
N SER C 192 11.62 -19.23 23.18
CA SER C 192 12.88 -18.73 22.65
C SER C 192 13.34 -19.57 21.47
N HIS C 193 12.41 -19.89 20.58
CA HIS C 193 12.71 -20.68 19.38
C HIS C 193 11.74 -20.25 18.29
N SER C 194 11.62 -21.09 17.24
CA SER C 194 10.79 -20.83 16.07
C SER C 194 11.32 -19.66 15.26
N VAL C 195 11.08 -19.68 13.95
CA VAL C 195 11.61 -18.64 13.08
C VAL C 195 10.77 -17.37 13.23
N PRO C 196 11.37 -16.22 13.51
CA PRO C 196 10.60 -14.97 13.54
C PRO C 196 10.15 -14.57 12.13
N GLU C 197 9.34 -13.52 12.09
CA GLU C 197 8.78 -13.08 10.81
C GLU C 197 9.86 -12.47 9.92
N GLU C 198 10.67 -11.56 10.47
CA GLU C 198 11.66 -10.84 9.68
C GLU C 198 12.93 -11.68 9.60
N ILE C 199 12.98 -12.55 8.60
CA ILE C 199 14.14 -13.41 8.34
C ILE C 199 14.83 -12.91 7.08
N ASP C 200 16.14 -12.74 7.15
CA ASP C 200 16.92 -12.35 5.99
C ASP C 200 17.25 -13.57 5.14
N ILE C 201 18.01 -13.35 4.07
CA ILE C 201 18.47 -14.43 3.21
C ILE C 201 19.87 -14.88 3.60
N ALA C 202 20.33 -14.53 4.82
CA ALA C 202 21.69 -14.85 5.22
C ALA C 202 21.91 -16.35 5.31
N ASP C 203 20.94 -17.09 5.84
CA ASP C 203 21.06 -18.52 6.08
C ASP C 203 20.03 -19.30 5.28
N THR C 204 19.82 -18.89 4.04
CA THR C 204 18.83 -19.50 3.17
C THR C 204 19.55 -20.41 2.18
N VAL C 205 18.77 -21.30 1.54
CA VAL C 205 19.30 -22.00 0.37
C VAL C 205 19.62 -21.00 -0.72
N LEU C 206 18.80 -19.96 -0.85
CA LEU C 206 19.18 -18.78 -1.61
C LEU C 206 20.41 -18.13 -0.97
N ASN C 207 21.00 -17.19 -1.70
CA ASN C 207 22.30 -16.64 -1.33
C ASN C 207 23.30 -17.80 -1.24
N ASP C 208 23.57 -18.38 -2.42
CA ASP C 208 24.50 -19.48 -2.55
C ASP C 208 25.43 -19.34 -3.74
N ASP C 209 25.08 -18.52 -4.74
CA ASP C 209 25.88 -18.31 -5.94
C ASP C 209 26.12 -19.59 -6.71
N ASP C 210 25.34 -20.64 -6.45
CA ASP C 210 25.56 -21.92 -7.08
C ASP C 210 24.19 -22.55 -7.27
N ILE C 211 23.93 -23.05 -8.49
CA ILE C 211 22.63 -23.64 -8.79
C ILE C 211 22.51 -25.07 -8.29
N GLY C 212 23.62 -25.71 -7.94
CA GLY C 212 23.61 -27.09 -7.52
C GLY C 212 23.75 -28.07 -8.67
N ASP C 213 23.97 -29.32 -8.30
CA ASP C 213 24.12 -30.40 -9.28
C ASP C 213 22.74 -30.86 -9.75
N SER C 214 22.70 -32.01 -10.43
CA SER C 214 21.43 -32.56 -10.89
C SER C 214 20.52 -32.92 -9.72
N CYS C 215 21.07 -33.49 -8.66
CA CYS C 215 20.25 -33.90 -7.52
C CYS C 215 19.80 -32.69 -6.71
N HIS C 216 20.67 -31.69 -6.54
CA HIS C 216 20.30 -30.52 -5.75
C HIS C 216 19.12 -29.79 -6.36
N GLU C 217 19.15 -29.58 -7.67
CA GLU C 217 18.06 -28.84 -8.31
C GLU C 217 16.74 -29.60 -8.19
N GLY C 218 16.75 -30.90 -8.47
CA GLY C 218 15.54 -31.68 -8.32
C GLY C 218 15.03 -31.71 -6.90
N PHE C 219 15.93 -31.88 -5.94
CA PHE C 219 15.54 -31.88 -4.54
C PHE C 219 14.89 -30.57 -4.14
N LEU C 220 15.52 -29.44 -4.49
CA LEU C 220 14.98 -28.14 -4.11
C LEU C 220 13.64 -27.89 -4.77
N LEU C 221 13.54 -28.13 -6.08
CA LEU C 221 12.28 -27.88 -6.78
C LEU C 221 11.17 -28.74 -6.23
N ASN C 222 11.45 -30.03 -6.00
CA ASN C 222 10.43 -30.91 -5.47
C ASN C 222 10.04 -30.54 -4.06
N ALA C 223 10.99 -30.09 -3.23
CA ALA C 223 10.65 -29.69 -1.87
C ALA C 223 9.74 -28.48 -1.87
N ILE C 224 10.04 -27.48 -2.69
CA ILE C 224 9.20 -26.29 -2.72
C ILE C 224 7.82 -26.63 -3.28
N SER C 225 7.77 -27.47 -4.32
CA SER C 225 6.48 -27.87 -4.88
C SER C 225 5.64 -28.61 -3.85
N SER C 226 6.25 -29.54 -3.11
CA SER C 226 5.51 -30.26 -2.09
C SER C 226 5.03 -29.34 -0.98
N HIS C 227 5.86 -28.39 -0.55
CA HIS C 227 5.41 -27.45 0.48
C HIS C 227 4.21 -26.66 -0.01
N LEU C 228 4.32 -26.04 -1.19
CA LEU C 228 3.21 -25.23 -1.68
C LEU C 228 1.96 -26.07 -1.93
N GLN C 229 2.14 -27.35 -2.24
CA GLN C 229 0.97 -28.20 -2.42
C GLN C 229 0.49 -28.85 -1.14
N THR C 230 1.16 -28.63 -0.01
CA THR C 230 0.72 -29.19 1.26
C THR C 230 0.18 -28.11 2.19
N CYS C 231 -0.36 -27.04 1.63
CA CYS C 231 -1.01 -25.96 2.35
C CYS C 231 -0.10 -25.26 3.35
N GLY C 232 1.20 -25.53 3.32
CA GLY C 232 2.13 -24.85 4.18
C GLY C 232 2.30 -25.42 5.57
N CYS C 233 2.13 -26.73 5.74
CA CYS C 233 2.29 -27.39 7.03
C CYS C 233 3.15 -28.63 6.85
N SER C 234 4.45 -28.51 7.12
CA SER C 234 5.33 -29.66 7.03
C SER C 234 6.54 -29.44 7.92
N VAL C 235 7.10 -30.54 8.42
CA VAL C 235 8.23 -30.53 9.35
C VAL C 235 9.39 -31.28 8.72
N VAL C 236 10.60 -30.89 9.10
CA VAL C 236 11.84 -31.37 8.47
C VAL C 236 12.56 -32.29 9.44
N VAL C 237 13.07 -33.41 8.91
CA VAL C 237 13.89 -34.35 9.67
C VAL C 237 15.33 -34.22 9.20
N GLY C 238 16.25 -34.11 10.14
CA GLY C 238 17.65 -33.91 9.80
C GLY C 238 18.56 -34.55 10.82
N SER C 239 19.62 -35.19 10.29
CA SER C 239 20.61 -35.81 11.18
C SER C 239 21.51 -34.75 11.83
N SER C 240 21.88 -33.72 11.09
CA SER C 240 22.78 -32.70 11.58
C SER C 240 21.98 -31.58 12.25
N ALA C 241 22.66 -30.52 12.65
CA ALA C 241 22.03 -29.40 13.34
C ALA C 241 22.04 -28.13 12.51
N GLU C 242 23.22 -27.69 12.06
CA GLU C 242 23.30 -26.50 11.23
C GLU C 242 22.58 -26.70 9.90
N LYS C 243 22.68 -27.88 9.31
CA LYS C 243 22.01 -28.13 8.04
C LYS C 243 20.50 -28.02 8.17
N VAL C 244 19.94 -28.64 9.21
CA VAL C 244 18.50 -28.60 9.41
C VAL C 244 18.03 -27.17 9.68
N ASN C 245 18.74 -26.46 10.55
CA ASN C 245 18.35 -25.08 10.85
C ASN C 245 18.42 -24.22 9.60
N LYS C 246 19.47 -24.38 8.80
CA LYS C 246 19.62 -23.58 7.60
C LYS C 246 18.49 -23.86 6.61
N ILE C 247 18.22 -25.13 6.33
CA ILE C 247 17.20 -25.44 5.34
C ILE C 247 15.82 -25.03 5.85
N VAL C 248 15.57 -25.15 7.16
CA VAL C 248 14.26 -24.76 7.69
C VAL C 248 14.08 -23.25 7.60
N ARG C 249 15.10 -22.50 8.01
CA ARG C 249 15.01 -21.05 7.90
C ARG C 249 14.86 -20.63 6.45
N THR C 250 15.50 -21.36 5.54
CA THR C 250 15.34 -21.10 4.11
C THR C 250 13.89 -21.31 3.68
N LEU C 251 13.33 -22.46 4.00
CA LEU C 251 12.02 -22.83 3.51
C LEU C 251 10.92 -22.03 4.20
N CYS C 252 11.24 -21.38 5.32
CA CYS C 252 10.28 -20.53 6.01
C CYS C 252 10.09 -19.17 5.35
N LEU C 253 10.84 -18.87 4.29
CA LEU C 253 10.71 -17.59 3.62
C LEU C 253 9.42 -17.46 2.81
N PHE C 254 8.66 -18.55 2.67
CA PHE C 254 7.49 -18.58 1.79
C PHE C 254 6.20 -18.58 2.59
N LEU C 255 6.15 -17.81 3.69
CA LEU C 255 5.00 -17.82 4.58
C LEU C 255 4.70 -16.40 5.04
N THR C 256 3.48 -16.20 5.51
CA THR C 256 3.06 -14.89 6.00
C THR C 256 3.78 -14.57 7.31
N PRO C 257 3.98 -13.28 7.61
CA PRO C 257 4.71 -12.91 8.83
C PRO C 257 4.07 -13.42 10.11
N ALA C 258 2.74 -13.41 10.21
CA ALA C 258 2.09 -13.94 11.40
C ALA C 258 2.26 -15.45 11.50
N GLU C 259 2.26 -16.12 10.35
CA GLU C 259 2.48 -17.56 10.30
C GLU C 259 3.84 -17.96 10.86
N ARG C 260 4.81 -17.03 10.87
CA ARG C 260 6.16 -17.38 11.29
C ARG C 260 6.18 -17.83 12.75
N LYS C 261 5.41 -17.18 13.61
CA LYS C 261 5.35 -17.59 15.01
C LYS C 261 4.68 -18.94 15.17
N CYS C 262 4.02 -19.45 14.13
CA CYS C 262 3.45 -20.79 14.15
C CYS C 262 4.44 -21.81 13.59
N SER C 263 5.62 -21.86 14.21
CA SER C 263 6.70 -22.72 13.74
C SER C 263 7.37 -23.46 14.88
N ARG C 264 8.49 -24.13 14.60
CA ARG C 264 9.26 -24.82 15.63
C ARG C 264 10.68 -25.00 15.10
N LEU C 265 11.64 -24.30 15.71
CA LEU C 265 13.03 -24.43 15.30
C LEU C 265 13.58 -25.79 15.74
N CYS C 266 14.70 -26.16 15.13
CA CYS C 266 15.36 -27.43 15.43
C CYS C 266 16.42 -27.25 16.50
N GLU C 267 16.77 -28.37 17.14
CA GLU C 267 17.85 -28.39 18.11
C GLU C 267 18.30 -29.84 18.29
N ALA C 268 19.48 -30.00 18.88
CA ALA C 268 20.05 -31.33 19.09
C ALA C 268 20.20 -31.65 20.58
N GLU C 269 19.51 -30.91 21.44
CA GLU C 269 19.61 -31.11 22.89
C GLU C 269 18.44 -31.89 23.44
N SER C 270 17.21 -31.42 23.22
CA SER C 270 16.03 -32.04 23.81
C SER C 270 15.46 -33.09 22.86
N SER C 271 14.24 -33.55 23.17
CA SER C 271 13.52 -34.54 22.37
C SER C 271 12.13 -33.98 22.10
N PHE C 272 11.94 -33.42 20.92
CA PHE C 272 10.67 -32.80 20.59
C PHE C 272 9.71 -33.84 20.01
N LYS C 273 8.48 -33.39 19.71
CA LYS C 273 7.44 -34.27 19.25
C LYS C 273 6.71 -33.65 18.07
N TYR C 274 6.08 -34.52 17.26
CA TYR C 274 5.38 -34.09 16.06
C TYR C 274 4.08 -33.40 16.45
N GLU C 275 4.22 -32.15 16.90
CA GLU C 275 3.06 -31.37 17.32
C GLU C 275 2.19 -31.06 16.10
N SER C 276 0.99 -31.65 16.07
CA SER C 276 0.13 -31.55 14.89
C SER C 276 -0.72 -30.28 14.90
N GLY C 277 -0.08 -29.15 15.16
CA GLY C 277 -0.75 -27.87 15.08
C GLY C 277 0.14 -26.76 14.57
N LEU C 278 1.38 -27.09 14.26
CA LEU C 278 2.35 -26.11 13.78
C LEU C 278 2.58 -26.31 12.29
N PHE C 279 3.14 -25.28 11.66
CA PHE C 279 3.28 -25.29 10.20
C PHE C 279 4.64 -25.83 9.76
N VAL C 280 5.73 -25.22 10.20
CA VAL C 280 7.07 -25.70 9.90
C VAL C 280 7.80 -25.97 11.21
N GLN C 281 8.29 -27.20 11.37
CA GLN C 281 8.90 -27.66 12.61
C GLN C 281 10.23 -28.33 12.33
N GLY C 282 11.27 -27.87 13.00
CA GLY C 282 12.60 -28.45 12.90
C GLY C 282 12.90 -29.36 14.07
N LEU C 283 13.66 -30.41 13.80
CA LEU C 283 13.94 -31.42 14.82
C LEU C 283 15.26 -32.11 14.49
N LEU C 284 15.67 -33.00 15.37
CA LEU C 284 16.84 -33.86 15.17
C LEU C 284 16.44 -35.31 15.43
N LYS C 285 16.95 -36.20 14.61
CA LYS C 285 16.63 -37.62 14.72
C LYS C 285 17.71 -38.33 15.53
N ASP C 286 17.26 -39.18 16.46
CA ASP C 286 18.19 -39.93 17.29
C ASP C 286 18.86 -41.03 16.48
N SER C 287 19.94 -41.57 17.03
CA SER C 287 20.74 -42.59 16.35
C SER C 287 20.07 -43.96 16.35
N THR C 288 18.81 -44.06 16.78
CA THR C 288 18.10 -45.34 16.76
C THR C 288 17.68 -45.74 15.35
N GLY C 289 17.44 -44.77 14.47
CA GLY C 289 17.03 -45.04 13.11
C GLY C 289 15.53 -44.99 12.88
N SER C 290 14.74 -44.55 13.84
CA SER C 290 13.30 -44.46 13.72
C SER C 290 12.82 -43.12 14.26
N PHE C 291 12.02 -42.41 13.47
CA PHE C 291 11.45 -41.15 13.92
C PHE C 291 10.22 -41.40 14.79
N VAL C 292 10.04 -40.54 15.80
CA VAL C 292 8.90 -40.65 16.71
C VAL C 292 7.77 -39.84 16.08
N LEU C 293 6.90 -40.53 15.34
CA LEU C 293 5.83 -39.87 14.60
C LEU C 293 4.56 -40.69 14.74
N PRO C 294 3.71 -40.33 15.70
CA PRO C 294 2.42 -41.04 15.83
C PRO C 294 1.58 -40.89 14.57
N PHE C 295 0.94 -41.99 14.17
CA PHE C 295 0.14 -41.98 12.95
C PHE C 295 -1.18 -41.22 13.16
N ARG C 296 -1.83 -41.45 14.31
CA ARG C 296 -3.13 -40.83 14.55
C ARG C 296 -3.03 -39.31 14.65
N GLN C 297 -2.01 -38.81 15.37
CA GLN C 297 -1.86 -37.38 15.55
C GLN C 297 -1.59 -36.68 14.22
N VAL C 298 -0.70 -37.26 13.40
CA VAL C 298 -0.34 -36.64 12.13
C VAL C 298 -1.50 -36.71 11.14
N MET C 299 -2.17 -37.87 11.06
CA MET C 299 -3.23 -38.05 10.08
C MET C 299 -4.40 -37.11 10.34
N TYR C 300 -4.70 -36.82 11.61
CA TYR C 300 -5.83 -35.97 11.95
C TYR C 300 -5.62 -34.52 11.54
N ALA C 301 -4.42 -34.14 11.13
CA ALA C 301 -4.16 -32.77 10.72
C ALA C 301 -4.97 -32.43 9.48
N PRO C 302 -5.44 -31.18 9.35
CA PRO C 302 -6.26 -30.76 8.20
C PRO C 302 -5.48 -30.77 6.89
N THR C 306 4.62 -33.10 5.32
CA THR C 306 5.48 -33.89 4.44
C THR C 306 6.80 -34.23 5.13
N HIS C 307 7.64 -35.03 4.47
CA HIS C 307 8.90 -35.48 5.03
C HIS C 307 10.02 -34.99 4.13
N ILE C 308 10.91 -34.19 4.67
CA ILE C 308 12.12 -33.75 3.97
C ILE C 308 13.32 -34.05 4.85
N ASP C 309 14.29 -34.78 4.28
CA ASP C 309 15.45 -35.26 5.01
C ASP C 309 16.72 -34.66 4.41
N VAL C 310 17.59 -34.13 5.28
CA VAL C 310 18.83 -33.53 4.82
C VAL C 310 19.84 -34.60 4.41
N ASP C 311 19.76 -35.80 4.99
CA ASP C 311 20.79 -36.81 4.76
C ASP C 311 20.55 -37.59 3.47
N VAL C 312 19.42 -38.29 3.39
CA VAL C 312 19.16 -39.09 2.20
C VAL C 312 18.67 -38.20 1.06
N ASN C 313 18.12 -37.04 1.38
CA ASN C 313 17.70 -36.05 0.39
C ASN C 313 16.64 -36.62 -0.56
N THR C 314 15.50 -36.96 0.02
CA THR C 314 14.35 -37.42 -0.76
C THR C 314 13.09 -36.98 -0.03
N VAL C 315 12.34 -36.06 -0.64
CA VAL C 315 11.12 -35.53 -0.04
C VAL C 315 9.96 -36.42 -0.42
N LYS C 316 9.08 -36.69 0.54
CA LYS C 316 7.93 -37.57 0.32
C LYS C 316 6.77 -37.05 1.14
N GLN C 317 5.64 -36.79 0.49
CA GLN C 317 4.41 -36.37 1.17
C GLN C 317 3.52 -37.58 1.43
N MET C 318 4.07 -38.52 2.21
CA MET C 318 3.35 -39.75 2.50
C MET C 318 2.01 -39.51 3.21
N PRO C 319 1.91 -38.67 4.24
CA PRO C 319 0.61 -38.31 4.76
C PRO C 319 0.07 -37.08 4.05
N PRO C 320 -1.14 -37.14 3.52
CA PRO C 320 -1.76 -35.95 2.93
C PRO C 320 -2.51 -35.14 3.99
N CYS C 321 -2.82 -33.90 3.62
CA CYS C 321 -3.53 -33.01 4.52
C CYS C 321 -4.67 -32.30 3.81
N ASP C 374 4.66 -29.11 -11.90
CA ASP C 374 4.27 -27.71 -11.95
C ASP C 374 5.37 -26.86 -12.56
N THR C 375 4.98 -25.80 -13.26
CA THR C 375 5.91 -24.97 -14.00
C THR C 375 6.10 -23.58 -13.43
N LEU C 376 5.11 -23.04 -12.72
CA LEU C 376 5.24 -21.70 -12.16
C LEU C 376 6.40 -21.63 -11.17
N VAL C 377 6.52 -22.63 -10.31
CA VAL C 377 7.63 -22.63 -9.35
C VAL C 377 8.91 -23.08 -10.02
N LYS C 378 8.81 -23.91 -11.07
CA LYS C 378 10.00 -24.32 -11.81
C LYS C 378 10.68 -23.10 -12.43
N ALA C 379 9.89 -22.18 -12.97
CA ALA C 379 10.46 -20.96 -13.54
C ALA C 379 11.20 -20.16 -12.47
N PHE C 380 10.59 -19.99 -11.29
CA PHE C 380 11.23 -19.24 -10.23
C PHE C 380 12.55 -19.90 -9.84
N LEU C 381 12.54 -21.22 -9.70
CA LEU C 381 13.75 -21.93 -9.33
C LEU C 381 14.83 -21.75 -10.38
N ASP C 382 14.47 -21.84 -11.66
CA ASP C 382 15.46 -21.72 -12.73
C ASP C 382 16.00 -20.31 -12.87
N GLN C 383 15.22 -19.28 -12.54
CA GLN C 383 15.67 -17.92 -12.80
C GLN C 383 16.29 -17.22 -11.60
N VAL C 384 15.92 -17.59 -10.37
CA VAL C 384 16.42 -16.82 -9.23
C VAL C 384 17.92 -16.91 -9.11
N PHE C 385 18.51 -18.02 -9.57
CA PHE C 385 19.95 -18.21 -9.47
C PHE C 385 20.74 -17.40 -10.49
N GLN C 386 20.07 -16.78 -11.46
CA GLN C 386 20.74 -16.05 -12.53
C GLN C 386 20.91 -14.57 -12.22
N LEU C 387 21.04 -14.21 -10.95
CA LEU C 387 21.18 -12.82 -10.55
C LEU C 387 22.15 -12.76 -9.38
N LYS C 388 22.73 -11.59 -9.17
CA LYS C 388 23.71 -11.43 -8.10
C LYS C 388 23.00 -11.15 -6.78
N PRO C 389 23.07 -12.07 -5.82
CA PRO C 389 22.34 -11.90 -4.56
C PRO C 389 23.08 -11.12 -3.49
N GLY C 390 24.31 -10.67 -3.75
CA GLY C 390 25.04 -9.93 -2.74
C GLY C 390 24.40 -8.60 -2.40
N LEU C 391 23.93 -7.86 -3.41
CA LEU C 391 23.43 -6.52 -3.22
C LEU C 391 21.91 -6.47 -3.00
N SER C 392 21.32 -7.55 -2.50
CA SER C 392 19.90 -7.67 -2.14
C SER C 392 18.97 -7.66 -3.34
N LEU C 393 19.48 -7.52 -4.57
CA LEU C 393 18.61 -7.52 -5.73
C LEU C 393 17.88 -8.83 -5.92
N ARG C 394 18.39 -9.94 -5.36
CA ARG C 394 17.69 -11.20 -5.42
C ARG C 394 16.62 -11.35 -4.36
N SER C 395 16.61 -10.46 -3.36
CA SER C 395 15.56 -10.52 -2.34
C SER C 395 14.24 -10.00 -2.88
N THR C 396 14.28 -8.89 -3.63
CA THR C 396 13.05 -8.27 -4.12
C THR C 396 12.27 -9.22 -5.03
N PHE C 397 12.97 -9.91 -5.93
CA PHE C 397 12.27 -10.80 -6.86
C PHE C 397 11.61 -11.96 -6.15
N LEU C 398 12.00 -12.24 -4.90
CA LEU C 398 11.33 -13.28 -4.13
C LEU C 398 9.88 -12.92 -3.86
N ALA C 399 9.61 -11.65 -3.55
CA ALA C 399 8.27 -11.24 -3.16
C ALA C 399 7.29 -11.31 -4.33
N GLN C 400 7.78 -11.09 -5.54
CA GLN C 400 6.90 -11.02 -6.70
C GLN C 400 6.18 -12.34 -6.95
N PHE C 401 6.90 -13.46 -6.81
CA PHE C 401 6.26 -14.75 -7.04
C PHE C 401 5.16 -15.02 -6.03
N LEU C 402 5.42 -14.72 -4.75
CA LEU C 402 4.40 -14.93 -3.73
C LEU C 402 3.19 -14.02 -3.96
N LEU C 403 3.44 -12.78 -4.38
CA LEU C 403 2.33 -11.87 -4.64
C LEU C 403 1.50 -12.35 -5.83
N VAL C 404 2.16 -12.81 -6.89
CA VAL C 404 1.45 -13.37 -8.04
C VAL C 404 0.71 -14.65 -7.69
N LEU C 405 1.20 -15.40 -6.71
CA LEU C 405 0.46 -16.55 -6.21
C LEU C 405 -0.78 -16.14 -5.42
N HIS C 406 -0.64 -15.18 -4.51
CA HIS C 406 -1.78 -14.73 -3.72
C HIS C 406 -2.89 -14.17 -4.59
N ARG C 407 -2.53 -13.31 -5.56
CA ARG C 407 -3.57 -12.69 -6.38
C ARG C 407 -4.22 -13.71 -7.30
N LYS C 408 -3.45 -14.64 -7.85
CA LYS C 408 -4.03 -15.66 -8.70
C LYS C 408 -4.88 -16.62 -7.89
N ALA C 409 -4.61 -16.78 -6.60
CA ALA C 409 -5.50 -17.57 -5.75
C ALA C 409 -6.80 -16.81 -5.47
N LEU C 410 -6.69 -15.52 -5.14
CA LEU C 410 -7.87 -14.73 -4.79
C LEU C 410 -8.82 -14.65 -5.98
N THR C 411 -8.27 -14.50 -7.19
CA THR C 411 -9.14 -14.44 -8.36
C THR C 411 -9.89 -15.75 -8.57
N LEU C 412 -9.27 -16.89 -8.26
CA LEU C 412 -9.99 -18.15 -8.38
C LEU C 412 -11.12 -18.27 -7.36
N ILE C 413 -10.89 -17.80 -6.12
CA ILE C 413 -11.95 -17.81 -5.13
C ILE C 413 -13.11 -16.94 -5.58
N LYS C 414 -12.81 -15.75 -6.10
CA LYS C 414 -13.87 -14.86 -6.57
C LYS C 414 -14.62 -15.46 -7.76
N TYR C 415 -13.90 -16.10 -8.68
CA TYR C 415 -14.54 -16.68 -9.84
C TYR C 415 -15.39 -17.88 -9.45
N ILE C 416 -15.00 -18.61 -8.42
CA ILE C 416 -15.85 -19.68 -7.89
C ILE C 416 -17.05 -19.14 -7.15
N GLU C 417 -16.91 -18.03 -6.43
CA GLU C 417 -17.98 -17.48 -5.61
C GLU C 417 -18.98 -16.64 -6.38
N ASP C 418 -18.63 -16.18 -7.59
CA ASP C 418 -19.61 -15.49 -8.41
C ASP C 418 -20.21 -16.34 -9.51
N ASP C 419 -19.65 -17.52 -9.79
CA ASP C 419 -20.29 -18.44 -10.72
C ASP C 419 -21.55 -19.06 -10.11
N THR C 420 -21.73 -18.93 -8.81
CA THR C 420 -22.95 -19.28 -8.11
C THR C 420 -23.29 -18.19 -7.11
N GLN C 421 -24.56 -18.09 -6.75
CA GLN C 421 -25.03 -16.96 -5.93
C GLN C 421 -24.52 -17.14 -4.50
N LYS C 422 -23.23 -16.89 -4.33
CA LYS C 422 -22.51 -17.14 -3.07
C LYS C 422 -22.76 -18.56 -2.57
N GLY C 423 -23.08 -19.46 -3.50
CA GLY C 423 -23.41 -20.84 -3.23
C GLY C 423 -24.90 -21.06 -3.28
N LYS C 424 -25.40 -21.44 -4.44
CA LYS C 424 -26.78 -21.88 -4.55
C LYS C 424 -26.97 -23.00 -5.57
N LYS C 425 -25.92 -23.51 -6.20
CA LYS C 425 -26.06 -24.41 -7.32
C LYS C 425 -24.78 -25.22 -7.45
N PRO C 426 -24.85 -26.39 -8.09
CA PRO C 426 -23.62 -27.15 -8.34
C PRO C 426 -22.67 -26.40 -9.26
N PHE C 427 -21.38 -26.66 -9.08
CA PHE C 427 -20.38 -25.97 -9.90
C PHE C 427 -20.39 -26.52 -11.32
N LYS C 428 -20.05 -27.81 -11.47
CA LYS C 428 -20.08 -28.50 -12.76
C LYS C 428 -19.30 -27.74 -13.83
N SER C 429 -18.16 -27.16 -13.43
CA SER C 429 -17.38 -26.33 -14.34
C SER C 429 -15.90 -26.55 -14.03
N LEU C 430 -15.24 -27.33 -14.87
CA LEU C 430 -13.81 -27.58 -14.73
C LEU C 430 -12.99 -27.11 -15.92
N ARG C 431 -13.39 -27.46 -17.14
CA ARG C 431 -12.63 -27.05 -18.31
C ARG C 431 -12.64 -25.54 -18.46
N ASN C 432 -13.80 -24.91 -18.30
CA ASN C 432 -13.88 -23.46 -18.39
C ASN C 432 -13.10 -22.79 -17.27
N LEU C 433 -13.16 -23.35 -16.06
CA LEU C 433 -12.40 -22.78 -14.96
C LEU C 433 -10.90 -22.88 -15.20
N LYS C 434 -10.46 -23.98 -15.79
CA LYS C 434 -9.02 -24.16 -16.02
C LYS C 434 -8.53 -23.28 -17.16
N ILE C 435 -9.33 -23.14 -18.22
CA ILE C 435 -8.85 -22.42 -19.41
C ILE C 435 -8.63 -20.95 -19.10
N ASP C 436 -9.61 -20.31 -18.48
CA ASP C 436 -9.58 -18.85 -18.32
C ASP C 436 -8.68 -18.39 -17.19
N LEU C 437 -8.24 -19.28 -16.32
CA LEU C 437 -7.43 -18.90 -15.17
C LEU C 437 -5.94 -18.91 -15.47
N ASP C 438 -5.56 -19.13 -16.73
CA ASP C 438 -4.15 -19.19 -17.13
C ASP C 438 -3.39 -20.23 -16.32
N LEU C 439 -4.03 -21.38 -16.07
CA LEU C 439 -3.43 -22.48 -15.33
C LEU C 439 -4.03 -23.78 -15.87
N THR C 440 -3.32 -24.40 -16.81
CA THR C 440 -3.71 -25.69 -17.35
C THR C 440 -2.98 -26.86 -16.70
N ALA C 441 -1.80 -26.60 -16.11
CA ALA C 441 -1.09 -27.65 -15.39
C ALA C 441 -1.83 -28.00 -14.10
N GLU C 442 -1.99 -29.30 -13.85
CA GLU C 442 -2.66 -29.73 -12.63
C GLU C 442 -1.89 -29.30 -11.40
N GLY C 443 -0.56 -29.33 -11.45
CA GLY C 443 0.23 -28.87 -10.33
C GLY C 443 0.02 -27.39 -10.05
N ASP C 444 0.00 -26.57 -11.11
CA ASP C 444 -0.26 -25.15 -10.92
C ASP C 444 -1.65 -24.90 -10.37
N LEU C 445 -2.64 -25.66 -10.85
CA LEU C 445 -3.99 -25.53 -10.33
C LEU C 445 -4.04 -25.86 -8.85
N ASN C 446 -3.39 -26.95 -8.44
CA ASN C 446 -3.36 -27.32 -7.04
C ASN C 446 -2.63 -26.27 -6.21
N ILE C 447 -1.55 -25.71 -6.74
CA ILE C 447 -0.81 -24.68 -6.01
C ILE C 447 -1.67 -23.45 -5.79
N ILE C 448 -2.40 -23.05 -6.84
CA ILE C 448 -3.30 -21.90 -6.71
C ILE C 448 -4.40 -22.19 -5.71
N MET C 449 -4.98 -23.40 -5.76
CA MET C 449 -6.03 -23.77 -4.81
C MET C 449 -5.52 -23.77 -3.38
N ALA C 450 -4.24 -24.14 -3.19
CA ALA C 450 -3.71 -24.28 -1.83
C ALA C 450 -3.78 -22.97 -1.07
N LEU C 451 -3.42 -21.85 -1.70
CA LEU C 451 -3.45 -20.57 -1.02
C LEU C 451 -4.86 -20.11 -0.69
N ALA C 452 -5.90 -20.74 -1.25
CA ALA C 452 -7.26 -20.29 -1.01
C ALA C 452 -7.74 -20.68 0.38
N GLU C 453 -7.34 -21.86 0.87
CA GLU C 453 -7.84 -22.35 2.15
C GLU C 453 -7.41 -21.47 3.31
N LYS C 454 -6.22 -20.89 3.20
CA LYS C 454 -5.71 -20.03 4.27
C LYS C 454 -6.63 -18.85 4.54
N ILE C 455 -7.46 -18.47 3.58
CA ILE C 455 -8.43 -17.39 3.76
C ILE C 455 -9.84 -17.94 3.95
N LYS C 456 -10.28 -18.84 3.07
CA LYS C 456 -11.65 -19.35 3.09
C LYS C 456 -11.66 -20.86 3.24
N PRO C 457 -11.75 -21.38 4.45
CA PRO C 457 -11.73 -22.84 4.64
C PRO C 457 -12.96 -23.51 4.07
N GLY C 458 -12.81 -24.80 3.77
CA GLY C 458 -13.87 -25.60 3.21
C GLY C 458 -13.99 -25.54 1.70
N LEU C 459 -13.19 -24.69 1.04
CA LEU C 459 -13.34 -24.52 -0.40
C LEU C 459 -13.02 -25.79 -1.17
N HIS C 460 -12.08 -26.59 -0.68
CA HIS C 460 -11.77 -27.85 -1.37
C HIS C 460 -13.01 -28.73 -1.47
N SER C 461 -13.70 -28.92 -0.34
CA SER C 461 -14.94 -29.67 -0.34
C SER C 461 -15.95 -29.00 -1.25
N PHE C 462 -16.12 -27.68 -1.11
CA PHE C 462 -17.15 -26.97 -1.86
C PHE C 462 -16.93 -27.10 -3.36
N ILE C 463 -15.68 -27.18 -3.81
CA ILE C 463 -15.41 -27.21 -5.24
C ILE C 463 -15.43 -28.64 -5.77
N PHE C 464 -14.59 -29.53 -5.23
CA PHE C 464 -14.68 -30.91 -5.70
C PHE C 464 -14.45 -31.94 -4.59
N GLY C 465 -14.72 -31.59 -3.34
CA GLY C 465 -14.53 -32.54 -2.26
C GLY C 465 -15.85 -32.94 -1.61
N ALA D 1 -24.59 -30.71 58.95
CA ALA D 1 -24.96 -30.22 60.26
C ALA D 1 -24.53 -28.77 60.45
N THR D 2 -23.79 -28.25 59.47
CA THR D 2 -23.30 -26.88 59.52
C THR D 2 -23.66 -26.05 58.28
N GLU D 3 -24.24 -26.65 57.24
CA GLU D 3 -24.55 -25.92 56.03
C GLU D 3 -25.89 -25.21 56.14
N MET D 4 -25.96 -24.01 55.56
CA MET D 4 -27.19 -23.22 55.58
C MET D 4 -27.16 -22.30 54.35
N ARG D 5 -27.87 -22.70 53.29
CA ARG D 5 -27.93 -21.90 52.07
C ARG D 5 -29.06 -20.90 52.16
N ILE D 6 -28.73 -19.63 51.94
CA ILE D 6 -29.67 -18.53 52.09
C ILE D 6 -29.81 -17.83 50.74
N LEU D 7 -31.05 -17.68 50.28
CA LEU D 7 -31.33 -16.93 49.05
C LEU D 7 -31.69 -15.50 49.43
N MET D 8 -30.70 -14.80 49.97
CA MET D 8 -30.88 -13.43 50.42
C MET D 8 -31.18 -12.55 49.21
N VAL D 9 -32.39 -12.02 49.15
CA VAL D 9 -32.81 -11.16 48.04
C VAL D 9 -33.31 -9.84 48.59
N GLY D 10 -33.71 -8.94 47.71
CA GLY D 10 -34.23 -7.65 48.13
C GLY D 10 -34.50 -6.77 46.94
N LEU D 11 -35.04 -5.59 47.24
CA LEU D 11 -35.34 -4.60 46.21
C LEU D 11 -34.11 -3.76 45.92
N ASP D 12 -34.21 -2.91 44.90
CA ASP D 12 -33.10 -2.07 44.49
C ASP D 12 -32.76 -1.08 45.59
N ALA D 13 -31.46 -0.79 45.73
CA ALA D 13 -30.96 0.19 46.70
C ALA D 13 -31.42 -0.13 48.12
N ALA D 14 -31.38 -1.41 48.47
CA ALA D 14 -31.81 -1.86 49.78
C ALA D 14 -30.66 -2.04 50.77
N GLY D 15 -29.42 -2.05 50.30
CA GLY D 15 -28.30 -2.17 51.22
C GLY D 15 -28.16 -3.54 51.84
N LYS D 16 -28.86 -4.52 51.29
CA LYS D 16 -28.65 -5.92 51.65
C LYS D 16 -27.20 -6.33 51.49
N THR D 17 -26.49 -5.75 50.52
CA THR D 17 -25.05 -5.97 50.46
C THR D 17 -24.35 -5.43 51.70
N THR D 18 -24.78 -4.27 52.20
CA THR D 18 -24.24 -3.79 53.46
C THR D 18 -24.62 -4.72 54.60
N ILE D 19 -25.77 -5.37 54.51
CA ILE D 19 -26.15 -6.36 55.52
C ILE D 19 -25.16 -7.51 55.51
N LEU D 20 -24.80 -8.00 54.33
CA LEU D 20 -23.83 -9.08 54.24
C LEU D 20 -22.48 -8.64 54.77
N TYR D 21 -22.09 -7.40 54.50
CA TYR D 21 -20.81 -6.89 55.02
C TYR D 21 -20.84 -6.78 56.54
N LYS D 22 -21.95 -6.33 57.11
CA LYS D 22 -22.11 -6.36 58.56
C LYS D 22 -21.95 -7.77 59.10
N LEU D 23 -22.61 -8.73 58.45
CA LEU D 23 -22.53 -10.10 58.93
C LEU D 23 -21.10 -10.63 58.87
N LYS D 24 -20.37 -10.29 57.81
CA LYS D 24 -19.03 -10.84 57.62
C LYS D 24 -17.99 -10.13 58.49
N LEU D 25 -17.80 -8.83 58.27
CA LEU D 25 -16.75 -8.09 58.94
C LEU D 25 -17.25 -7.02 59.90
N GLY D 26 -18.53 -6.70 59.86
CA GLY D 26 -19.05 -5.66 60.74
C GLY D 26 -18.43 -4.30 60.49
N GLU D 27 -18.29 -3.91 59.22
CA GLU D 27 -17.75 -2.60 58.88
C GLU D 27 -18.50 -2.06 57.67
N ILE D 28 -18.59 -0.73 57.58
CA ILE D 28 -19.31 -0.05 56.51
C ILE D 28 -18.32 0.38 55.44
N VAL D 29 -18.56 -0.05 54.21
CA VAL D 29 -17.82 0.41 53.04
C VAL D 29 -18.81 0.73 51.93
N THR D 30 -18.44 1.69 51.10
CA THR D 30 -19.28 2.06 49.97
C THR D 30 -19.43 0.89 49.01
N THR D 31 -20.62 0.74 48.44
CA THR D 31 -20.93 -0.42 47.61
C THR D 31 -21.45 0.03 46.25
N ILE D 32 -20.79 -0.44 45.20
CA ILE D 32 -21.37 -0.33 43.85
C ILE D 32 -22.46 -1.37 43.70
N PRO D 33 -23.60 -1.05 43.07
CA PRO D 33 -24.66 -2.05 42.89
C PRO D 33 -24.16 -3.31 42.21
N THR D 34 -24.21 -4.43 42.93
CA THR D 34 -23.65 -5.67 42.43
C THR D 34 -24.39 -6.14 41.19
N ILE D 35 -23.64 -6.63 40.20
CA ILE D 35 -24.24 -7.04 38.95
C ILE D 35 -24.79 -8.46 39.01
N GLY D 36 -23.92 -9.46 39.21
CA GLY D 36 -24.38 -10.82 39.17
C GLY D 36 -24.73 -11.46 40.50
N PHE D 37 -23.75 -11.55 41.41
CA PHE D 37 -23.95 -12.12 42.73
C PHE D 37 -22.63 -12.05 43.49
N ASN D 38 -22.70 -12.32 44.79
CA ASN D 38 -21.54 -12.47 45.65
C ASN D 38 -21.69 -13.75 46.45
N VAL D 39 -20.56 -14.33 46.84
CA VAL D 39 -20.53 -15.58 47.59
C VAL D 39 -19.73 -15.34 48.86
N GLU D 40 -20.41 -15.37 50.00
CA GLU D 40 -19.76 -15.27 51.30
C GLU D 40 -20.54 -16.13 52.28
N THR D 41 -19.89 -16.50 53.38
CA THR D 41 -20.54 -17.31 54.38
C THR D 41 -20.07 -16.89 55.76
N VAL D 42 -20.93 -17.11 56.76
CA VAL D 42 -20.63 -16.80 58.14
C VAL D 42 -20.98 -18.02 59.00
N GLU D 43 -20.07 -18.39 59.89
CA GLU D 43 -20.27 -19.51 60.80
C GLU D 43 -20.73 -18.97 62.15
N TYR D 44 -21.81 -19.52 62.67
CA TYR D 44 -22.37 -19.06 63.93
C TYR D 44 -23.06 -20.21 64.63
N LYS D 45 -22.75 -20.38 65.92
CA LYS D 45 -23.36 -21.40 66.76
C LYS D 45 -23.25 -22.79 66.16
N ASN D 46 -22.06 -23.10 65.64
CA ASN D 46 -21.72 -24.40 65.09
C ASN D 46 -22.48 -24.72 63.80
N ILE D 47 -22.98 -23.70 63.11
CA ILE D 47 -23.51 -23.84 61.75
C ILE D 47 -23.00 -22.69 60.91
N SER D 48 -22.56 -23.00 59.69
CA SER D 48 -22.04 -22.00 58.77
C SER D 48 -23.18 -21.51 57.88
N PHE D 49 -23.48 -20.22 57.96
CA PHE D 49 -24.57 -19.62 57.20
C PHE D 49 -24.01 -19.14 55.87
N THR D 50 -24.45 -19.75 54.78
CA THR D 50 -23.99 -19.39 53.43
C THR D 50 -25.00 -18.43 52.81
N VAL D 51 -24.58 -17.18 52.59
CA VAL D 51 -25.44 -16.13 52.10
C VAL D 51 -24.91 -15.63 50.76
N TRP D 52 -25.76 -15.63 49.75
CA TRP D 52 -25.43 -15.13 48.42
C TRP D 52 -26.14 -13.81 48.17
N ASP D 53 -25.39 -12.73 48.12
CA ASP D 53 -25.94 -11.45 47.70
C ASP D 53 -26.34 -11.52 46.24
N VAL D 54 -27.47 -10.88 45.91
CA VAL D 54 -28.00 -10.88 44.56
C VAL D 54 -28.24 -9.44 44.14
N GLY D 55 -28.84 -9.28 42.97
CA GLY D 55 -29.26 -7.98 42.49
C GLY D 55 -30.77 -7.87 42.51
N GLY D 56 -31.26 -6.65 42.72
CA GLY D 56 -32.70 -6.42 42.80
C GLY D 56 -33.23 -5.58 41.66
N GLN D 57 -32.53 -5.60 40.53
CA GLN D 57 -32.95 -4.81 39.38
C GLN D 57 -34.21 -5.40 38.76
N ASP D 58 -35.08 -4.52 38.28
CA ASP D 58 -36.35 -4.95 37.71
C ASP D 58 -36.16 -5.78 36.43
N LYS D 59 -35.14 -5.48 35.62
CA LYS D 59 -34.86 -6.33 34.48
C LYS D 59 -34.52 -7.75 34.93
N ILE D 60 -33.72 -7.89 35.98
CA ILE D 60 -33.33 -9.20 36.47
C ILE D 60 -34.30 -9.71 37.52
N ARG D 61 -35.44 -9.05 37.69
CA ARG D 61 -36.49 -9.63 38.54
C ARG D 61 -36.93 -10.99 38.06
N PRO D 62 -37.19 -11.22 36.75
CA PRO D 62 -37.47 -12.59 36.32
C PRO D 62 -36.21 -13.38 36.08
N LEU D 63 -35.25 -13.24 36.98
CA LEU D 63 -33.99 -13.98 36.90
C LEU D 63 -33.67 -14.74 38.18
N TRP D 64 -34.22 -14.34 39.33
CA TRP D 64 -33.95 -15.04 40.57
C TRP D 64 -34.39 -16.49 40.51
N ARG D 65 -35.31 -16.83 39.62
CA ARG D 65 -35.75 -18.21 39.48
C ARG D 65 -34.58 -19.15 39.14
N HIS D 66 -33.53 -18.62 38.51
CA HIS D 66 -32.36 -19.43 38.22
C HIS D 66 -31.55 -19.72 39.47
N TYR D 67 -31.81 -19.02 40.57
CA TYR D 67 -31.16 -19.28 41.85
C TYR D 67 -32.05 -20.06 42.81
N PHE D 68 -33.15 -20.64 42.31
CA PHE D 68 -34.21 -21.19 43.15
C PHE D 68 -33.96 -22.64 43.54
N GLN D 69 -32.70 -23.07 43.57
CA GLN D 69 -32.37 -24.44 43.93
C GLN D 69 -31.29 -24.44 45.00
N ASN D 70 -31.30 -25.48 45.82
CA ASN D 70 -30.32 -25.78 46.87
C ASN D 70 -30.44 -24.88 48.10
N THR D 71 -31.34 -23.91 48.10
CA THR D 71 -31.50 -23.00 49.21
C THR D 71 -32.66 -23.46 50.09
N GLN D 72 -32.39 -23.61 51.38
CA GLN D 72 -33.44 -23.97 52.33
C GLN D 72 -34.11 -22.75 52.95
N GLY D 73 -33.36 -21.68 53.17
CA GLY D 73 -33.90 -20.49 53.80
C GLY D 73 -34.10 -19.34 52.82
N LEU D 74 -35.36 -18.96 52.60
CA LEU D 74 -35.69 -17.93 51.61
C LEU D 74 -35.76 -16.57 52.29
N ILE D 75 -34.64 -16.17 52.89
CA ILE D 75 -34.57 -14.89 53.56
C ILE D 75 -34.74 -13.78 52.52
N PHE D 76 -35.71 -12.90 52.77
CA PHE D 76 -36.00 -11.78 51.88
C PHE D 76 -36.06 -10.50 52.70
N VAL D 77 -35.52 -9.42 52.13
CA VAL D 77 -35.46 -8.13 52.80
C VAL D 77 -36.26 -7.12 51.97
N VAL D 78 -37.16 -6.41 52.62
CA VAL D 78 -37.97 -5.38 51.99
C VAL D 78 -37.68 -4.04 52.68
N ASP D 79 -37.58 -2.98 51.88
CA ASP D 79 -37.34 -1.66 52.42
C ASP D 79 -38.58 -1.16 53.14
N SER D 80 -38.36 -0.23 54.08
CA SER D 80 -39.44 0.40 54.81
C SER D 80 -39.53 1.91 54.59
N ASN D 81 -38.44 2.58 54.24
CA ASN D 81 -38.48 4.01 53.97
C ASN D 81 -39.31 4.31 52.73
N ASP D 82 -39.07 3.59 51.64
CA ASP D 82 -39.73 3.85 50.37
C ASP D 82 -41.19 3.43 50.44
N ARG D 83 -42.07 4.37 50.74
CA ARG D 83 -43.50 4.08 50.79
C ARG D 83 -44.07 4.06 49.38
N GLU D 84 -43.43 3.29 48.51
CA GLU D 84 -43.83 3.17 47.11
C GLU D 84 -43.53 1.75 46.68
N ARG D 85 -44.15 1.36 45.55
CA ARG D 85 -44.02 0.04 44.92
C ARG D 85 -44.07 -1.08 45.94
N VAL D 86 -44.75 -0.84 47.07
CA VAL D 86 -44.92 -1.88 48.06
C VAL D 86 -45.83 -2.97 47.52
N ASN D 87 -46.87 -2.58 46.77
CA ASN D 87 -47.74 -3.57 46.14
C ASN D 87 -46.98 -4.38 45.11
N GLU D 88 -46.09 -3.74 44.34
CA GLU D 88 -45.27 -4.48 43.39
C GLU D 88 -44.36 -5.46 44.10
N ALA D 89 -43.77 -5.04 45.22
CA ALA D 89 -42.94 -5.94 46.00
C ALA D 89 -43.75 -7.13 46.52
N ARG D 90 -44.96 -6.87 47.02
CA ARG D 90 -45.82 -7.94 47.50
C ARG D 90 -46.19 -8.90 46.38
N GLU D 91 -46.50 -8.37 45.19
CA GLU D 91 -46.81 -9.23 44.06
C GLU D 91 -45.59 -10.08 43.68
N GLU D 92 -44.40 -9.49 43.70
CA GLU D 92 -43.21 -10.26 43.42
C GLU D 92 -43.03 -11.36 44.45
N LEU D 93 -43.26 -11.06 45.72
CA LEU D 93 -43.11 -12.05 46.76
C LEU D 93 -44.08 -13.21 46.58
N MET D 94 -45.35 -12.89 46.32
CA MET D 94 -46.34 -13.95 46.15
C MET D 94 -46.07 -14.74 44.88
N ARG D 95 -45.52 -14.12 43.85
CA ARG D 95 -45.19 -14.86 42.64
C ARG D 95 -43.96 -15.72 42.81
N MET D 96 -43.03 -15.35 43.70
CA MET D 96 -41.87 -16.18 43.95
C MET D 96 -42.09 -17.20 45.06
N LEU D 97 -43.24 -17.14 45.75
CA LEU D 97 -43.57 -18.19 46.71
C LEU D 97 -44.64 -19.15 46.23
N ALA D 98 -45.34 -18.83 45.14
CA ALA D 98 -46.47 -19.64 44.70
C ALA D 98 -46.07 -20.90 43.94
N GLU D 99 -44.83 -21.01 43.49
CA GLU D 99 -44.42 -22.15 42.69
C GLU D 99 -43.89 -23.28 43.55
N ASP D 100 -44.20 -24.51 43.13
CA ASP D 100 -43.78 -25.70 43.85
C ASP D 100 -42.28 -25.93 43.82
N GLU D 101 -41.54 -25.22 42.95
CA GLU D 101 -40.10 -25.35 42.93
C GLU D 101 -39.49 -24.93 44.26
N LEU D 102 -40.00 -23.83 44.84
CA LEU D 102 -39.54 -23.35 46.12
C LEU D 102 -40.43 -23.81 47.27
N ARG D 103 -41.34 -24.76 47.00
CA ARG D 103 -42.27 -25.22 48.02
C ARG D 103 -41.55 -25.86 49.19
N ASP D 104 -40.48 -26.61 48.92
CA ASP D 104 -39.75 -27.27 50.00
C ASP D 104 -39.14 -26.26 50.96
N ALA D 105 -38.57 -25.18 50.43
CA ALA D 105 -37.91 -24.20 51.27
C ALA D 105 -38.92 -23.48 52.16
N VAL D 106 -38.45 -23.02 53.31
CA VAL D 106 -39.30 -22.39 54.32
C VAL D 106 -39.16 -20.87 54.20
N LEU D 107 -40.29 -20.18 54.23
CA LEU D 107 -40.30 -18.73 54.07
C LEU D 107 -39.72 -18.05 55.31
N LEU D 108 -39.08 -16.90 55.08
CA LEU D 108 -38.62 -16.06 56.19
C LEU D 108 -38.65 -14.61 55.69
N VAL D 109 -39.74 -13.93 55.99
CA VAL D 109 -39.84 -12.51 55.68
C VAL D 109 -38.96 -11.74 56.64
N PHE D 110 -38.43 -10.60 56.19
CA PHE D 110 -37.54 -9.82 57.03
C PHE D 110 -37.56 -8.39 56.53
N ALA D 111 -37.24 -7.46 57.43
CA ALA D 111 -37.23 -6.04 57.12
C ALA D 111 -35.98 -5.40 57.72
N ASN D 112 -35.77 -4.13 57.40
CA ASN D 112 -34.58 -3.41 57.85
C ASN D 112 -34.81 -1.91 57.65
N LYS D 113 -33.78 -1.13 57.99
CA LYS D 113 -33.71 0.29 57.67
C LYS D 113 -34.88 1.06 58.32
N GLN D 114 -34.85 1.09 59.65
CA GLN D 114 -35.81 1.92 60.38
C GLN D 114 -35.60 3.40 60.07
N ASP D 115 -34.41 3.91 60.39
CA ASP D 115 -33.97 5.24 59.96
C ASP D 115 -34.90 6.37 60.39
N LEU D 116 -35.38 7.15 59.42
CA LEU D 116 -36.15 8.35 59.69
C LEU D 116 -37.53 7.98 60.23
N PRO D 117 -38.16 8.90 60.96
CA PRO D 117 -39.46 8.58 61.59
C PRO D 117 -40.60 8.36 60.61
N ASN D 118 -40.36 8.53 59.30
CA ASN D 118 -41.41 8.25 58.33
C ASN D 118 -41.83 6.79 58.40
N ALA D 119 -40.87 5.88 58.45
CA ALA D 119 -41.15 4.46 58.65
C ALA D 119 -41.05 4.14 60.14
N MET D 120 -42.08 3.52 60.69
CA MET D 120 -42.19 3.31 62.12
C MET D 120 -42.42 1.82 62.39
N ASN D 121 -42.82 1.46 63.60
CA ASN D 121 -42.82 0.06 64.01
C ASN D 121 -43.59 -0.83 63.04
N ALA D 122 -43.26 -2.11 63.01
CA ALA D 122 -43.63 -3.02 61.94
C ALA D 122 -45.10 -3.35 61.90
N ALA D 123 -46.02 -2.75 62.64
CA ALA D 123 -47.41 -3.14 62.57
C ALA D 123 -47.95 -3.03 61.14
N GLU D 124 -48.02 -1.81 60.62
CA GLU D 124 -48.56 -1.63 59.28
C GLU D 124 -47.62 -2.14 58.20
N ILE D 125 -46.31 -2.18 58.47
CA ILE D 125 -45.39 -2.75 57.49
C ILE D 125 -45.68 -4.23 57.29
N THR D 126 -45.83 -4.98 58.38
CA THR D 126 -46.23 -6.37 58.26
C THR D 126 -47.65 -6.51 57.73
N ASP D 127 -48.51 -5.53 58.02
CA ASP D 127 -49.86 -5.56 57.47
C ASP D 127 -49.81 -5.51 55.94
N LYS D 128 -49.02 -4.59 55.39
CA LYS D 128 -48.81 -4.56 53.96
C LYS D 128 -48.01 -5.75 53.47
N LEU D 129 -47.27 -6.42 54.36
CA LEU D 129 -46.68 -7.71 54.07
C LEU D 129 -47.69 -8.85 54.22
N GLY D 130 -48.82 -8.60 54.85
CA GLY D 130 -49.91 -9.56 54.90
C GLY D 130 -49.54 -10.88 55.51
N LEU D 131 -48.91 -10.85 56.68
CA LEU D 131 -48.41 -12.09 57.29
C LEU D 131 -49.55 -13.06 57.57
N HIS D 132 -50.67 -12.56 58.10
CA HIS D 132 -51.80 -13.41 58.41
C HIS D 132 -52.45 -14.00 57.18
N SER D 133 -52.22 -13.42 56.00
CA SER D 133 -52.89 -13.86 54.79
C SER D 133 -52.33 -15.15 54.23
N LEU D 134 -51.03 -15.38 54.35
CA LEU D 134 -50.40 -16.55 53.76
C LEU D 134 -50.88 -17.83 54.45
N ARG D 135 -50.85 -18.93 53.71
CA ARG D 135 -51.23 -20.24 54.24
C ARG D 135 -50.17 -21.26 53.82
N HIS D 136 -49.78 -22.12 54.77
CA HIS D 136 -48.64 -23.03 54.62
C HIS D 136 -47.33 -22.27 54.43
N ARG D 137 -47.05 -21.34 55.35
CA ARG D 137 -45.80 -20.59 55.35
C ARG D 137 -45.40 -20.28 56.79
N ASN D 138 -44.17 -19.82 56.95
CA ASN D 138 -43.68 -19.35 58.23
C ASN D 138 -43.04 -17.98 58.01
N TRP D 139 -43.06 -17.15 59.04
CA TRP D 139 -42.54 -15.80 58.93
C TRP D 139 -42.16 -15.30 60.30
N TYR D 140 -41.09 -14.51 60.37
CA TYR D 140 -40.66 -13.90 61.62
C TYR D 140 -39.76 -12.73 61.29
N ILE D 141 -40.13 -11.53 61.71
CA ILE D 141 -39.53 -10.30 61.23
C ILE D 141 -38.96 -9.51 62.41
N GLN D 142 -37.81 -8.89 62.19
CA GLN D 142 -37.20 -8.00 63.16
C GLN D 142 -37.03 -6.63 62.54
N ALA D 143 -36.83 -5.63 63.41
CA ALA D 143 -36.51 -4.29 62.98
C ALA D 143 -35.02 -4.06 63.14
N THR D 144 -34.32 -3.80 62.03
CA THR D 144 -32.87 -3.76 62.02
C THR D 144 -32.37 -2.50 61.34
N CYS D 145 -31.23 -2.00 61.82
CA CYS D 145 -30.55 -0.85 61.24
C CYS D 145 -29.08 -1.20 61.08
N ALA D 146 -28.52 -0.86 59.91
CA ALA D 146 -27.13 -1.20 59.64
C ALA D 146 -26.16 -0.31 60.39
N THR D 147 -26.52 0.96 60.58
CA THR D 147 -25.61 1.90 61.24
C THR D 147 -25.30 1.44 62.66
N SER D 148 -26.34 1.13 63.44
CA SER D 148 -26.12 0.55 64.75
C SER D 148 -25.66 -0.90 64.66
N GLY D 149 -26.01 -1.59 63.58
CA GLY D 149 -25.60 -2.96 63.39
C GLY D 149 -26.19 -3.92 64.40
N ASP D 150 -27.45 -3.71 64.79
CA ASP D 150 -28.13 -4.59 65.73
C ASP D 150 -29.41 -5.13 65.13
N GLY D 151 -29.73 -6.38 65.45
CA GLY D 151 -30.95 -6.99 64.98
C GLY D 151 -30.75 -8.24 64.14
N LEU D 152 -29.70 -8.23 63.30
CA LEU D 152 -29.44 -9.40 62.46
C LEU D 152 -29.12 -10.62 63.30
N TYR D 153 -28.51 -10.42 64.47
CA TYR D 153 -28.11 -11.54 65.31
C TYR D 153 -29.32 -12.36 65.73
N GLU D 154 -30.37 -11.70 66.21
CA GLU D 154 -31.56 -12.44 66.62
C GLU D 154 -32.28 -13.05 65.43
N GLY D 155 -32.15 -12.46 64.25
CA GLY D 155 -32.66 -13.11 63.05
C GLY D 155 -31.97 -14.44 62.79
N LEU D 156 -30.64 -14.43 62.90
CA LEU D 156 -29.90 -15.68 62.76
C LEU D 156 -30.30 -16.69 63.84
N ASP D 157 -30.47 -16.20 65.08
CA ASP D 157 -30.86 -17.09 66.16
C ASP D 157 -32.23 -17.72 65.89
N TRP D 158 -33.18 -16.92 65.40
CA TRP D 158 -34.49 -17.48 65.09
C TRP D 158 -34.40 -18.49 63.95
N LEU D 159 -33.60 -18.17 62.93
CA LEU D 159 -33.39 -19.12 61.84
C LEU D 159 -32.92 -20.46 62.39
N SER D 160 -31.89 -20.42 63.23
CA SER D 160 -31.37 -21.65 63.82
C SER D 160 -32.44 -22.36 64.64
N ASN D 161 -33.07 -21.64 65.56
CA ASN D 161 -34.00 -22.28 66.49
C ASN D 161 -35.17 -22.92 65.76
N GLN D 162 -35.70 -22.26 64.74
CA GLN D 162 -36.88 -22.76 64.05
C GLN D 162 -36.56 -23.61 62.84
N LEU D 163 -35.29 -23.84 62.51
CA LEU D 163 -34.97 -24.68 61.37
C LEU D 163 -34.14 -25.93 61.68
N ARG D 164 -33.50 -26.01 62.85
CA ARG D 164 -32.67 -27.18 63.10
C ARG D 164 -33.48 -28.45 63.34
N ASN D 165 -34.80 -28.34 63.49
CA ASN D 165 -35.63 -29.53 63.63
C ASN D 165 -35.98 -30.17 62.30
N GLN D 166 -35.72 -29.49 61.19
CA GLN D 166 -35.97 -30.02 59.85
C GLN D 166 -37.41 -30.51 59.67
PB GDP E . -28.67 -3.43 48.21
O1B GDP E . -27.45 -4.27 48.46
O2B GDP E . -29.61 -4.22 47.33
O3B GDP E . -29.32 -3.11 49.55
O3A GDP E . -28.25 -2.04 47.53
PA GDP E . -26.90 -1.27 47.97
O1A GDP E . -26.22 -0.67 46.77
O2A GDP E . -25.93 -2.17 48.71
O5' GDP E . -27.37 -0.10 48.96
C5' GDP E . -26.40 0.52 49.81
C4' GDP E . -26.97 1.76 50.47
O4' GDP E . -28.04 1.39 51.33
C3' GDP E . -25.95 2.48 51.34
O3' GDP E . -25.54 3.69 50.72
C2' GDP E . -26.66 2.79 52.64
O2' GDP E . -26.66 4.19 52.90
C1' GDP E . -28.08 2.31 52.43
N9 GDP E . -28.61 1.68 53.66
C8 GDP E . -28.83 0.38 53.86
N7 GDP E . -29.32 0.16 55.11
C5 GDP E . -29.41 1.36 55.73
C6 GDP E . -29.85 1.84 57.05
O6 GDP E . -30.27 1.06 57.92
N1 GDP E . -29.78 3.16 57.28
C2 GDP E . -29.34 4.04 56.36
N2 GDP E . -29.30 5.35 56.67
N3 GDP E . -28.92 3.66 55.12
C4 GDP E . -28.94 2.36 54.76
BE BEF F . -26.90 -5.15 45.34
F1 BEF F . -26.91 -6.68 45.37
F2 BEF F . -26.21 -4.49 46.57
F3 BEF F . -28.35 -4.59 45.29
MG MG G . -27.55 -3.21 46.23
#